data_1NCS
#
_entry.id   1NCS
#
_cell.length_a   1.000
_cell.length_b   1.000
_cell.length_c   1.000
_cell.angle_alpha   90.00
_cell.angle_beta   90.00
_cell.angle_gamma   90.00
#
_symmetry.space_group_name_H-M   'P 1'
#
loop_
_entity.id
_entity.type
_entity.pdbx_description
1 polymer 'TRANSCRIPTIONAL FACTOR SWI5'
2 non-polymer 'ZINC ION'
#
_entity_poly.entity_id   1
_entity_poly.type   'polypeptide(L)'
_entity_poly.pdbx_seq_one_letter_code
;TLPRGSIDKYVKEMPDKTFECLFPGCTKTFKRRYNIRSHIQTHLEDR
;
_entity_poly.pdbx_strand_id   A
#
# COMPACT_ATOMS: atom_id res chain seq x y z
N THR A 1 -9.77 -19.02 -0.61
CA THR A 1 -8.51 -19.81 -0.65
C THR A 1 -7.48 -19.08 -1.52
N LEU A 2 -7.59 -17.79 -1.62
CA LEU A 2 -6.62 -17.02 -2.45
C LEU A 2 -6.76 -15.52 -2.16
N PRO A 3 -5.98 -15.05 -1.23
CA PRO A 3 -6.00 -13.63 -0.82
C PRO A 3 -5.23 -12.78 -1.85
N ARG A 4 -5.91 -11.85 -2.48
CA ARG A 4 -5.23 -11.00 -3.49
C ARG A 4 -6.16 -9.85 -3.88
N GLY A 5 -6.82 -9.25 -2.92
CA GLY A 5 -7.73 -8.11 -3.25
C GLY A 5 -7.68 -7.08 -2.12
N SER A 6 -6.74 -7.20 -1.23
CA SER A 6 -6.64 -6.22 -0.11
C SER A 6 -5.41 -5.35 -0.31
N ILE A 7 -4.38 -5.88 -0.91
CA ILE A 7 -3.15 -5.07 -1.13
C ILE A 7 -3.45 -3.93 -2.11
N ASP A 8 -4.37 -4.15 -3.01
CA ASP A 8 -4.71 -3.08 -3.99
C ASP A 8 -5.94 -2.32 -3.49
N LYS A 9 -6.30 -2.49 -2.25
CA LYS A 9 -7.49 -1.76 -1.73
C LYS A 9 -7.02 -0.61 -0.83
N TYR A 10 -5.74 -0.43 -0.68
CA TYR A 10 -5.23 0.67 0.18
C TYR A 10 -3.96 1.25 -0.45
N VAL A 11 -4.02 1.64 -1.70
CA VAL A 11 -2.81 2.22 -2.35
C VAL A 11 -3.23 3.36 -3.27
N LYS A 12 -2.68 4.53 -3.07
CA LYS A 12 -3.04 5.68 -3.94
C LYS A 12 -1.86 6.02 -4.86
N GLU A 13 -1.77 5.35 -5.97
CA GLU A 13 -0.64 5.61 -6.91
C GLU A 13 -0.87 6.97 -7.59
N MET A 14 0.04 7.89 -7.41
CA MET A 14 -0.12 9.23 -8.06
C MET A 14 0.81 9.33 -9.27
N PRO A 15 0.30 9.93 -10.32
CA PRO A 15 1.06 10.10 -11.58
C PRO A 15 2.17 11.12 -11.38
N ASP A 16 2.20 11.75 -10.25
CA ASP A 16 3.29 12.73 -9.97
C ASP A 16 4.46 11.99 -9.33
N LYS A 17 4.47 10.68 -9.45
CA LYS A 17 5.57 9.88 -8.85
C LYS A 17 5.39 9.87 -7.33
N THR A 18 4.22 9.54 -6.88
CA THR A 18 3.97 9.52 -5.41
C THR A 18 3.12 8.31 -5.04
N PHE A 19 2.82 8.15 -3.78
CA PHE A 19 1.98 7.00 -3.34
C PHE A 19 1.32 7.36 -2.01
N GLU A 20 0.10 6.95 -1.81
CA GLU A 20 -0.59 7.28 -0.53
C GLU A 20 -1.24 6.03 0.06
N CYS A 21 -0.58 5.37 0.98
CA CYS A 21 -1.17 4.15 1.59
C CYS A 21 -2.53 4.53 2.20
N LEU A 22 -3.60 4.06 1.61
CA LEU A 22 -4.95 4.41 2.15
C LEU A 22 -5.31 3.50 3.33
N PHE A 23 -4.36 2.80 3.88
CA PHE A 23 -4.67 1.91 5.04
C PHE A 23 -5.13 2.78 6.22
N PRO A 24 -6.12 2.31 6.94
CA PRO A 24 -6.65 3.03 8.10
C PRO A 24 -5.67 2.97 9.27
N GLY A 25 -5.22 4.10 9.73
CA GLY A 25 -4.24 4.11 10.85
C GLY A 25 -2.85 4.40 10.28
N CYS A 26 -2.67 4.14 9.01
CA CYS A 26 -1.34 4.38 8.38
C CYS A 26 -1.18 5.88 8.08
N THR A 27 0.03 6.31 7.82
CA THR A 27 0.26 7.75 7.51
C THR A 27 1.60 7.88 6.78
N LYS A 28 1.93 6.95 5.92
CA LYS A 28 3.23 7.03 5.20
C LYS A 28 2.97 7.10 3.68
N THR A 29 3.66 7.98 3.01
CA THR A 29 3.49 8.10 1.53
C THR A 29 4.81 7.75 0.85
N PHE A 30 4.76 7.14 -0.30
CA PHE A 30 6.03 6.76 -0.99
C PHE A 30 6.05 7.36 -2.40
N LYS A 31 6.89 6.86 -3.26
CA LYS A 31 6.96 7.41 -4.64
C LYS A 31 6.72 6.28 -5.65
N ARG A 32 6.73 6.60 -6.92
CA ARG A 32 6.49 5.56 -7.95
C ARG A 32 7.39 4.35 -7.66
N ARG A 33 6.84 3.33 -7.05
CA ARG A 33 7.66 2.12 -6.75
C ARG A 33 6.76 1.01 -6.23
N TYR A 34 7.22 -0.22 -6.26
CA TYR A 34 6.39 -1.35 -5.78
C TYR A 34 6.91 -1.79 -4.42
N ASN A 35 7.35 -0.87 -3.61
CA ASN A 35 7.89 -1.26 -2.29
C ASN A 35 6.81 -1.05 -1.22
N ILE A 36 6.01 -0.04 -1.38
CA ILE A 36 4.94 0.21 -0.37
C ILE A 36 3.94 -0.95 -0.43
N ARG A 37 3.79 -1.56 -1.58
CA ARG A 37 2.84 -2.71 -1.67
C ARG A 37 3.28 -3.77 -0.67
N SER A 38 4.56 -4.05 -0.61
CA SER A 38 5.05 -5.06 0.36
C SER A 38 4.85 -4.51 1.77
N HIS A 39 4.84 -3.21 1.89
CA HIS A 39 4.63 -2.57 3.22
C HIS A 39 3.20 -2.89 3.69
N ILE A 40 2.29 -3.00 2.76
CA ILE A 40 0.88 -3.33 3.14
C ILE A 40 0.83 -4.78 3.65
N GLN A 41 1.86 -5.53 3.40
CA GLN A 41 1.88 -6.94 3.89
C GLN A 41 2.08 -6.91 5.40
N THR A 42 3.10 -6.24 5.85
CA THR A 42 3.31 -6.14 7.32
C THR A 42 2.08 -5.49 7.93
N HIS A 43 1.37 -4.74 7.14
CA HIS A 43 0.12 -4.09 7.61
C HIS A 43 -0.82 -5.15 8.14
N LEU A 44 -1.21 -6.06 7.29
CA LEU A 44 -2.15 -7.14 7.71
C LEU A 44 -1.40 -8.46 7.86
N GLU A 45 -0.14 -8.41 8.18
CA GLU A 45 0.65 -9.66 8.34
C GLU A 45 0.59 -10.12 9.79
N ASP A 46 0.85 -9.23 10.72
CA ASP A 46 0.82 -9.60 12.15
C ASP A 46 0.33 -8.42 12.98
N ARG A 47 0.88 -7.25 12.77
CA ARG A 47 0.44 -6.06 13.55
C ARG A 47 -1.09 -5.96 13.49
N THR A 1 -3.64 -15.52 3.18
CA THR A 1 -4.07 -16.32 1.99
C THR A 1 -4.59 -15.38 0.91
N LEU A 2 -4.85 -15.89 -0.26
CA LEU A 2 -5.36 -15.02 -1.36
C LEU A 2 -4.40 -13.85 -1.58
N PRO A 3 -3.47 -14.04 -2.47
CA PRO A 3 -2.47 -13.02 -2.81
C PRO A 3 -3.08 -11.95 -3.73
N ARG A 4 -2.67 -10.72 -3.58
CA ARG A 4 -3.23 -9.64 -4.43
C ARG A 4 -4.73 -9.49 -4.15
N GLY A 5 -5.10 -9.43 -2.90
CA GLY A 5 -6.54 -9.28 -2.55
C GLY A 5 -6.68 -8.40 -1.32
N SER A 6 -6.06 -7.25 -1.33
CA SER A 6 -6.16 -6.33 -0.16
C SER A 6 -5.16 -5.17 -0.33
N ILE A 7 -4.08 -5.41 -1.02
CA ILE A 7 -3.08 -4.32 -1.22
C ILE A 7 -3.67 -3.24 -2.12
N ASP A 8 -4.36 -3.64 -3.15
CA ASP A 8 -4.98 -2.63 -4.06
C ASP A 8 -6.18 -1.98 -3.37
N LYS A 9 -6.63 -2.55 -2.30
CA LYS A 9 -7.80 -1.97 -1.57
C LYS A 9 -7.31 -0.87 -0.63
N TYR A 10 -6.03 -0.64 -0.56
CA TYR A 10 -5.51 0.42 0.34
C TYR A 10 -4.19 0.96 -0.21
N VAL A 11 -4.14 1.27 -1.48
CA VAL A 11 -2.89 1.80 -2.08
C VAL A 11 -3.22 2.96 -3.01
N LYS A 12 -2.82 4.16 -2.66
CA LYS A 12 -3.12 5.32 -3.54
C LYS A 12 -1.95 5.54 -4.49
N GLU A 13 -1.85 4.74 -5.52
CA GLU A 13 -0.73 4.91 -6.50
C GLU A 13 -0.94 6.21 -7.28
N MET A 14 0.12 6.95 -7.49
CA MET A 14 -0.02 8.23 -8.24
C MET A 14 0.93 8.22 -9.44
N PRO A 15 0.37 8.41 -10.62
CA PRO A 15 1.16 8.44 -11.86
C PRO A 15 1.98 9.73 -11.92
N ASP A 16 1.76 10.61 -10.98
CA ASP A 16 2.55 11.87 -10.94
C ASP A 16 3.77 11.64 -10.06
N LYS A 17 4.13 10.40 -9.84
CA LYS A 17 5.30 10.07 -8.99
C LYS A 17 4.94 10.28 -7.53
N THR A 18 4.00 9.51 -7.04
CA THR A 18 3.60 9.66 -5.60
C THR A 18 2.92 8.37 -5.13
N PHE A 19 2.55 8.33 -3.88
CA PHE A 19 1.89 7.11 -3.33
C PHE A 19 1.28 7.44 -1.97
N GLU A 20 0.20 6.82 -1.60
CA GLU A 20 -0.42 7.13 -0.28
C GLU A 20 -1.15 5.89 0.25
N CYS A 21 -0.47 5.08 1.02
CA CYS A 21 -1.14 3.88 1.60
C CYS A 21 -2.50 4.31 2.15
N LEU A 22 -3.57 3.88 1.52
CA LEU A 22 -4.93 4.28 1.98
C LEU A 22 -5.34 3.50 3.23
N PHE A 23 -4.44 2.75 3.82
CA PHE A 23 -4.82 1.99 5.04
C PHE A 23 -5.11 2.96 6.18
N PRO A 24 -6.15 2.67 6.93
CA PRO A 24 -6.56 3.53 8.06
C PRO A 24 -5.60 3.33 9.24
N GLY A 25 -4.93 4.38 9.62
CA GLY A 25 -3.95 4.26 10.74
C GLY A 25 -2.54 4.34 10.17
N CYS A 26 -2.39 4.05 8.90
CA CYS A 26 -1.05 4.11 8.28
C CYS A 26 -0.46 5.52 8.46
N THR A 27 0.82 5.68 8.24
CA THR A 27 1.44 7.02 8.39
C THR A 27 2.71 7.08 7.56
N LYS A 28 2.74 6.43 6.43
CA LYS A 28 3.97 6.46 5.59
C LYS A 28 3.59 6.50 4.10
N THR A 29 3.77 7.61 3.46
CA THR A 29 3.43 7.70 2.00
C THR A 29 4.72 7.58 1.18
N PHE A 30 4.62 7.34 -0.09
CA PHE A 30 5.85 7.20 -0.91
C PHE A 30 5.61 7.80 -2.31
N LYS A 31 6.45 7.48 -3.25
CA LYS A 31 6.27 8.04 -4.63
C LYS A 31 7.01 7.17 -5.63
N ARG A 32 6.37 6.82 -6.71
CA ARG A 32 7.04 5.96 -7.74
C ARG A 32 7.81 4.84 -7.04
N ARG A 33 7.12 3.96 -6.37
CA ARG A 33 7.80 2.84 -5.67
C ARG A 33 6.83 1.67 -5.48
N TYR A 34 7.27 0.49 -5.82
CA TYR A 34 6.37 -0.71 -5.66
C TYR A 34 6.80 -1.47 -4.42
N ASN A 35 7.54 -0.83 -3.57
CA ASN A 35 8.01 -1.53 -2.34
C ASN A 35 7.05 -1.19 -1.21
N ILE A 36 6.29 -0.14 -1.37
CA ILE A 36 5.32 0.24 -0.30
C ILE A 36 4.18 -0.78 -0.32
N ARG A 37 3.92 -1.38 -1.45
CA ARG A 37 2.83 -2.39 -1.51
C ARG A 37 3.19 -3.52 -0.54
N SER A 38 4.46 -3.82 -0.43
CA SER A 38 4.88 -4.88 0.51
C SER A 38 4.78 -4.32 1.93
N HIS A 39 5.04 -3.06 2.08
CA HIS A 39 4.94 -2.43 3.44
C HIS A 39 3.54 -2.67 3.98
N ILE A 40 2.55 -2.56 3.16
CA ILE A 40 1.17 -2.79 3.66
C ILE A 40 1.03 -4.28 3.98
N GLN A 41 1.41 -5.12 3.06
CA GLN A 41 1.31 -6.58 3.31
C GLN A 41 1.82 -6.90 4.71
N THR A 42 2.70 -6.09 5.24
CA THR A 42 3.19 -6.37 6.62
C THR A 42 2.16 -5.86 7.60
N HIS A 43 1.78 -4.62 7.49
CA HIS A 43 0.76 -4.07 8.42
C HIS A 43 -0.61 -4.21 7.76
N LEU A 44 -0.73 -5.19 6.90
CA LEU A 44 -2.02 -5.43 6.21
C LEU A 44 -2.30 -6.94 6.21
N GLU A 45 -1.28 -7.76 6.26
CA GLU A 45 -1.52 -9.23 6.27
C GLU A 45 -2.57 -9.57 7.34
N ASP A 46 -2.63 -8.79 8.38
CA ASP A 46 -3.62 -9.07 9.45
C ASP A 46 -3.15 -10.26 10.30
N ARG A 47 -2.11 -10.06 11.07
CA ARG A 47 -1.60 -11.18 11.92
C ARG A 47 -2.78 -11.87 12.61
N THR A 1 -6.38 -16.97 3.11
CA THR A 1 -7.71 -16.38 2.79
C THR A 1 -7.58 -15.50 1.54
N LEU A 2 -7.20 -16.08 0.44
CA LEU A 2 -7.07 -15.28 -0.82
C LEU A 2 -5.99 -14.21 -0.62
N PRO A 3 -4.78 -14.56 -0.99
CA PRO A 3 -3.62 -13.65 -0.88
C PRO A 3 -3.63 -12.64 -2.02
N ARG A 4 -3.13 -11.46 -1.78
CA ARG A 4 -3.11 -10.42 -2.85
C ARG A 4 -4.53 -9.93 -3.11
N GLY A 5 -5.21 -9.47 -2.09
CA GLY A 5 -6.60 -8.97 -2.27
C GLY A 5 -6.81 -7.71 -1.44
N SER A 6 -6.22 -7.63 -0.28
CA SER A 6 -6.40 -6.43 0.57
C SER A 6 -5.26 -5.45 0.31
N ILE A 7 -4.19 -5.92 -0.26
CA ILE A 7 -3.04 -5.01 -0.54
C ILE A 7 -3.51 -3.86 -1.43
N ASP A 8 -4.03 -4.16 -2.58
CA ASP A 8 -4.51 -3.10 -3.49
C ASP A 8 -5.72 -2.39 -2.86
N LYS A 9 -6.24 -2.91 -1.78
CA LYS A 9 -7.41 -2.28 -1.13
C LYS A 9 -6.95 -1.05 -0.33
N TYR A 10 -5.68 -0.74 -0.38
CA TYR A 10 -5.18 0.44 0.38
C TYR A 10 -3.91 0.97 -0.29
N VAL A 11 -3.95 1.17 -1.57
CA VAL A 11 -2.74 1.69 -2.29
C VAL A 11 -3.12 2.93 -3.11
N LYS A 12 -2.47 4.03 -2.87
CA LYS A 12 -2.80 5.26 -3.64
C LYS A 12 -1.66 5.59 -4.61
N GLU A 13 -1.52 4.82 -5.65
CA GLU A 13 -0.43 5.09 -6.64
C GLU A 13 -0.77 6.37 -7.42
N MET A 14 0.06 7.38 -7.32
CA MET A 14 -0.22 8.64 -8.06
C MET A 14 0.66 8.71 -9.31
N PRO A 15 0.04 9.05 -10.42
CA PRO A 15 0.75 9.17 -11.71
C PRO A 15 1.64 10.41 -11.69
N ASP A 16 1.53 11.21 -10.67
CA ASP A 16 2.39 12.42 -10.58
C ASP A 16 3.66 12.05 -9.80
N LYS A 17 3.96 10.77 -9.74
CA LYS A 17 5.17 10.31 -9.01
C LYS A 17 4.93 10.41 -7.50
N THR A 18 3.93 9.72 -7.01
CA THR A 18 3.64 9.77 -5.55
C THR A 18 3.00 8.45 -5.12
N PHE A 19 2.71 8.32 -3.85
CA PHE A 19 2.08 7.08 -3.34
C PHE A 19 1.49 7.35 -1.96
N GLU A 20 0.36 6.77 -1.66
CA GLU A 20 -0.25 7.02 -0.33
C GLU A 20 -1.00 5.77 0.15
N CYS A 21 -0.46 5.10 1.14
CA CYS A 21 -1.14 3.89 1.68
C CYS A 21 -2.51 4.31 2.21
N LEU A 22 -3.58 3.94 1.54
CA LEU A 22 -4.94 4.35 1.99
C LEU A 22 -5.39 3.55 3.21
N PHE A 23 -4.53 2.74 3.77
CA PHE A 23 -4.96 1.96 4.97
C PHE A 23 -5.24 2.92 6.12
N PRO A 24 -6.28 2.63 6.87
CA PRO A 24 -6.68 3.46 8.02
C PRO A 24 -5.73 3.24 9.19
N GLY A 25 -4.99 4.25 9.54
CA GLY A 25 -4.03 4.12 10.67
C GLY A 25 -2.61 4.27 10.11
N CYS A 26 -2.45 4.11 8.83
CA CYS A 26 -1.09 4.24 8.22
C CYS A 26 -0.66 5.72 8.26
N THR A 27 0.59 5.98 7.99
CA THR A 27 1.07 7.38 8.00
C THR A 27 2.34 7.47 7.16
N LYS A 28 2.49 6.63 6.18
CA LYS A 28 3.71 6.67 5.33
C LYS A 28 3.34 6.90 3.87
N THR A 29 3.96 7.85 3.23
CA THR A 29 3.65 8.13 1.80
C THR A 29 4.96 8.06 1.01
N PHE A 30 4.91 7.50 -0.18
CA PHE A 30 6.16 7.40 -0.98
C PHE A 30 5.89 7.87 -2.42
N LYS A 31 6.72 7.48 -3.34
CA LYS A 31 6.52 7.90 -4.76
C LYS A 31 6.56 6.68 -5.67
N ARG A 32 6.69 6.89 -6.95
CA ARG A 32 6.74 5.75 -7.92
C ARG A 32 7.58 4.61 -7.34
N ARG A 33 6.96 3.54 -6.94
CA ARG A 33 7.72 2.39 -6.37
C ARG A 33 6.75 1.25 -6.06
N TYR A 34 7.27 0.07 -5.82
CA TYR A 34 6.38 -1.08 -5.52
C TYR A 34 6.83 -1.72 -4.20
N ASN A 35 7.69 -1.06 -3.48
CA ASN A 35 8.18 -1.64 -2.20
C ASN A 35 7.19 -1.30 -1.09
N ILE A 36 6.54 -0.17 -1.19
CA ILE A 36 5.56 0.20 -0.14
C ILE A 36 4.45 -0.86 -0.12
N ARG A 37 4.20 -1.48 -1.24
CA ARG A 37 3.16 -2.53 -1.28
C ARG A 37 3.53 -3.60 -0.26
N SER A 38 4.75 -4.08 -0.33
CA SER A 38 5.19 -5.11 0.65
C SER A 38 4.99 -4.57 2.07
N HIS A 39 5.17 -3.29 2.24
CA HIS A 39 4.98 -2.68 3.59
C HIS A 39 3.57 -2.99 4.08
N ILE A 40 2.58 -2.70 3.28
CA ILE A 40 1.19 -3.00 3.73
C ILE A 40 1.03 -4.51 3.83
N GLN A 41 1.89 -5.26 3.22
CA GLN A 41 1.74 -6.73 3.32
C GLN A 41 1.95 -7.16 4.76
N THR A 42 2.69 -6.40 5.53
CA THR A 42 2.89 -6.81 6.93
C THR A 42 1.87 -6.11 7.82
N HIS A 43 1.55 -4.89 7.53
CA HIS A 43 0.55 -4.18 8.37
C HIS A 43 -0.80 -4.16 7.64
N LEU A 44 -0.95 -4.97 6.63
CA LEU A 44 -2.25 -5.03 5.90
C LEU A 44 -2.57 -6.48 5.52
N GLU A 45 -1.67 -7.41 5.76
CA GLU A 45 -1.96 -8.83 5.39
C GLU A 45 -2.88 -9.44 6.44
N ASP A 46 -2.79 -8.98 7.66
CA ASP A 46 -3.67 -9.53 8.74
C ASP A 46 -5.10 -9.67 8.21
N ARG A 47 -5.76 -8.57 7.94
CA ARG A 47 -7.16 -8.64 7.43
C ARG A 47 -7.19 -9.53 6.18
N THR A 1 -5.45 -17.84 -0.06
CA THR A 1 -4.80 -18.19 -1.35
C THR A 1 -5.01 -17.05 -2.35
N LEU A 2 -4.01 -16.74 -3.12
CA LEU A 2 -4.15 -15.64 -4.11
C LEU A 2 -4.61 -14.36 -3.40
N PRO A 3 -3.67 -13.67 -2.81
CA PRO A 3 -3.92 -12.42 -2.09
C PRO A 3 -4.08 -11.25 -3.07
N ARG A 4 -5.15 -10.52 -2.96
CA ARG A 4 -5.36 -9.37 -3.89
C ARG A 4 -6.58 -8.56 -3.43
N GLY A 5 -6.79 -8.44 -2.16
CA GLY A 5 -7.95 -7.66 -1.65
C GLY A 5 -7.63 -7.04 -0.30
N SER A 6 -6.36 -6.98 0.04
CA SER A 6 -5.97 -6.38 1.34
C SER A 6 -5.03 -5.21 1.11
N ILE A 7 -4.09 -5.36 0.21
CA ILE A 7 -3.13 -4.27 -0.06
C ILE A 7 -3.58 -3.52 -1.32
N ASP A 8 -4.15 -4.21 -2.26
CA ASP A 8 -4.61 -3.52 -3.51
C ASP A 8 -5.82 -2.65 -3.18
N LYS A 9 -6.41 -2.84 -2.03
CA LYS A 9 -7.58 -2.01 -1.65
C LYS A 9 -7.11 -0.77 -0.91
N TYR A 10 -5.82 -0.58 -0.77
CA TYR A 10 -5.31 0.62 -0.06
C TYR A 10 -4.00 1.08 -0.70
N VAL A 11 -4.02 1.32 -1.99
CA VAL A 11 -2.78 1.77 -2.68
C VAL A 11 -3.09 2.99 -3.55
N LYS A 12 -2.67 4.15 -3.13
CA LYS A 12 -2.94 5.38 -3.94
C LYS A 12 -1.72 5.73 -4.77
N GLU A 13 -1.63 5.19 -5.96
CA GLU A 13 -0.45 5.50 -6.83
C GLU A 13 -0.76 6.73 -7.68
N MET A 14 0.03 7.76 -7.57
CA MET A 14 -0.22 8.99 -8.38
C MET A 14 0.72 9.00 -9.59
N PRO A 15 0.21 9.48 -10.70
CA PRO A 15 0.98 9.57 -11.95
C PRO A 15 2.04 10.65 -11.84
N ASP A 16 1.97 11.45 -10.80
CA ASP A 16 2.99 12.51 -10.62
C ASP A 16 4.17 11.92 -9.83
N LYS A 17 4.24 10.62 -9.76
CA LYS A 17 5.33 9.94 -9.02
C LYS A 17 5.07 10.04 -7.52
N THR A 18 3.95 9.55 -7.08
CA THR A 18 3.63 9.62 -5.63
C THR A 18 2.99 8.30 -5.17
N PHE A 19 2.67 8.21 -3.91
CA PHE A 19 2.04 6.96 -3.39
C PHE A 19 1.42 7.26 -2.02
N GLU A 20 0.30 6.66 -1.72
CA GLU A 20 -0.34 6.93 -0.40
C GLU A 20 -1.06 5.68 0.11
N CYS A 21 -0.45 4.96 1.01
CA CYS A 21 -1.11 3.74 1.58
C CYS A 21 -2.47 4.16 2.16
N LEU A 22 -3.53 3.87 1.47
CA LEU A 22 -4.87 4.29 1.96
C LEU A 22 -5.33 3.39 3.13
N PHE A 23 -4.49 2.52 3.62
CA PHE A 23 -4.92 1.65 4.75
C PHE A 23 -5.30 2.54 5.94
N PRO A 24 -6.34 2.15 6.64
CA PRO A 24 -6.82 2.90 7.82
C PRO A 24 -5.88 2.66 9.00
N GLY A 25 -5.18 3.68 9.40
CA GLY A 25 -4.23 3.54 10.53
C GLY A 25 -2.82 3.82 10.02
N CYS A 26 -2.63 3.75 8.73
CA CYS A 26 -1.29 4.01 8.15
C CYS A 26 -0.94 5.49 8.31
N THR A 27 0.29 5.85 8.05
CA THR A 27 0.70 7.28 8.17
C THR A 27 1.98 7.51 7.38
N LYS A 28 2.23 6.70 6.39
CA LYS A 28 3.48 6.89 5.57
C LYS A 28 3.14 6.91 4.09
N THR A 29 3.76 7.79 3.35
CA THR A 29 3.50 7.86 1.88
C THR A 29 4.82 7.68 1.12
N PHE A 30 4.76 7.26 -0.12
CA PHE A 30 6.03 7.07 -0.87
C PHE A 30 5.87 7.65 -2.28
N LYS A 31 6.80 7.38 -3.16
CA LYS A 31 6.71 7.91 -4.55
C LYS A 31 6.62 6.75 -5.53
N ARG A 32 6.65 7.04 -6.80
CA ARG A 32 6.57 5.95 -7.81
C ARG A 32 7.50 4.81 -7.42
N ARG A 33 6.97 3.75 -6.86
CA ARG A 33 7.83 2.61 -6.45
C ARG A 33 6.97 1.36 -6.28
N TYR A 34 7.51 0.33 -5.69
CA TYR A 34 6.73 -0.93 -5.51
C TYR A 34 7.19 -1.60 -4.22
N ASN A 35 7.81 -0.87 -3.35
CA ASN A 35 8.28 -1.48 -2.09
C ASN A 35 7.28 -1.17 -0.97
N ILE A 36 6.49 -0.16 -1.16
CA ILE A 36 5.48 0.18 -0.13
C ILE A 36 4.38 -0.87 -0.17
N ARG A 37 4.09 -1.39 -1.33
CA ARG A 37 3.04 -2.44 -1.43
C ARG A 37 3.34 -3.52 -0.41
N SER A 38 4.56 -3.98 -0.36
CA SER A 38 4.93 -5.02 0.64
C SER A 38 4.76 -4.43 2.03
N HIS A 39 5.15 -3.19 2.20
CA HIS A 39 5.00 -2.54 3.53
C HIS A 39 3.57 -2.75 4.00
N ILE A 40 2.63 -2.70 3.11
CA ILE A 40 1.21 -2.90 3.50
C ILE A 40 1.03 -4.38 3.86
N GLN A 41 1.28 -5.23 2.91
CA GLN A 41 1.13 -6.69 3.18
C GLN A 41 1.71 -7.03 4.55
N THR A 42 2.64 -6.26 5.03
CA THR A 42 3.21 -6.58 6.37
C THR A 42 2.28 -6.01 7.43
N HIS A 43 1.84 -4.80 7.26
CA HIS A 43 0.93 -4.21 8.26
C HIS A 43 -0.51 -4.31 7.76
N LEU A 44 -0.74 -5.26 6.88
CA LEU A 44 -2.11 -5.49 6.34
C LEU A 44 -2.38 -7.00 6.24
N GLU A 45 -1.34 -7.81 6.17
CA GLU A 45 -1.57 -9.28 6.07
C GLU A 45 -1.08 -9.96 7.34
N ASP A 46 0.19 -9.91 7.60
CA ASP A 46 0.73 -10.57 8.83
C ASP A 46 0.11 -11.97 8.95
N ARG A 47 -0.27 -12.56 7.86
CA ARG A 47 -0.87 -13.93 7.92
C ARG A 47 0.12 -14.89 8.56
N THR A 1 -0.97 -17.42 -4.57
CA THR A 1 -0.95 -17.02 -6.00
C THR A 1 -0.88 -15.49 -6.10
N LEU A 2 -1.80 -14.80 -5.49
CA LEU A 2 -1.78 -13.31 -5.55
C LEU A 2 -3.01 -12.76 -4.82
N PRO A 3 -2.82 -12.46 -3.56
CA PRO A 3 -3.90 -11.91 -2.71
C PRO A 3 -4.08 -10.42 -2.98
N ARG A 4 -5.30 -9.96 -3.05
CA ARG A 4 -5.55 -8.52 -3.32
C ARG A 4 -6.88 -8.10 -2.70
N GLY A 5 -7.23 -8.69 -1.58
CA GLY A 5 -8.52 -8.33 -0.93
C GLY A 5 -8.28 -7.20 0.07
N SER A 6 -7.10 -6.65 0.09
CA SER A 6 -6.80 -5.54 1.04
C SER A 6 -5.62 -4.74 0.52
N ILE A 7 -4.64 -5.39 -0.05
CA ILE A 7 -3.46 -4.66 -0.58
C ILE A 7 -3.90 -3.72 -1.69
N ASP A 8 -4.49 -4.26 -2.73
CA ASP A 8 -4.95 -3.39 -3.85
C ASP A 8 -6.14 -2.55 -3.37
N LYS A 9 -6.74 -2.92 -2.28
CA LYS A 9 -7.89 -2.14 -1.76
C LYS A 9 -7.38 -1.10 -0.76
N TYR A 10 -6.09 -0.96 -0.63
CA TYR A 10 -5.55 0.03 0.33
C TYR A 10 -4.22 0.57 -0.21
N VAL A 11 -4.00 0.46 -1.49
CA VAL A 11 -2.72 0.97 -2.07
C VAL A 11 -3.03 2.04 -3.12
N LYS A 12 -2.54 3.24 -2.91
CA LYS A 12 -2.80 4.32 -3.90
C LYS A 12 -1.53 4.59 -4.71
N GLU A 13 -1.67 4.76 -6.00
CA GLU A 13 -0.47 5.03 -6.84
C GLU A 13 -0.69 6.31 -7.64
N MET A 14 -0.01 7.37 -7.27
CA MET A 14 -0.19 8.66 -8.01
C MET A 14 0.66 8.63 -9.29
N PRO A 15 0.05 9.01 -10.38
CA PRO A 15 0.72 9.04 -11.70
C PRO A 15 1.71 10.21 -11.74
N ASP A 16 1.66 11.08 -10.77
CA ASP A 16 2.61 12.22 -10.76
C ASP A 16 3.89 11.80 -10.05
N LYS A 17 4.05 10.51 -9.82
CA LYS A 17 5.26 9.99 -9.13
C LYS A 17 5.06 10.11 -7.62
N THR A 18 4.00 9.54 -7.12
CA THR A 18 3.74 9.61 -5.65
C THR A 18 3.05 8.33 -5.20
N PHE A 19 2.84 8.18 -3.92
CA PHE A 19 2.18 6.94 -3.41
C PHE A 19 1.50 7.24 -2.08
N GLU A 20 0.44 6.55 -1.76
CA GLU A 20 -0.26 6.81 -0.48
C GLU A 20 -0.94 5.54 0.02
N CYS A 21 -0.48 5.01 1.12
CA CYS A 21 -1.12 3.78 1.68
C CYS A 21 -2.50 4.14 2.22
N LEU A 22 -3.54 3.71 1.57
CA LEU A 22 -4.91 4.06 2.03
C LEU A 22 -5.29 3.27 3.29
N PHE A 23 -4.38 2.49 3.82
CA PHE A 23 -4.72 1.72 5.05
C PHE A 23 -5.12 2.68 6.17
N PRO A 24 -6.13 2.30 6.91
CA PRO A 24 -6.63 3.13 8.02
C PRO A 24 -5.68 3.04 9.21
N GLY A 25 -5.01 4.12 9.51
CA GLY A 25 -4.04 4.12 10.64
C GLY A 25 -2.64 4.31 10.06
N CYS A 26 -2.48 4.02 8.80
CA CYS A 26 -1.15 4.20 8.16
C CYS A 26 -0.85 5.69 8.01
N THR A 27 0.37 6.05 7.74
CA THR A 27 0.71 7.48 7.58
C THR A 27 2.09 7.61 6.95
N LYS A 28 2.47 6.67 6.14
CA LYS A 28 3.83 6.74 5.50
C LYS A 28 3.68 6.74 3.98
N THR A 29 3.19 7.81 3.42
CA THR A 29 3.03 7.87 1.94
C THR A 29 4.40 7.82 1.28
N PHE A 30 4.49 7.32 0.08
CA PHE A 30 5.81 7.23 -0.60
C PHE A 30 5.72 7.92 -1.96
N LYS A 31 6.54 7.53 -2.90
CA LYS A 31 6.49 8.18 -4.24
C LYS A 31 7.41 7.43 -5.21
N ARG A 32 6.95 7.22 -6.41
CA ARG A 32 7.80 6.50 -7.41
C ARG A 32 8.47 5.29 -6.75
N ARG A 33 7.69 4.34 -6.32
CA ARG A 33 8.29 3.15 -5.66
C ARG A 33 7.26 2.02 -5.59
N TYR A 34 7.69 0.80 -5.69
CA TYR A 34 6.73 -0.35 -5.63
C TYR A 34 7.07 -1.20 -4.42
N ASN A 35 7.86 -0.68 -3.53
CA ASN A 35 8.23 -1.47 -2.33
C ASN A 35 7.23 -1.16 -1.21
N ILE A 36 6.53 -0.08 -1.35
CA ILE A 36 5.52 0.28 -0.31
C ILE A 36 4.41 -0.77 -0.36
N ARG A 37 4.15 -1.31 -1.53
CA ARG A 37 3.10 -2.35 -1.64
C ARG A 37 3.44 -3.49 -0.68
N SER A 38 4.69 -3.85 -0.61
CA SER A 38 5.10 -4.93 0.33
C SER A 38 4.99 -4.39 1.75
N HIS A 39 5.13 -3.10 1.91
CA HIS A 39 5.03 -2.49 3.26
C HIS A 39 3.63 -2.73 3.81
N ILE A 40 2.63 -2.61 2.99
CA ILE A 40 1.25 -2.84 3.50
C ILE A 40 1.11 -4.34 3.77
N GLN A 41 1.53 -5.15 2.88
CA GLN A 41 1.41 -6.62 3.09
C GLN A 41 1.87 -7.00 4.49
N THR A 42 2.81 -6.30 5.05
CA THR A 42 3.25 -6.68 6.42
C THR A 42 2.29 -6.07 7.45
N HIS A 43 1.92 -4.83 7.27
CA HIS A 43 0.98 -4.21 8.23
C HIS A 43 -0.41 -4.24 7.62
N LEU A 44 -0.66 -5.17 6.73
CA LEU A 44 -1.98 -5.29 6.08
C LEU A 44 -2.33 -6.77 5.88
N GLU A 45 -1.37 -7.65 5.87
CA GLU A 45 -1.69 -9.09 5.68
C GLU A 45 -2.49 -9.61 6.87
N ASP A 46 -2.44 -8.89 7.97
CA ASP A 46 -3.20 -9.34 9.18
C ASP A 46 -3.61 -8.12 10.01
N ARG A 47 -4.27 -7.18 9.40
CA ARG A 47 -4.70 -5.96 10.15
C ARG A 47 -3.46 -5.16 10.56
N THR A 1 -7.71 -14.81 4.65
CA THR A 1 -8.83 -14.59 3.68
C THR A 1 -8.32 -14.84 2.26
N LEU A 2 -9.11 -14.53 1.27
CA LEU A 2 -8.67 -14.74 -0.13
C LEU A 2 -7.50 -13.83 -0.46
N PRO A 3 -6.62 -14.30 -1.31
CA PRO A 3 -5.42 -13.54 -1.73
C PRO A 3 -5.80 -12.48 -2.77
N ARG A 4 -5.09 -11.39 -2.80
CA ARG A 4 -5.42 -10.33 -3.79
C ARG A 4 -6.75 -9.68 -3.44
N GLY A 5 -6.85 -9.10 -2.27
CA GLY A 5 -8.13 -8.45 -1.87
C GLY A 5 -7.89 -7.61 -0.60
N SER A 6 -6.83 -6.86 -0.57
CA SER A 6 -6.55 -6.02 0.63
C SER A 6 -5.48 -4.97 0.28
N ILE A 7 -4.54 -5.32 -0.54
CA ILE A 7 -3.48 -4.35 -0.90
C ILE A 7 -4.05 -3.31 -1.88
N ASP A 8 -4.78 -3.76 -2.86
CA ASP A 8 -5.37 -2.81 -3.84
C ASP A 8 -6.48 -2.00 -3.16
N LYS A 9 -6.82 -2.34 -1.94
CA LYS A 9 -7.87 -1.60 -1.22
C LYS A 9 -7.24 -0.45 -0.42
N TYR A 10 -5.95 -0.32 -0.48
CA TYR A 10 -5.28 0.77 0.29
C TYR A 10 -3.93 1.12 -0.36
N VAL A 11 -3.89 1.16 -1.67
CA VAL A 11 -2.62 1.49 -2.36
C VAL A 11 -2.87 2.65 -3.34
N LYS A 12 -2.61 3.86 -2.93
CA LYS A 12 -2.83 5.01 -3.83
C LYS A 12 -1.58 5.22 -4.71
N GLU A 13 -1.69 4.97 -5.98
CA GLU A 13 -0.51 5.14 -6.87
C GLU A 13 -0.76 6.28 -7.84
N MET A 14 -0.01 7.33 -7.76
CA MET A 14 -0.21 8.48 -8.69
C MET A 14 0.84 8.42 -9.81
N PRO A 15 0.42 8.74 -11.00
CA PRO A 15 1.30 8.72 -12.19
C PRO A 15 2.28 9.89 -12.13
N ASP A 16 2.07 10.81 -11.24
CA ASP A 16 3.01 11.95 -11.12
C ASP A 16 4.20 11.54 -10.26
N LYS A 17 4.29 10.26 -9.94
CA LYS A 17 5.40 9.74 -9.11
C LYS A 17 5.05 9.93 -7.64
N THR A 18 3.98 9.33 -7.19
CA THR A 18 3.59 9.48 -5.77
C THR A 18 2.97 8.18 -5.24
N PHE A 19 2.69 8.13 -3.97
CA PHE A 19 2.07 6.90 -3.39
C PHE A 19 1.45 7.25 -2.04
N GLU A 20 0.40 6.58 -1.66
CA GLU A 20 -0.23 6.90 -0.34
C GLU A 20 -0.98 5.68 0.20
N CYS A 21 -0.42 5.01 1.18
CA CYS A 21 -1.11 3.83 1.78
C CYS A 21 -2.43 4.29 2.38
N LEU A 22 -3.53 4.01 1.74
CA LEU A 22 -4.85 4.45 2.27
C LEU A 22 -5.29 3.56 3.44
N PHE A 23 -4.46 2.67 3.89
CA PHE A 23 -4.86 1.80 5.03
C PHE A 23 -5.30 2.68 6.20
N PRO A 24 -6.33 2.24 6.88
CA PRO A 24 -6.87 3.00 8.04
C PRO A 24 -5.97 2.81 9.25
N GLY A 25 -5.21 3.82 9.57
CA GLY A 25 -4.28 3.73 10.74
C GLY A 25 -2.87 3.96 10.22
N CYS A 26 -2.67 3.82 8.93
CA CYS A 26 -1.32 4.04 8.35
C CYS A 26 -1.02 5.53 8.32
N THR A 27 0.22 5.89 8.10
CA THR A 27 0.57 7.34 8.06
C THR A 27 1.92 7.51 7.35
N LYS A 28 2.21 6.68 6.39
CA LYS A 28 3.51 6.80 5.68
C LYS A 28 3.28 6.71 4.16
N THR A 29 3.29 7.83 3.49
CA THR A 29 3.07 7.80 2.00
C THR A 29 4.43 7.73 1.31
N PHE A 30 4.46 7.36 0.05
CA PHE A 30 5.76 7.28 -0.65
C PHE A 30 5.62 7.90 -2.05
N LYS A 31 6.56 7.63 -2.92
CA LYS A 31 6.47 8.21 -4.29
C LYS A 31 7.27 7.34 -5.27
N ARG A 32 6.73 7.09 -6.43
CA ARG A 32 7.45 6.25 -7.42
C ARG A 32 8.13 5.08 -6.72
N ARG A 33 7.39 4.05 -6.40
CA ARG A 33 7.99 2.88 -5.70
C ARG A 33 6.92 1.81 -5.48
N TYR A 34 7.19 0.60 -5.91
CA TYR A 34 6.20 -0.49 -5.73
C TYR A 34 6.63 -1.33 -4.51
N ASN A 35 7.49 -0.80 -3.71
CA ASN A 35 7.94 -1.57 -2.53
C ASN A 35 7.01 -1.27 -1.37
N ILE A 36 6.35 -0.15 -1.40
CA ILE A 36 5.41 0.18 -0.30
C ILE A 36 4.31 -0.88 -0.29
N ARG A 37 4.00 -1.43 -1.43
CA ARG A 37 2.96 -2.50 -1.48
C ARG A 37 3.35 -3.59 -0.50
N SER A 38 4.61 -3.86 -0.38
CA SER A 38 5.07 -4.90 0.59
C SER A 38 4.94 -4.32 1.99
N HIS A 39 5.16 -3.04 2.12
CA HIS A 39 5.04 -2.39 3.45
C HIS A 39 3.62 -2.66 4.00
N ILE A 40 2.63 -2.56 3.17
CA ILE A 40 1.26 -2.83 3.67
C ILE A 40 1.14 -4.32 3.92
N GLN A 41 1.59 -5.12 3.00
CA GLN A 41 1.50 -6.59 3.20
C GLN A 41 1.98 -6.96 4.60
N THR A 42 2.87 -6.19 5.17
CA THR A 42 3.33 -6.56 6.53
C THR A 42 2.32 -6.03 7.56
N HIS A 43 1.92 -4.80 7.41
CA HIS A 43 0.93 -4.26 8.36
C HIS A 43 -0.46 -4.32 7.72
N LEU A 44 -0.62 -5.27 6.83
CA LEU A 44 -1.92 -5.45 6.14
C LEU A 44 -2.16 -6.94 5.88
N GLU A 45 -1.14 -7.76 5.91
CA GLU A 45 -1.34 -9.22 5.67
C GLU A 45 -0.79 -10.01 6.85
N ASP A 46 -1.45 -9.95 7.98
CA ASP A 46 -0.95 -10.71 9.16
C ASP A 46 -0.79 -12.18 8.79
N ARG A 47 -1.83 -12.78 8.25
CA ARG A 47 -1.74 -14.21 7.85
C ARG A 47 -1.70 -15.09 9.12
N THR A 1 -4.44 -20.72 0.99
CA THR A 1 -5.13 -19.45 0.60
C THR A 1 -4.26 -18.25 1.01
N LEU A 2 -3.51 -17.72 0.08
CA LEU A 2 -2.65 -16.54 0.41
C LEU A 2 -3.48 -15.26 0.35
N PRO A 3 -3.26 -14.38 1.29
CA PRO A 3 -3.97 -13.10 1.35
C PRO A 3 -3.37 -12.10 0.36
N ARG A 4 -4.19 -11.40 -0.37
CA ARG A 4 -3.65 -10.42 -1.36
C ARG A 4 -4.81 -9.66 -2.01
N GLY A 5 -5.78 -9.26 -1.24
CA GLY A 5 -6.94 -8.52 -1.82
C GLY A 5 -7.17 -7.22 -1.05
N SER A 6 -6.34 -6.95 -0.07
CA SER A 6 -6.50 -5.70 0.72
C SER A 6 -5.33 -4.76 0.46
N ILE A 7 -4.51 -5.08 -0.51
CA ILE A 7 -3.34 -4.21 -0.81
C ILE A 7 -3.73 -3.18 -1.88
N ASP A 8 -4.53 -3.59 -2.83
CA ASP A 8 -4.94 -2.65 -3.90
C ASP A 8 -6.01 -1.70 -3.36
N LYS A 9 -6.83 -2.16 -2.45
CA LYS A 9 -7.88 -1.27 -1.89
C LYS A 9 -7.27 -0.36 -0.82
N TYR A 10 -5.97 -0.43 -0.63
CA TYR A 10 -5.33 0.42 0.40
C TYR A 10 -4.02 0.98 -0.16
N VAL A 11 -3.86 0.93 -1.46
CA VAL A 11 -2.62 1.47 -2.09
C VAL A 11 -3.00 2.50 -3.15
N LYS A 12 -2.59 3.72 -2.97
CA LYS A 12 -2.94 4.77 -3.97
C LYS A 12 -1.70 5.10 -4.83
N GLU A 13 -1.54 4.40 -5.92
CA GLU A 13 -0.36 4.67 -6.80
C GLU A 13 -0.62 5.93 -7.61
N MET A 14 -0.08 7.04 -7.19
CA MET A 14 -0.30 8.31 -7.94
C MET A 14 0.55 8.31 -9.22
N PRO A 15 -0.08 8.59 -10.33
CA PRO A 15 0.61 8.63 -11.64
C PRO A 15 1.50 9.86 -11.72
N ASP A 16 1.39 10.74 -10.75
CA ASP A 16 2.25 11.93 -10.73
C ASP A 16 3.52 11.61 -9.94
N LYS A 17 3.82 10.34 -9.80
CA LYS A 17 5.03 9.92 -9.04
C LYS A 17 4.77 10.09 -7.55
N THR A 18 3.87 9.31 -7.00
CA THR A 18 3.57 9.43 -5.55
C THR A 18 2.91 8.13 -5.06
N PHE A 19 2.59 8.06 -3.80
CA PHE A 19 1.94 6.84 -3.26
C PHE A 19 1.24 7.19 -1.95
N GLU A 20 0.11 6.59 -1.69
CA GLU A 20 -0.62 6.91 -0.43
C GLU A 20 -1.29 5.66 0.13
N CYS A 21 -0.68 5.04 1.11
CA CYS A 21 -1.28 3.82 1.72
C CYS A 21 -2.61 4.22 2.37
N LEU A 22 -3.71 3.92 1.73
CA LEU A 22 -5.04 4.31 2.29
C LEU A 22 -5.39 3.45 3.51
N PHE A 23 -4.51 2.58 3.94
CA PHE A 23 -4.86 1.74 5.13
C PHE A 23 -5.24 2.66 6.29
N PRO A 24 -6.23 2.26 7.04
CA PRO A 24 -6.70 3.03 8.20
C PRO A 24 -5.75 2.85 9.37
N GLY A 25 -4.99 3.87 9.66
CA GLY A 25 -4.01 3.79 10.78
C GLY A 25 -2.62 4.02 10.20
N CYS A 26 -2.48 3.83 8.90
CA CYS A 26 -1.15 4.04 8.26
C CYS A 26 -0.81 5.53 8.31
N THR A 27 0.43 5.87 8.04
CA THR A 27 0.81 7.31 8.06
C THR A 27 2.12 7.50 7.28
N LYS A 28 2.32 6.72 6.25
CA LYS A 28 3.58 6.86 5.46
C LYS A 28 3.26 6.83 3.97
N THR A 29 3.66 7.85 3.25
CA THR A 29 3.39 7.89 1.78
C THR A 29 4.72 7.70 1.03
N PHE A 30 4.68 7.33 -0.21
CA PHE A 30 5.94 7.13 -0.97
C PHE A 30 5.85 7.78 -2.35
N LYS A 31 6.74 7.44 -3.24
CA LYS A 31 6.71 8.03 -4.60
C LYS A 31 7.51 7.14 -5.57
N ARG A 32 6.94 6.81 -6.70
CA ARG A 32 7.66 5.95 -7.68
C ARG A 32 8.39 4.83 -6.94
N ARG A 33 7.68 3.83 -6.50
CA ARG A 33 8.35 2.71 -5.78
C ARG A 33 7.35 1.58 -5.56
N TYR A 34 7.74 0.37 -5.84
CA TYR A 34 6.82 -0.79 -5.65
C TYR A 34 7.22 -1.53 -4.38
N ASN A 35 7.84 -0.84 -3.46
CA ASN A 35 8.27 -1.51 -2.22
C ASN A 35 7.27 -1.16 -1.12
N ILE A 36 6.52 -0.11 -1.31
CA ILE A 36 5.52 0.27 -0.29
C ILE A 36 4.37 -0.74 -0.33
N ARG A 37 4.12 -1.30 -1.49
CA ARG A 37 3.03 -2.31 -1.60
C ARG A 37 3.31 -3.42 -0.59
N SER A 38 4.53 -3.90 -0.56
CA SER A 38 4.87 -4.97 0.43
C SER A 38 4.76 -4.39 1.82
N HIS A 39 5.08 -3.12 1.97
CA HIS A 39 4.98 -2.48 3.31
C HIS A 39 3.56 -2.70 3.83
N ILE A 40 2.58 -2.53 3.00
CA ILE A 40 1.18 -2.73 3.44
C ILE A 40 1.01 -4.20 3.80
N GLN A 41 1.16 -5.07 2.84
CA GLN A 41 1.02 -6.52 3.09
C GLN A 41 1.64 -6.88 4.43
N THR A 42 2.65 -6.16 4.84
CA THR A 42 3.26 -6.49 6.16
C THR A 42 2.36 -5.96 7.26
N HIS A 43 1.95 -4.73 7.16
CA HIS A 43 1.08 -4.17 8.21
C HIS A 43 -0.37 -4.29 7.74
N LEU A 44 -0.61 -5.21 6.85
CA LEU A 44 -1.99 -5.47 6.35
C LEU A 44 -2.22 -6.98 6.20
N GLU A 45 -1.18 -7.78 6.35
CA GLU A 45 -1.36 -9.25 6.20
C GLU A 45 -2.66 -9.69 6.89
N ASP A 46 -2.67 -9.72 8.20
CA ASP A 46 -3.91 -10.14 8.91
C ASP A 46 -3.95 -9.51 10.30
N ARG A 47 -3.76 -8.22 10.38
CA ARG A 47 -3.79 -7.54 11.70
C ARG A 47 -3.47 -6.05 11.53
N THR A 1 5.04 -11.92 -5.36
CA THR A 1 4.03 -13.01 -5.29
C THR A 1 2.69 -12.50 -5.83
N LEU A 2 1.64 -13.24 -5.62
CA LEU A 2 0.31 -12.80 -6.11
C LEU A 2 -0.64 -12.60 -4.92
N PRO A 3 -0.52 -11.45 -4.30
CA PRO A 3 -1.36 -11.09 -3.14
C PRO A 3 -2.76 -10.67 -3.60
N ARG A 4 -3.76 -10.92 -2.80
CA ARG A 4 -5.14 -10.53 -3.19
C ARG A 4 -6.01 -10.45 -1.93
N GLY A 5 -5.46 -9.99 -0.84
CA GLY A 5 -6.26 -9.87 0.40
C GLY A 5 -6.85 -8.46 0.51
N SER A 6 -6.02 -7.46 0.53
CA SER A 6 -6.53 -6.07 0.62
C SER A 6 -5.40 -5.09 0.29
N ILE A 7 -4.44 -5.50 -0.47
CA ILE A 7 -3.32 -4.59 -0.83
C ILE A 7 -3.86 -3.45 -1.71
N ASP A 8 -4.49 -3.80 -2.80
CA ASP A 8 -5.04 -2.76 -3.70
C ASP A 8 -6.22 -2.06 -3.02
N LYS A 9 -6.72 -2.64 -1.96
CA LYS A 9 -7.87 -2.02 -1.24
C LYS A 9 -7.38 -0.79 -0.46
N TYR A 10 -6.10 -0.55 -0.45
CA TYR A 10 -5.58 0.64 0.30
C TYR A 10 -4.28 1.11 -0.35
N VAL A 11 -4.27 1.25 -1.65
CA VAL A 11 -3.03 1.72 -2.35
C VAL A 11 -3.41 2.81 -3.36
N LYS A 12 -2.79 3.95 -3.28
CA LYS A 12 -3.11 5.04 -4.24
C LYS A 12 -1.82 5.56 -4.88
N GLU A 13 -1.47 5.06 -6.03
CA GLU A 13 -0.23 5.53 -6.71
C GLU A 13 -0.54 6.79 -7.50
N MET A 14 0.34 7.76 -7.48
CA MET A 14 0.09 9.02 -8.23
C MET A 14 0.99 9.07 -9.46
N PRO A 15 0.46 9.59 -10.55
CA PRO A 15 1.19 9.71 -11.82
C PRO A 15 2.27 10.79 -11.70
N ASP A 16 2.25 11.55 -10.63
CA ASP A 16 3.29 12.59 -10.46
C ASP A 16 4.43 11.99 -9.63
N LYS A 17 4.53 10.68 -9.63
CA LYS A 17 5.59 9.98 -8.86
C LYS A 17 5.29 10.09 -7.36
N THR A 18 4.18 9.54 -6.95
CA THR A 18 3.83 9.60 -5.50
C THR A 18 3.12 8.31 -5.09
N PHE A 19 2.73 8.21 -3.84
CA PHE A 19 2.04 6.98 -3.38
C PHE A 19 1.36 7.26 -2.03
N GLU A 20 0.21 6.70 -1.80
CA GLU A 20 -0.49 6.96 -0.51
C GLU A 20 -1.23 5.70 -0.04
N CYS A 21 -0.80 5.14 1.05
CA CYS A 21 -1.47 3.91 1.58
C CYS A 21 -2.80 4.33 2.21
N LEU A 22 -3.90 4.00 1.58
CA LEU A 22 -5.24 4.41 2.11
C LEU A 22 -5.65 3.56 3.31
N PHE A 23 -4.79 2.71 3.80
CA PHE A 23 -5.17 1.87 4.96
C PHE A 23 -5.48 2.79 6.16
N PRO A 24 -6.48 2.43 6.91
CA PRO A 24 -6.90 3.20 8.09
C PRO A 24 -5.91 2.98 9.24
N GLY A 25 -5.15 3.98 9.57
CA GLY A 25 -4.15 3.84 10.67
C GLY A 25 -2.76 4.05 10.08
N CYS A 26 -2.64 3.98 8.78
CA CYS A 26 -1.31 4.19 8.15
C CYS A 26 -0.93 5.66 8.22
N THR A 27 0.30 5.99 7.92
CA THR A 27 0.74 7.40 7.97
C THR A 27 2.06 7.54 7.22
N LYS A 28 2.29 6.71 6.24
CA LYS A 28 3.57 6.79 5.47
C LYS A 28 3.29 6.78 3.97
N THR A 29 3.58 7.87 3.31
CA THR A 29 3.35 7.94 1.82
C THR A 29 4.69 7.74 1.12
N PHE A 30 4.69 7.22 -0.07
CA PHE A 30 5.99 7.00 -0.78
C PHE A 30 5.89 7.56 -2.21
N LYS A 31 6.83 7.23 -3.04
CA LYS A 31 6.80 7.74 -4.44
C LYS A 31 6.75 6.57 -5.42
N ARG A 32 6.84 6.86 -6.69
CA ARG A 32 6.79 5.76 -7.71
C ARG A 32 7.66 4.60 -7.24
N ARG A 33 7.10 3.43 -7.12
CA ARG A 33 7.90 2.26 -6.66
C ARG A 33 6.96 1.09 -6.34
N TYR A 34 7.52 -0.05 -6.02
CA TYR A 34 6.66 -1.23 -5.69
C TYR A 34 7.09 -1.77 -4.34
N ASN A 35 7.74 -0.96 -3.54
CA ASN A 35 8.20 -1.44 -2.22
C ASN A 35 7.14 -1.15 -1.16
N ILE A 36 6.37 -0.12 -1.35
CA ILE A 36 5.31 0.20 -0.35
C ILE A 36 4.27 -0.93 -0.37
N ARG A 37 4.06 -1.51 -1.52
CA ARG A 37 3.07 -2.63 -1.61
C ARG A 37 3.47 -3.69 -0.58
N SER A 38 4.73 -3.97 -0.46
CA SER A 38 5.19 -4.97 0.53
C SER A 38 4.98 -4.38 1.92
N HIS A 39 5.07 -3.08 2.04
CA HIS A 39 4.88 -2.42 3.35
C HIS A 39 3.48 -2.74 3.88
N ILE A 40 2.49 -2.64 3.05
CA ILE A 40 1.12 -2.95 3.53
C ILE A 40 1.00 -4.45 3.70
N GLN A 41 1.76 -5.20 2.98
CA GLN A 41 1.64 -6.68 3.15
C GLN A 41 1.97 -7.04 4.59
N THR A 42 2.74 -6.23 5.27
CA THR A 42 3.06 -6.57 6.67
C THR A 42 2.02 -5.95 7.61
N HIS A 43 1.69 -4.70 7.39
CA HIS A 43 0.68 -4.07 8.27
C HIS A 43 -0.69 -4.12 7.61
N LEU A 44 -0.84 -4.98 6.63
CA LEU A 44 -2.15 -5.12 5.94
C LEU A 44 -2.37 -6.58 5.56
N GLU A 45 -1.43 -7.46 5.83
CA GLU A 45 -1.62 -8.89 5.48
C GLU A 45 -1.09 -9.76 6.62
N ASP A 46 -1.77 -9.80 7.72
CA ASP A 46 -1.31 -10.63 8.87
C ASP A 46 -2.01 -11.99 8.83
N ARG A 47 -2.29 -12.50 7.67
CA ARG A 47 -2.98 -13.82 7.57
C ARG A 47 -2.57 -14.51 6.28
N THR A 1 -7.80 -16.91 -4.70
CA THR A 1 -7.16 -15.60 -4.39
C THR A 1 -6.21 -15.75 -3.20
N LEU A 2 -5.54 -14.70 -2.83
CA LEU A 2 -4.59 -14.78 -1.69
C LEU A 2 -3.67 -13.57 -1.68
N PRO A 3 -3.04 -13.32 -2.81
CA PRO A 3 -2.13 -12.19 -2.95
C PRO A 3 -2.90 -10.89 -3.19
N ARG A 4 -2.28 -9.77 -2.91
CA ARG A 4 -2.95 -8.45 -3.10
C ARG A 4 -4.45 -8.56 -2.77
N GLY A 5 -4.78 -9.27 -1.73
CA GLY A 5 -6.23 -9.42 -1.37
C GLY A 5 -6.76 -8.09 -0.84
N SER A 6 -6.02 -7.43 0.02
CA SER A 6 -6.49 -6.13 0.57
C SER A 6 -5.38 -5.08 0.45
N ILE A 7 -4.43 -5.31 -0.41
CA ILE A 7 -3.31 -4.33 -0.58
C ILE A 7 -3.65 -3.37 -1.72
N ASP A 8 -4.16 -3.88 -2.79
CA ASP A 8 -4.51 -3.01 -3.94
C ASP A 8 -5.71 -2.15 -3.57
N LYS A 9 -6.42 -2.53 -2.54
CA LYS A 9 -7.61 -1.74 -2.11
C LYS A 9 -7.17 -0.66 -1.11
N TYR A 10 -5.90 -0.56 -0.85
CA TYR A 10 -5.41 0.48 0.10
C TYR A 10 -4.09 1.06 -0.40
N VAL A 11 -3.97 1.23 -1.69
CA VAL A 11 -2.71 1.80 -2.24
C VAL A 11 -3.04 2.98 -3.16
N LYS A 12 -2.57 4.15 -2.82
CA LYS A 12 -2.86 5.34 -3.67
C LYS A 12 -1.70 5.59 -4.63
N GLU A 13 -1.70 4.94 -5.76
CA GLU A 13 -0.59 5.14 -6.74
C GLU A 13 -0.87 6.40 -7.56
N MET A 14 -0.07 7.42 -7.39
CA MET A 14 -0.30 8.67 -8.16
C MET A 14 0.57 8.65 -9.42
N PRO A 15 -0.01 9.03 -10.53
CA PRO A 15 0.70 9.05 -11.82
C PRO A 15 1.68 10.22 -11.84
N ASP A 16 1.63 11.06 -10.85
CA ASP A 16 2.57 12.21 -10.79
C ASP A 16 3.83 11.76 -10.05
N LYS A 17 4.00 10.46 -9.89
CA LYS A 17 5.20 9.92 -9.19
C LYS A 17 4.98 10.05 -7.68
N THR A 18 3.95 9.43 -7.16
CA THR A 18 3.70 9.50 -5.71
C THR A 18 3.03 8.22 -5.21
N PHE A 19 2.77 8.14 -3.94
CA PHE A 19 2.11 6.92 -3.39
C PHE A 19 1.50 7.26 -2.02
N GLU A 20 0.44 6.60 -1.65
CA GLU A 20 -0.18 6.91 -0.34
C GLU A 20 -0.92 5.68 0.20
N CYS A 21 -0.32 4.97 1.12
CA CYS A 21 -0.99 3.78 1.69
C CYS A 21 -2.35 4.21 2.25
N LEU A 22 -3.42 3.89 1.58
CA LEU A 22 -4.76 4.31 2.05
C LEU A 22 -5.22 3.45 3.24
N PHE A 23 -4.38 2.61 3.77
CA PHE A 23 -4.81 1.77 4.91
C PHE A 23 -5.12 2.69 6.10
N PRO A 24 -6.17 2.35 6.82
CA PRO A 24 -6.60 3.13 7.99
C PRO A 24 -5.67 2.89 9.17
N GLY A 25 -4.94 3.89 9.56
CA GLY A 25 -3.99 3.74 10.69
C GLY A 25 -2.57 3.98 10.16
N CYS A 26 -2.39 3.87 8.87
CA CYS A 26 -1.05 4.09 8.27
C CYS A 26 -0.70 5.57 8.36
N THR A 27 0.54 5.91 8.10
CA THR A 27 0.94 7.35 8.16
C THR A 27 2.24 7.53 7.38
N LYS A 28 2.48 6.70 6.39
CA LYS A 28 3.73 6.85 5.60
C LYS A 28 3.40 6.84 4.10
N THR A 29 3.74 7.88 3.40
CA THR A 29 3.45 7.93 1.94
C THR A 29 4.77 7.81 1.17
N PHE A 30 4.70 7.35 -0.05
CA PHE A 30 5.96 7.21 -0.84
C PHE A 30 5.76 7.82 -2.23
N LYS A 31 6.53 7.39 -3.20
CA LYS A 31 6.38 7.95 -4.57
C LYS A 31 7.17 7.11 -5.57
N ARG A 32 6.59 6.82 -6.70
CA ARG A 32 7.30 6.00 -7.72
C ARG A 32 8.00 4.83 -7.03
N ARG A 33 7.26 3.88 -6.55
CA ARG A 33 7.88 2.72 -5.86
C ARG A 33 6.81 1.66 -5.55
N TYR A 34 7.02 0.44 -5.97
CA TYR A 34 6.02 -0.62 -5.69
C TYR A 34 6.48 -1.42 -4.48
N ASN A 35 7.35 -0.88 -3.70
CA ASN A 35 7.84 -1.62 -2.51
C ASN A 35 6.96 -1.26 -1.32
N ILE A 36 6.28 -0.14 -1.39
CA ILE A 36 5.39 0.25 -0.27
C ILE A 36 4.24 -0.75 -0.19
N ARG A 37 3.85 -1.29 -1.32
CA ARG A 37 2.75 -2.29 -1.31
C ARG A 37 3.15 -3.43 -0.38
N SER A 38 4.39 -3.84 -0.43
CA SER A 38 4.85 -4.92 0.47
C SER A 38 4.71 -4.43 1.91
N HIS A 39 5.12 -3.22 2.18
CA HIS A 39 5.00 -2.68 3.55
C HIS A 39 3.56 -2.87 4.01
N ILE A 40 2.64 -2.68 3.12
CA ILE A 40 1.21 -2.86 3.48
C ILE A 40 0.97 -4.32 3.82
N GLN A 41 1.12 -5.18 2.86
CA GLN A 41 0.91 -6.63 3.10
C GLN A 41 1.48 -7.03 4.45
N THR A 42 2.48 -6.34 4.92
CA THR A 42 3.04 -6.71 6.24
C THR A 42 2.17 -6.11 7.35
N HIS A 43 1.81 -4.88 7.21
CA HIS A 43 0.95 -4.26 8.24
C HIS A 43 -0.51 -4.30 7.79
N LEU A 44 -0.79 -5.20 6.89
CA LEU A 44 -2.19 -5.37 6.39
C LEU A 44 -2.54 -6.87 6.37
N GLU A 45 -1.55 -7.73 6.29
CA GLU A 45 -1.84 -9.19 6.26
C GLU A 45 -2.00 -9.71 7.69
N ASP A 46 -1.25 -9.19 8.61
CA ASP A 46 -1.37 -9.66 10.03
C ASP A 46 -1.47 -8.45 10.96
N ARG A 47 -0.39 -7.77 11.20
CA ARG A 47 -0.45 -6.58 12.10
C ARG A 47 0.43 -5.46 11.52
N THR A 1 0.14 -15.55 3.28
CA THR A 1 -0.97 -14.66 2.83
C THR A 1 -1.84 -15.40 1.81
N LEU A 2 -2.94 -15.96 2.24
CA LEU A 2 -3.82 -16.70 1.29
C LEU A 2 -4.57 -15.70 0.40
N PRO A 3 -5.21 -14.76 1.03
CA PRO A 3 -5.99 -13.74 0.31
C PRO A 3 -5.06 -12.64 -0.22
N ARG A 4 -5.37 -12.09 -1.36
CA ARG A 4 -4.51 -11.04 -1.95
C ARG A 4 -5.38 -9.83 -2.31
N GLY A 5 -6.41 -9.57 -1.54
CA GLY A 5 -7.29 -8.41 -1.83
C GLY A 5 -7.41 -7.53 -0.59
N SER A 6 -6.42 -7.55 0.25
CA SER A 6 -6.47 -6.71 1.49
C SER A 6 -5.39 -5.63 1.42
N ILE A 7 -4.68 -5.56 0.33
CA ILE A 7 -3.62 -4.53 0.21
C ILE A 7 -3.81 -3.76 -1.09
N ASP A 8 -4.11 -4.44 -2.15
CA ASP A 8 -4.31 -3.75 -3.46
C ASP A 8 -5.51 -2.80 -3.33
N LYS A 9 -6.43 -3.10 -2.46
CA LYS A 9 -7.62 -2.22 -2.30
C LYS A 9 -7.31 -1.16 -1.23
N TYR A 10 -6.06 -0.90 -0.99
CA TYR A 10 -5.69 0.11 0.03
C TYR A 10 -4.38 0.79 -0.37
N VAL A 11 -4.12 0.87 -1.65
CA VAL A 11 -2.85 1.51 -2.11
C VAL A 11 -3.18 2.62 -3.12
N LYS A 12 -2.52 3.73 -3.04
CA LYS A 12 -2.80 4.85 -4.00
C LYS A 12 -1.56 5.15 -4.82
N GLU A 13 -1.68 5.15 -6.12
CA GLU A 13 -0.52 5.45 -6.99
C GLU A 13 -0.68 6.85 -7.61
N MET A 14 0.09 7.80 -7.16
CA MET A 14 -0.05 9.18 -7.72
C MET A 14 0.75 9.28 -9.03
N PRO A 15 0.11 9.83 -10.04
CA PRO A 15 0.75 9.99 -11.37
C PRO A 15 1.80 11.09 -11.31
N ASP A 16 1.86 11.81 -10.22
CA ASP A 16 2.89 12.86 -10.09
C ASP A 16 4.12 12.25 -9.42
N LYS A 17 4.23 10.94 -9.45
CA LYS A 17 5.38 10.25 -8.81
C LYS A 17 5.21 10.26 -7.29
N THR A 18 4.15 9.69 -6.80
CA THR A 18 3.93 9.66 -5.33
C THR A 18 3.16 8.38 -4.95
N PHE A 19 2.87 8.21 -3.69
CA PHE A 19 2.12 7.00 -3.26
C PHE A 19 1.45 7.27 -1.91
N GLU A 20 0.31 6.68 -1.66
CA GLU A 20 -0.36 6.93 -0.36
C GLU A 20 -1.07 5.64 0.11
N CYS A 21 -0.60 5.07 1.18
CA CYS A 21 -1.24 3.84 1.71
C CYS A 21 -2.65 4.18 2.19
N LEU A 22 -3.65 3.78 1.45
CA LEU A 22 -5.06 4.10 1.84
C LEU A 22 -5.47 3.34 3.11
N PHE A 23 -4.60 2.54 3.67
CA PHE A 23 -4.99 1.80 4.91
C PHE A 23 -5.35 2.82 6.01
N PRO A 24 -6.41 2.53 6.73
CA PRO A 24 -6.88 3.41 7.80
C PRO A 24 -5.99 3.25 9.05
N GLY A 25 -5.14 4.20 9.27
CA GLY A 25 -4.23 4.12 10.44
C GLY A 25 -2.80 4.34 9.94
N CYS A 26 -2.59 4.15 8.66
CA CYS A 26 -1.24 4.35 8.09
C CYS A 26 -0.85 5.82 8.16
N THR A 27 0.39 6.13 7.91
CA THR A 27 0.84 7.56 7.96
C THR A 27 2.13 7.70 7.18
N LYS A 28 2.40 6.81 6.25
CA LYS A 28 3.65 6.90 5.46
C LYS A 28 3.32 6.95 3.96
N THR A 29 3.95 7.83 3.24
CA THR A 29 3.67 7.93 1.78
C THR A 29 4.97 7.64 1.01
N PHE A 30 4.86 7.16 -0.20
CA PHE A 30 6.09 6.85 -0.99
C PHE A 30 5.96 7.45 -2.39
N LYS A 31 6.60 6.86 -3.36
CA LYS A 31 6.51 7.40 -4.75
C LYS A 31 6.53 6.24 -5.75
N ARG A 32 6.59 6.54 -7.02
CA ARG A 32 6.60 5.46 -8.05
C ARG A 32 7.53 4.34 -7.60
N ARG A 33 7.01 3.32 -6.97
CA ARG A 33 7.87 2.21 -6.52
C ARG A 33 7.01 0.98 -6.23
N TYR A 34 7.63 -0.13 -5.94
CA TYR A 34 6.86 -1.37 -5.64
C TYR A 34 7.32 -1.91 -4.30
N ASN A 35 7.77 -1.05 -3.43
CA ASN A 35 8.24 -1.54 -2.11
C ASN A 35 7.22 -1.12 -1.05
N ILE A 36 6.44 -0.12 -1.35
CA ILE A 36 5.42 0.33 -0.38
C ILE A 36 4.29 -0.70 -0.37
N ARG A 37 4.03 -1.33 -1.49
CA ARG A 37 2.96 -2.35 -1.52
C ARG A 37 3.28 -3.42 -0.49
N SER A 38 4.50 -3.88 -0.47
CA SER A 38 4.89 -4.90 0.54
C SER A 38 4.75 -4.29 1.93
N HIS A 39 5.03 -3.03 2.04
CA HIS A 39 4.91 -2.35 3.37
C HIS A 39 3.50 -2.61 3.93
N ILE A 40 2.51 -2.56 3.09
CA ILE A 40 1.13 -2.82 3.58
C ILE A 40 1.00 -4.31 3.90
N GLN A 41 1.63 -5.13 3.13
CA GLN A 41 1.53 -6.60 3.38
C GLN A 41 1.98 -6.91 4.81
N THR A 42 2.90 -6.15 5.34
CA THR A 42 3.34 -6.44 6.73
C THR A 42 2.34 -5.85 7.71
N HIS A 43 1.97 -4.62 7.53
CA HIS A 43 1.00 -4.00 8.45
C HIS A 43 -0.40 -4.12 7.87
N LEU A 44 -0.57 -5.06 6.96
CA LEU A 44 -1.90 -5.29 6.35
C LEU A 44 -1.95 -6.71 5.75
N GLU A 45 -0.99 -7.55 6.07
CA GLU A 45 -1.01 -8.93 5.52
C GLU A 45 -2.41 -9.51 5.62
N ASP A 46 -2.84 -9.84 6.81
CA ASP A 46 -4.21 -10.42 6.99
C ASP A 46 -4.40 -10.83 8.45
N ARG A 47 -3.36 -11.30 9.09
CA ARG A 47 -3.48 -11.73 10.51
C ARG A 47 -3.62 -10.50 11.40
N THR A 1 -0.28 -17.32 -6.38
CA THR A 1 -0.24 -18.12 -5.12
C THR A 1 0.14 -17.21 -3.95
N LEU A 2 -0.30 -15.99 -3.96
CA LEU A 2 0.04 -15.06 -2.85
C LEU A 2 -1.24 -14.58 -2.17
N PRO A 3 -1.11 -14.18 -0.94
CA PRO A 3 -2.25 -13.69 -0.13
C PRO A 3 -2.60 -12.25 -0.52
N ARG A 4 -3.76 -12.03 -1.07
CA ARG A 4 -4.15 -10.66 -1.46
C ARG A 4 -5.25 -10.15 -0.53
N GLY A 5 -4.97 -10.00 0.73
CA GLY A 5 -6.01 -9.52 1.68
C GLY A 5 -6.64 -8.22 1.14
N SER A 6 -5.83 -7.29 0.73
CA SER A 6 -6.38 -6.01 0.19
C SER A 6 -5.24 -5.02 -0.04
N ILE A 7 -4.30 -5.39 -0.88
CA ILE A 7 -3.16 -4.47 -1.15
C ILE A 7 -3.59 -3.41 -2.16
N ASP A 8 -4.33 -3.81 -3.16
CA ASP A 8 -4.79 -2.83 -4.18
C ASP A 8 -6.06 -2.12 -3.68
N LYS A 9 -6.46 -2.38 -2.48
CA LYS A 9 -7.68 -1.72 -1.93
C LYS A 9 -7.28 -0.44 -1.18
N TYR A 10 -6.03 -0.07 -1.24
CA TYR A 10 -5.60 1.16 -0.52
C TYR A 10 -4.41 1.79 -1.25
N VAL A 11 -3.52 0.99 -1.76
CA VAL A 11 -2.35 1.54 -2.49
C VAL A 11 -2.81 2.64 -3.46
N LYS A 12 -2.45 3.87 -3.19
CA LYS A 12 -2.87 4.97 -4.10
C LYS A 12 -1.64 5.56 -4.79
N GLU A 13 -1.43 5.22 -6.03
CA GLU A 13 -0.23 5.75 -6.76
C GLU A 13 -0.62 7.04 -7.50
N MET A 14 0.08 8.11 -7.27
CA MET A 14 -0.25 9.38 -7.96
C MET A 14 0.55 9.47 -9.27
N PRO A 15 -0.03 10.11 -10.25
CA PRO A 15 0.60 10.29 -11.57
C PRO A 15 1.76 11.28 -11.47
N ASP A 16 1.90 11.92 -10.36
CA ASP A 16 3.02 12.88 -10.19
C ASP A 16 4.20 12.12 -9.57
N LYS A 17 4.19 10.81 -9.67
CA LYS A 17 5.27 9.99 -9.09
C LYS A 17 5.14 10.00 -7.57
N THR A 18 4.01 9.62 -7.06
CA THR A 18 3.82 9.60 -5.59
C THR A 18 3.09 8.32 -5.17
N PHE A 19 2.86 8.16 -3.90
CA PHE A 19 2.15 6.95 -3.41
C PHE A 19 1.52 7.25 -2.04
N GLU A 20 0.42 6.62 -1.72
CA GLU A 20 -0.23 6.90 -0.41
C GLU A 20 -1.00 5.67 0.06
N CYS A 21 -0.52 5.02 1.09
CA CYS A 21 -1.23 3.83 1.63
C CYS A 21 -2.58 4.29 2.20
N LEU A 22 -3.65 4.03 1.51
CA LEU A 22 -4.98 4.48 2.01
C LEU A 22 -5.45 3.60 3.17
N PHE A 23 -4.62 2.70 3.63
CA PHE A 23 -5.05 1.83 4.77
C PHE A 23 -5.41 2.71 5.96
N PRO A 24 -6.44 2.34 6.66
CA PRO A 24 -6.90 3.08 7.84
C PRO A 24 -5.95 2.84 9.02
N GLY A 25 -5.27 3.86 9.45
CA GLY A 25 -4.31 3.69 10.57
C GLY A 25 -2.90 3.92 10.03
N CYS A 26 -2.72 3.79 8.75
CA CYS A 26 -1.37 3.99 8.16
C CYS A 26 -0.96 5.45 8.34
N THR A 27 0.30 5.75 8.11
CA THR A 27 0.77 7.15 8.26
C THR A 27 2.07 7.34 7.47
N LYS A 28 2.24 6.58 6.42
CA LYS A 28 3.50 6.71 5.61
C LYS A 28 3.15 6.75 4.12
N THR A 29 3.82 7.58 3.37
CA THR A 29 3.54 7.67 1.91
C THR A 29 4.85 7.45 1.14
N PHE A 30 4.77 7.06 -0.10
CA PHE A 30 6.02 6.83 -0.89
C PHE A 30 5.87 7.43 -2.29
N LYS A 31 6.59 6.93 -3.25
CA LYS A 31 6.49 7.48 -4.63
C LYS A 31 6.47 6.34 -5.64
N ARG A 32 6.43 6.66 -6.91
CA ARG A 32 6.40 5.60 -7.96
C ARG A 32 7.37 4.49 -7.59
N ARG A 33 6.87 3.36 -7.17
CA ARG A 33 7.77 2.23 -6.79
C ARG A 33 6.93 0.99 -6.51
N TYR A 34 7.51 -0.01 -5.91
CA TYR A 34 6.75 -1.25 -5.59
C TYR A 34 7.25 -1.81 -4.27
N ASN A 35 7.73 -0.96 -3.41
CA ASN A 35 8.24 -1.46 -2.12
C ASN A 35 7.22 -1.13 -1.03
N ILE A 36 6.36 -0.20 -1.30
CA ILE A 36 5.33 0.18 -0.29
C ILE A 36 4.25 -0.91 -0.31
N ARG A 37 3.95 -1.45 -1.46
CA ARG A 37 2.93 -2.52 -1.52
C ARG A 37 3.30 -3.60 -0.52
N SER A 38 4.57 -3.87 -0.38
CA SER A 38 5.01 -4.89 0.60
C SER A 38 4.83 -4.30 2.00
N HIS A 39 5.13 -3.05 2.16
CA HIS A 39 4.95 -2.40 3.49
C HIS A 39 3.53 -2.67 3.98
N ILE A 40 2.60 -2.68 3.08
CA ILE A 40 1.20 -2.94 3.49
C ILE A 40 1.08 -4.43 3.85
N GLN A 41 1.43 -5.28 2.94
CA GLN A 41 1.33 -6.74 3.23
C GLN A 41 1.87 -7.05 4.62
N THR A 42 2.83 -6.31 5.10
CA THR A 42 3.33 -6.62 6.46
C THR A 42 2.40 -6.01 7.50
N HIS A 43 1.97 -4.81 7.28
CA HIS A 43 1.04 -4.19 8.26
C HIS A 43 -0.38 -4.32 7.72
N LEU A 44 -0.58 -5.30 6.88
CA LEU A 44 -1.91 -5.56 6.30
C LEU A 44 -2.25 -7.05 6.45
N GLU A 45 -1.25 -7.90 6.50
CA GLU A 45 -1.52 -9.35 6.65
C GLU A 45 -2.40 -9.58 7.90
N ASP A 46 -2.29 -8.71 8.87
CA ASP A 46 -3.11 -8.88 10.11
C ASP A 46 -3.78 -7.55 10.46
N ARG A 47 -4.40 -6.91 9.49
CA ARG A 47 -5.07 -5.61 9.78
C ARG A 47 -4.07 -4.65 10.41
N THR A 1 -4.99 -19.23 4.49
CA THR A 1 -4.79 -17.77 4.25
C THR A 1 -4.01 -17.56 2.95
N LEU A 2 -4.26 -16.48 2.26
CA LEU A 2 -3.54 -16.23 0.98
C LEU A 2 -3.11 -14.76 0.92
N PRO A 3 -2.13 -14.49 0.09
CA PRO A 3 -1.60 -13.13 -0.08
C PRO A 3 -2.54 -12.30 -0.97
N ARG A 4 -2.51 -11.01 -0.82
CA ARG A 4 -3.40 -10.14 -1.65
C ARG A 4 -4.85 -10.28 -1.13
N GLY A 5 -5.10 -9.81 0.06
CA GLY A 5 -6.48 -9.90 0.61
C GLY A 5 -7.20 -8.56 0.45
N SER A 6 -6.67 -7.52 1.02
CA SER A 6 -7.33 -6.19 0.90
C SER A 6 -6.26 -5.09 0.85
N ILE A 7 -5.06 -5.44 0.46
CA ILE A 7 -3.99 -4.41 0.38
C ILE A 7 -4.14 -3.60 -0.90
N ASP A 8 -4.36 -4.26 -1.99
CA ASP A 8 -4.52 -3.53 -3.28
C ASP A 8 -5.66 -2.52 -3.16
N LYS A 9 -6.60 -2.77 -2.29
CA LYS A 9 -7.74 -1.82 -2.11
C LYS A 9 -7.39 -0.80 -1.03
N TYR A 10 -6.13 -0.51 -0.86
CA TYR A 10 -5.72 0.48 0.17
C TYR A 10 -4.36 1.06 -0.21
N VAL A 11 -4.06 1.08 -1.48
CA VAL A 11 -2.75 1.64 -1.92
C VAL A 11 -2.99 2.73 -2.98
N LYS A 12 -2.60 3.94 -2.70
CA LYS A 12 -2.81 5.04 -3.68
C LYS A 12 -1.55 5.20 -4.53
N GLU A 13 -1.52 4.56 -5.68
CA GLU A 13 -0.31 4.68 -6.55
C GLU A 13 -0.44 5.92 -7.44
N MET A 14 0.46 6.86 -7.29
CA MET A 14 0.39 8.09 -8.13
C MET A 14 1.43 7.98 -9.26
N PRO A 15 0.98 8.19 -10.47
CA PRO A 15 1.86 8.11 -11.65
C PRO A 15 2.81 9.32 -11.68
N ASP A 16 2.62 10.24 -10.77
CA ASP A 16 3.52 11.42 -10.72
C ASP A 16 4.66 11.12 -9.77
N LYS A 17 4.89 9.85 -9.47
CA LYS A 17 5.98 9.47 -8.53
C LYS A 17 5.52 9.77 -7.11
N THR A 18 4.46 9.15 -6.69
CA THR A 18 3.95 9.39 -5.32
C THR A 18 3.18 8.16 -4.85
N PHE A 19 2.78 8.15 -3.61
CA PHE A 19 2.02 6.98 -3.08
C PHE A 19 1.31 7.37 -1.79
N GLU A 20 0.18 6.79 -1.51
CA GLU A 20 -0.54 7.14 -0.26
C GLU A 20 -1.26 5.91 0.29
N CYS A 21 -0.64 5.20 1.19
CA CYS A 21 -1.28 3.99 1.77
C CYS A 21 -2.64 4.39 2.35
N LEU A 22 -3.71 4.06 1.67
CA LEU A 22 -5.06 4.42 2.18
C LEU A 22 -5.46 3.51 3.35
N PHE A 23 -4.59 2.64 3.78
CA PHE A 23 -4.96 1.74 4.91
C PHE A 23 -5.38 2.61 6.11
N PRO A 24 -6.40 2.16 6.80
CA PRO A 24 -6.93 2.88 7.97
C PRO A 24 -6.03 2.67 9.18
N GLY A 25 -5.23 3.65 9.49
CA GLY A 25 -4.29 3.52 10.63
C GLY A 25 -2.89 3.84 10.13
N CYS A 26 -2.70 3.80 8.84
CA CYS A 26 -1.36 4.10 8.26
C CYS A 26 -1.11 5.62 8.33
N THR A 27 0.09 6.04 8.08
CA THR A 27 0.39 7.50 8.11
C THR A 27 1.70 7.76 7.37
N LYS A 28 2.05 6.92 6.44
CA LYS A 28 3.32 7.13 5.69
C LYS A 28 3.05 7.14 4.19
N THR A 29 3.58 8.11 3.49
CA THR A 29 3.38 8.18 2.02
C THR A 29 4.73 7.96 1.33
N PHE A 30 4.73 7.60 0.08
CA PHE A 30 6.02 7.36 -0.62
C PHE A 30 5.95 7.92 -2.04
N LYS A 31 6.98 7.70 -2.82
CA LYS A 31 7.00 8.22 -4.22
C LYS A 31 8.09 7.50 -5.01
N ARG A 32 7.71 6.71 -5.99
CA ARG A 32 8.74 5.99 -6.81
C ARG A 32 8.08 4.80 -7.52
N ARG A 33 8.05 3.66 -6.88
CA ARG A 33 7.44 2.46 -7.52
C ARG A 33 6.37 1.86 -6.61
N TYR A 34 5.96 0.66 -6.87
CA TYR A 34 4.90 0.02 -6.02
C TYR A 34 5.58 -0.75 -4.90
N ASN A 35 6.63 -0.24 -4.35
CA ASN A 35 7.31 -0.97 -3.25
C ASN A 35 6.52 -0.77 -1.97
N ILE A 36 5.83 0.34 -1.87
CA ILE A 36 5.02 0.59 -0.65
C ILE A 36 3.93 -0.49 -0.59
N ARG A 37 3.56 -1.02 -1.72
CA ARG A 37 2.52 -2.09 -1.73
C ARG A 37 3.00 -3.22 -0.82
N SER A 38 4.28 -3.46 -0.79
CA SER A 38 4.82 -4.52 0.10
C SER A 38 4.78 -3.98 1.52
N HIS A 39 5.05 -2.71 1.68
CA HIS A 39 5.00 -2.10 3.03
C HIS A 39 3.64 -2.40 3.66
N ILE A 40 2.60 -2.34 2.89
CA ILE A 40 1.26 -2.64 3.46
C ILE A 40 1.18 -4.14 3.69
N GLN A 41 1.61 -4.92 2.74
CA GLN A 41 1.56 -6.39 2.93
C GLN A 41 2.12 -6.74 4.31
N THR A 42 3.03 -5.96 4.81
CA THR A 42 3.57 -6.28 6.16
C THR A 42 2.57 -5.83 7.21
N HIS A 43 2.17 -4.60 7.17
CA HIS A 43 1.19 -4.11 8.16
C HIS A 43 -0.21 -4.24 7.56
N LEU A 44 -0.37 -5.18 6.66
CA LEU A 44 -1.68 -5.40 6.02
C LEU A 44 -1.81 -6.86 5.55
N GLU A 45 -0.79 -7.67 5.72
CA GLU A 45 -0.90 -9.09 5.27
C GLU A 45 -2.26 -9.66 5.68
N ASP A 46 -2.70 -9.38 6.87
CA ASP A 46 -4.01 -9.90 7.32
C ASP A 46 -4.45 -9.16 8.59
N ARG A 47 -3.53 -8.88 9.47
CA ARG A 47 -3.90 -8.16 10.73
C ARG A 47 -3.54 -6.67 10.57
N THR A 1 -7.49 -15.24 -10.04
CA THR A 1 -7.86 -13.84 -9.73
C THR A 1 -6.59 -12.99 -9.58
N LEU A 2 -6.53 -11.89 -10.28
CA LEU A 2 -5.31 -11.03 -10.18
C LEU A 2 -4.94 -10.84 -8.72
N PRO A 3 -3.73 -10.38 -8.50
CA PRO A 3 -3.21 -10.15 -7.14
C PRO A 3 -3.76 -8.83 -6.58
N ARG A 4 -4.79 -8.91 -5.79
CA ARG A 4 -5.38 -7.67 -5.20
C ARG A 4 -6.49 -8.04 -4.22
N GLY A 5 -6.13 -8.60 -3.10
CA GLY A 5 -7.16 -8.98 -2.10
C GLY A 5 -7.28 -7.88 -1.03
N SER A 6 -6.40 -6.92 -1.06
CA SER A 6 -6.46 -5.83 -0.05
C SER A 6 -5.32 -4.85 -0.29
N ILE A 7 -4.21 -5.32 -0.77
CA ILE A 7 -3.05 -4.41 -1.03
C ILE A 7 -3.48 -3.34 -2.04
N ASP A 8 -4.14 -3.72 -3.08
CA ASP A 8 -4.59 -2.74 -4.10
C ASP A 8 -5.83 -2.00 -3.57
N LYS A 9 -6.41 -2.48 -2.51
CA LYS A 9 -7.62 -1.81 -1.95
C LYS A 9 -7.19 -0.76 -0.92
N TYR A 10 -5.91 -0.57 -0.74
CA TYR A 10 -5.44 0.43 0.25
C TYR A 10 -4.14 1.07 -0.24
N VAL A 11 -3.89 1.01 -1.53
CA VAL A 11 -2.63 1.62 -2.07
C VAL A 11 -2.99 2.76 -3.01
N LYS A 12 -2.45 3.93 -2.80
CA LYS A 12 -2.77 5.07 -3.69
C LYS A 12 -1.58 5.38 -4.60
N GLU A 13 -1.46 4.67 -5.70
CA GLU A 13 -0.32 4.92 -6.63
C GLU A 13 -0.67 6.13 -7.51
N MET A 14 -0.03 7.25 -7.29
CA MET A 14 -0.34 8.45 -8.12
C MET A 14 0.56 8.47 -9.36
N PRO A 15 -0.04 8.78 -10.49
CA PRO A 15 0.68 8.84 -11.77
C PRO A 15 1.60 10.06 -11.80
N ASP A 16 1.52 10.89 -10.79
CA ASP A 16 2.40 12.09 -10.74
C ASP A 16 3.67 11.70 -9.99
N LYS A 17 3.94 10.42 -9.88
CA LYS A 17 5.16 9.94 -9.16
C LYS A 17 4.95 10.09 -7.66
N THR A 18 3.94 9.45 -7.13
CA THR A 18 3.69 9.55 -5.67
C THR A 18 3.03 8.26 -5.18
N PHE A 19 2.74 8.17 -3.91
CA PHE A 19 2.09 6.96 -3.36
C PHE A 19 1.49 7.28 -1.99
N GLU A 20 0.39 6.68 -1.64
CA GLU A 20 -0.22 6.99 -0.32
C GLU A 20 -0.98 5.77 0.21
N CYS A 21 -0.43 5.11 1.18
CA CYS A 21 -1.12 3.93 1.77
C CYS A 21 -2.41 4.43 2.44
N LEU A 22 -3.53 4.29 1.80
CA LEU A 22 -4.80 4.80 2.39
C LEU A 22 -5.27 3.86 3.51
N PHE A 23 -4.51 2.88 3.88
CA PHE A 23 -4.95 1.97 4.97
C PHE A 23 -5.32 2.82 6.19
N PRO A 24 -6.36 2.41 6.89
CA PRO A 24 -6.83 3.12 8.08
C PRO A 24 -5.93 2.84 9.26
N GLY A 25 -5.04 3.75 9.56
CA GLY A 25 -4.10 3.56 10.69
C GLY A 25 -2.68 3.81 10.16
N CYS A 26 -2.52 3.79 8.87
CA CYS A 26 -1.18 4.04 8.28
C CYS A 26 -0.83 5.53 8.38
N THR A 27 0.40 5.88 8.12
CA THR A 27 0.80 7.31 8.18
C THR A 27 2.08 7.52 7.37
N LYS A 28 2.28 6.71 6.36
CA LYS A 28 3.52 6.87 5.53
C LYS A 28 3.13 7.01 4.05
N THR A 29 3.92 7.74 3.30
CA THR A 29 3.62 7.93 1.86
C THR A 29 4.89 7.72 1.05
N PHE A 30 4.79 7.22 -0.15
CA PHE A 30 6.01 6.99 -0.97
C PHE A 30 5.83 7.61 -2.36
N LYS A 31 6.78 7.44 -3.23
CA LYS A 31 6.66 8.03 -4.60
C LYS A 31 7.30 7.10 -5.62
N ARG A 32 6.59 6.79 -6.68
CA ARG A 32 7.15 5.89 -7.73
C ARG A 32 7.88 4.73 -7.07
N ARG A 33 7.19 3.65 -6.80
CA ARG A 33 7.85 2.49 -6.16
C ARG A 33 6.79 1.45 -5.75
N TYR A 34 7.00 0.21 -6.10
CA TYR A 34 6.02 -0.84 -5.74
C TYR A 34 6.55 -1.58 -4.52
N ASN A 35 7.30 -0.91 -3.70
CA ASN A 35 7.84 -1.59 -2.51
C ASN A 35 6.94 -1.30 -1.32
N ILE A 36 6.30 -0.16 -1.34
CA ILE A 36 5.38 0.20 -0.22
C ILE A 36 4.29 -0.88 -0.16
N ARG A 37 3.95 -1.44 -1.29
CA ARG A 37 2.91 -2.51 -1.30
C ARG A 37 3.29 -3.55 -0.25
N SER A 38 4.51 -4.02 -0.30
CA SER A 38 4.95 -5.03 0.70
C SER A 38 4.85 -4.40 2.09
N HIS A 39 5.14 -3.13 2.20
CA HIS A 39 5.05 -2.46 3.52
C HIS A 39 3.65 -2.71 4.08
N ILE A 40 2.65 -2.60 3.26
CA ILE A 40 1.28 -2.84 3.75
C ILE A 40 1.18 -4.31 4.13
N GLN A 41 1.38 -5.18 3.19
CA GLN A 41 1.30 -6.64 3.46
C GLN A 41 1.89 -6.93 4.85
N THR A 42 2.83 -6.15 5.29
CA THR A 42 3.39 -6.41 6.63
C THR A 42 2.42 -5.88 7.67
N HIS A 43 2.00 -4.65 7.53
CA HIS A 43 1.04 -4.09 8.50
C HIS A 43 -0.37 -4.24 7.95
N LEU A 44 -0.54 -5.21 7.08
CA LEU A 44 -1.87 -5.48 6.48
C LEU A 44 -2.05 -6.99 6.26
N GLU A 45 -1.01 -7.78 6.49
CA GLU A 45 -1.15 -9.26 6.29
C GLU A 45 -2.49 -9.74 6.84
N ASP A 46 -2.65 -9.71 8.14
CA ASP A 46 -3.94 -10.16 8.75
C ASP A 46 -3.80 -10.18 10.27
N ARG A 47 -4.06 -9.06 10.91
CA ARG A 47 -3.95 -9.03 12.39
C ARG A 47 -5.30 -8.64 13.00
N THR A 1 -7.51 -19.05 -7.16
CA THR A 1 -7.33 -18.40 -5.84
C THR A 1 -6.96 -16.93 -6.05
N LEU A 2 -5.88 -16.66 -6.73
CA LEU A 2 -5.47 -15.25 -6.96
C LEU A 2 -5.60 -14.46 -5.66
N PRO A 3 -4.58 -14.56 -4.84
CA PRO A 3 -4.53 -13.86 -3.54
C PRO A 3 -4.18 -12.38 -3.73
N ARG A 4 -5.16 -11.53 -3.74
CA ARG A 4 -4.89 -10.08 -3.93
C ARG A 4 -6.19 -9.28 -3.80
N GLY A 5 -6.66 -9.10 -2.59
CA GLY A 5 -7.93 -8.35 -2.41
C GLY A 5 -7.81 -7.45 -1.17
N SER A 6 -6.62 -7.07 -0.82
CA SER A 6 -6.42 -6.20 0.37
C SER A 6 -5.37 -5.14 0.08
N ILE A 7 -4.35 -5.49 -0.65
CA ILE A 7 -3.28 -4.50 -0.98
C ILE A 7 -3.88 -3.38 -1.83
N ASP A 8 -4.46 -3.73 -2.94
CA ASP A 8 -5.07 -2.70 -3.82
C ASP A 8 -6.25 -2.04 -3.10
N LYS A 9 -6.70 -2.63 -2.02
CA LYS A 9 -7.84 -2.04 -1.27
C LYS A 9 -7.33 -0.94 -0.33
N TYR A 10 -6.08 -0.59 -0.44
CA TYR A 10 -5.53 0.47 0.45
C TYR A 10 -4.24 1.02 -0.15
N VAL A 11 -4.14 1.05 -1.45
CA VAL A 11 -2.91 1.58 -2.11
C VAL A 11 -3.27 2.65 -3.13
N LYS A 12 -2.71 3.82 -3.00
CA LYS A 12 -3.03 4.91 -3.98
C LYS A 12 -1.77 5.26 -4.78
N GLU A 13 -1.74 4.91 -6.03
CA GLU A 13 -0.55 5.22 -6.86
C GLU A 13 -0.83 6.43 -7.76
N MET A 14 0.06 7.38 -7.80
CA MET A 14 -0.16 8.58 -8.65
C MET A 14 0.86 8.57 -9.79
N PRO A 15 0.42 8.99 -10.96
CA PRO A 15 1.27 9.03 -12.16
C PRO A 15 2.28 10.17 -12.05
N ASP A 16 2.11 11.03 -11.10
CA ASP A 16 3.08 12.14 -10.92
C ASP A 16 4.23 11.65 -10.05
N LYS A 17 4.31 10.36 -9.84
CA LYS A 17 5.39 9.77 -8.99
C LYS A 17 5.01 9.94 -7.52
N THR A 18 3.87 9.43 -7.13
CA THR A 18 3.45 9.57 -5.72
C THR A 18 2.84 8.25 -5.22
N PHE A 19 2.51 8.19 -3.96
CA PHE A 19 1.92 6.94 -3.40
C PHE A 19 1.29 7.27 -2.05
N GLU A 20 0.23 6.58 -1.69
CA GLU A 20 -0.41 6.88 -0.38
C GLU A 20 -1.13 5.62 0.14
N CYS A 21 -0.64 5.06 1.21
CA CYS A 21 -1.28 3.86 1.79
C CYS A 21 -2.63 4.27 2.41
N LEU A 22 -3.71 3.93 1.77
CA LEU A 22 -5.04 4.34 2.31
C LEU A 22 -5.43 3.47 3.52
N PHE A 23 -4.54 2.64 3.99
CA PHE A 23 -4.90 1.79 5.16
C PHE A 23 -5.24 2.68 6.36
N PRO A 24 -6.25 2.29 7.09
CA PRO A 24 -6.69 3.06 8.27
C PRO A 24 -5.71 2.87 9.42
N GLY A 25 -5.05 3.93 9.82
CA GLY A 25 -4.05 3.82 10.91
C GLY A 25 -2.67 4.04 10.32
N CYS A 26 -2.53 3.83 9.04
CA CYS A 26 -1.20 4.03 8.38
C CYS A 26 -0.81 5.50 8.46
N THR A 27 0.43 5.81 8.20
CA THR A 27 0.87 7.22 8.25
C THR A 27 2.15 7.39 7.43
N LYS A 28 2.28 6.65 6.35
CA LYS A 28 3.50 6.76 5.52
C LYS A 28 3.12 6.90 4.04
N THR A 29 3.84 7.71 3.31
CA THR A 29 3.53 7.89 1.86
C THR A 29 4.80 7.64 1.05
N PHE A 30 4.66 7.35 -0.22
CA PHE A 30 5.87 7.10 -1.06
C PHE A 30 5.70 7.77 -2.42
N LYS A 31 6.65 7.59 -3.30
CA LYS A 31 6.55 8.21 -4.64
C LYS A 31 7.05 7.22 -5.70
N ARG A 32 6.16 6.73 -6.54
CA ARG A 32 6.59 5.76 -7.59
C ARG A 32 7.58 4.75 -7.00
N ARG A 33 7.09 3.70 -6.42
CA ARG A 33 8.00 2.68 -5.82
C ARG A 33 7.24 1.38 -5.58
N TYR A 34 7.90 0.26 -5.70
CA TYR A 34 7.21 -1.05 -5.47
C TYR A 34 7.65 -1.58 -4.11
N ASN A 35 8.01 -0.71 -3.21
CA ASN A 35 8.43 -1.18 -1.88
C ASN A 35 7.35 -0.84 -0.86
N ILE A 36 6.51 0.10 -1.21
CA ILE A 36 5.42 0.48 -0.28
C ILE A 36 4.33 -0.59 -0.35
N ARG A 37 4.10 -1.15 -1.49
CA ARG A 37 3.07 -2.21 -1.62
C ARG A 37 3.40 -3.32 -0.63
N SER A 38 4.66 -3.68 -0.54
CA SER A 38 5.05 -4.75 0.42
C SER A 38 4.89 -4.19 1.84
N HIS A 39 5.12 -2.91 2.01
CA HIS A 39 4.97 -2.29 3.35
C HIS A 39 3.56 -2.58 3.87
N ILE A 40 2.59 -2.57 3.02
CA ILE A 40 1.21 -2.85 3.51
C ILE A 40 1.12 -4.34 3.82
N GLN A 41 1.50 -5.16 2.88
CA GLN A 41 1.43 -6.62 3.13
C GLN A 41 1.97 -6.97 4.51
N THR A 42 2.89 -6.22 5.03
CA THR A 42 3.39 -6.57 6.39
C THR A 42 2.43 -6.01 7.44
N HIS A 43 1.99 -4.80 7.27
CA HIS A 43 1.05 -4.22 8.24
C HIS A 43 -0.36 -4.32 7.66
N LEU A 44 -0.55 -5.28 6.79
CA LEU A 44 -1.87 -5.49 6.16
C LEU A 44 -2.18 -6.99 6.12
N GLU A 45 -1.18 -7.84 6.10
CA GLU A 45 -1.44 -9.30 6.08
C GLU A 45 -2.14 -9.71 7.38
N ASP A 46 -1.85 -9.04 8.46
CA ASP A 46 -2.49 -9.41 9.76
C ASP A 46 -3.15 -8.15 10.37
N ARG A 47 -2.38 -7.32 11.00
CA ARG A 47 -2.95 -6.09 11.61
C ARG A 47 -3.39 -5.13 10.51
N THR A 1 -1.86 -18.40 6.61
CA THR A 1 -1.06 -17.15 6.47
C THR A 1 -0.81 -16.86 4.99
N LEU A 2 -1.86 -16.71 4.22
CA LEU A 2 -1.67 -16.42 2.77
C LEU A 2 -2.67 -15.34 2.33
N PRO A 3 -2.55 -14.18 2.92
CA PRO A 3 -3.41 -13.03 2.61
C PRO A 3 -3.00 -12.38 1.30
N ARG A 4 -3.93 -11.83 0.56
CA ARG A 4 -3.59 -11.18 -0.73
C ARG A 4 -4.86 -10.71 -1.43
N GLY A 5 -5.76 -10.09 -0.71
CA GLY A 5 -7.02 -9.61 -1.33
C GLY A 5 -7.59 -8.44 -0.53
N SER A 6 -6.79 -7.81 0.29
CA SER A 6 -7.29 -6.67 1.09
C SER A 6 -6.23 -5.58 1.16
N ILE A 7 -5.16 -5.73 0.42
CA ILE A 7 -4.09 -4.70 0.45
C ILE A 7 -4.20 -3.81 -0.79
N ASP A 8 -4.33 -4.42 -1.93
CA ASP A 8 -4.45 -3.61 -3.18
C ASP A 8 -5.57 -2.59 -3.04
N LYS A 9 -6.46 -2.79 -2.10
CA LYS A 9 -7.58 -1.83 -1.92
C LYS A 9 -7.15 -0.69 -0.99
N TYR A 10 -5.87 -0.43 -0.90
CA TYR A 10 -5.39 0.66 -0.02
C TYR A 10 -4.08 1.22 -0.57
N VAL A 11 -3.97 1.32 -1.87
CA VAL A 11 -2.74 1.86 -2.49
C VAL A 11 -3.10 3.02 -3.41
N LYS A 12 -2.58 4.19 -3.12
CA LYS A 12 -2.89 5.37 -3.98
C LYS A 12 -1.68 5.70 -4.86
N GLU A 13 -1.71 5.30 -6.10
CA GLU A 13 -0.57 5.60 -7.00
C GLU A 13 -0.73 7.00 -7.60
N MET A 14 0.25 7.84 -7.43
CA MET A 14 0.16 9.21 -7.98
C MET A 14 1.01 9.30 -9.26
N PRO A 15 0.44 9.85 -10.30
CA PRO A 15 1.13 10.01 -11.59
C PRO A 15 2.19 11.09 -11.49
N ASP A 16 2.17 11.86 -10.44
CA ASP A 16 3.20 12.92 -10.29
C ASP A 16 4.41 12.32 -9.56
N LYS A 17 4.48 11.02 -9.49
CA LYS A 17 5.60 10.33 -8.81
C LYS A 17 5.37 10.35 -7.30
N THR A 18 4.24 9.84 -6.86
CA THR A 18 3.95 9.82 -5.41
C THR A 18 3.19 8.56 -5.04
N PHE A 19 2.90 8.37 -3.79
CA PHE A 19 2.15 7.16 -3.35
C PHE A 19 1.51 7.43 -1.99
N GLU A 20 0.34 6.91 -1.74
CA GLU A 20 -0.31 7.15 -0.43
C GLU A 20 -1.07 5.92 0.03
N CYS A 21 -0.54 5.20 0.98
CA CYS A 21 -1.23 3.98 1.49
C CYS A 21 -2.58 4.39 2.08
N LEU A 22 -3.66 4.06 1.42
CA LEU A 22 -5.01 4.47 1.91
C LEU A 22 -5.45 3.56 3.07
N PHE A 23 -4.59 2.69 3.53
CA PHE A 23 -4.99 1.80 4.65
C PHE A 23 -5.39 2.66 5.85
N PRO A 24 -6.43 2.24 6.54
CA PRO A 24 -6.93 2.98 7.71
C PRO A 24 -6.00 2.78 8.90
N GLY A 25 -5.36 3.83 9.33
CA GLY A 25 -4.41 3.72 10.47
C GLY A 25 -2.99 3.94 9.95
N CYS A 26 -2.80 3.77 8.66
CA CYS A 26 -1.45 3.97 8.08
C CYS A 26 -1.08 5.45 8.15
N THR A 27 0.18 5.77 7.98
CA THR A 27 0.61 7.19 8.02
C THR A 27 1.93 7.34 7.26
N LYS A 28 2.09 6.62 6.18
CA LYS A 28 3.35 6.72 5.40
C LYS A 28 3.03 6.97 3.92
N THR A 29 3.91 7.64 3.22
CA THR A 29 3.68 7.91 1.78
C THR A 29 4.98 7.70 1.01
N PHE A 30 4.91 7.22 -0.19
CA PHE A 30 6.16 6.97 -0.98
C PHE A 30 6.02 7.55 -2.39
N LYS A 31 6.84 7.13 -3.30
CA LYS A 31 6.76 7.66 -4.68
C LYS A 31 6.56 6.51 -5.67
N ARG A 32 6.73 6.76 -6.95
CA ARG A 32 6.55 5.68 -7.96
C ARG A 32 7.44 4.49 -7.60
N ARG A 33 6.86 3.39 -7.25
CA ARG A 33 7.68 2.19 -6.89
C ARG A 33 6.76 1.03 -6.55
N TYR A 34 7.31 -0.09 -6.15
CA TYR A 34 6.46 -1.26 -5.79
C TYR A 34 6.94 -1.82 -4.46
N ASN A 35 7.65 -1.04 -3.70
CA ASN A 35 8.16 -1.54 -2.40
C ASN A 35 7.14 -1.21 -1.31
N ILE A 36 6.37 -0.18 -1.50
CA ILE A 36 5.36 0.19 -0.48
C ILE A 36 4.29 -0.91 -0.44
N ARG A 37 4.05 -1.54 -1.55
CA ARG A 37 3.04 -2.63 -1.57
C ARG A 37 3.48 -3.71 -0.60
N SER A 38 4.76 -3.86 -0.43
CA SER A 38 5.26 -4.88 0.53
C SER A 38 5.14 -4.28 1.93
N HIS A 39 5.19 -2.97 2.03
CA HIS A 39 5.07 -2.30 3.35
C HIS A 39 3.70 -2.62 3.94
N ILE A 40 2.67 -2.52 3.14
CA ILE A 40 1.32 -2.81 3.68
C ILE A 40 1.26 -4.29 4.02
N GLN A 41 1.58 -5.13 3.09
CA GLN A 41 1.55 -6.60 3.36
C GLN A 41 2.08 -6.86 4.76
N THR A 42 2.95 -6.03 5.25
CA THR A 42 3.46 -6.25 6.62
C THR A 42 2.42 -5.74 7.62
N HIS A 43 1.94 -4.56 7.43
CA HIS A 43 0.93 -4.02 8.35
C HIS A 43 -0.46 -4.23 7.76
N LEU A 44 -0.57 -5.24 6.92
CA LEU A 44 -1.88 -5.58 6.30
C LEU A 44 -2.05 -7.10 6.26
N GLU A 45 -0.97 -7.86 6.35
CA GLU A 45 -1.10 -9.34 6.31
C GLU A 45 -1.95 -9.80 7.50
N ASP A 46 -1.94 -9.07 8.58
CA ASP A 46 -2.75 -9.47 9.76
C ASP A 46 -4.23 -9.51 9.39
N ARG A 47 -4.81 -8.37 9.12
CA ARG A 47 -6.25 -8.34 8.75
C ARG A 47 -6.47 -9.13 7.46
N THR A 1 1.46 -15.18 -8.64
CA THR A 1 0.28 -14.35 -9.04
C THR A 1 -1.00 -15.00 -8.52
N LEU A 2 -1.66 -14.35 -7.60
CA LEU A 2 -2.92 -14.93 -7.05
C LEU A 2 -3.32 -14.17 -5.78
N PRO A 3 -2.40 -14.08 -4.86
CA PRO A 3 -2.62 -13.40 -3.58
C PRO A 3 -2.48 -11.88 -3.77
N ARG A 4 -3.58 -11.18 -3.87
CA ARG A 4 -3.51 -9.71 -4.06
C ARG A 4 -4.91 -9.11 -3.93
N GLY A 5 -5.56 -9.30 -2.81
CA GLY A 5 -6.92 -8.74 -2.63
C GLY A 5 -6.99 -7.98 -1.30
N SER A 6 -6.05 -7.11 -1.04
CA SER A 6 -6.06 -6.35 0.23
C SER A 6 -5.21 -5.09 0.09
N ILE A 7 -4.06 -5.22 -0.52
CA ILE A 7 -3.16 -4.04 -0.70
C ILE A 7 -3.73 -3.14 -1.80
N ASP A 8 -4.49 -3.70 -2.71
CA ASP A 8 -5.07 -2.88 -3.80
C ASP A 8 -6.23 -2.05 -3.24
N LYS A 9 -6.79 -2.46 -2.14
CA LYS A 9 -7.93 -1.70 -1.55
C LYS A 9 -7.39 -0.61 -0.62
N TYR A 10 -6.10 -0.39 -0.63
CA TYR A 10 -5.52 0.65 0.25
C TYR A 10 -4.20 1.16 -0.35
N VAL A 11 -4.10 1.18 -1.64
CA VAL A 11 -2.85 1.66 -2.28
C VAL A 11 -3.15 2.85 -3.19
N LYS A 12 -2.60 4.00 -2.90
CA LYS A 12 -2.88 5.19 -3.75
C LYS A 12 -1.67 5.49 -4.63
N GLU A 13 -1.62 4.92 -5.81
CA GLU A 13 -0.46 5.18 -6.71
C GLU A 13 -0.79 6.40 -7.59
N MET A 14 -0.11 7.50 -7.37
CA MET A 14 -0.39 8.71 -8.18
C MET A 14 0.48 8.71 -9.44
N PRO A 15 -0.09 9.13 -10.54
CA PRO A 15 0.61 9.18 -11.84
C PRO A 15 1.64 10.31 -11.83
N ASP A 16 1.62 11.11 -10.80
CA ASP A 16 2.61 12.22 -10.70
C ASP A 16 3.85 11.68 -9.96
N LYS A 17 3.98 10.38 -9.91
CA LYS A 17 5.14 9.75 -9.20
C LYS A 17 4.95 9.93 -7.69
N THR A 18 3.88 9.43 -7.16
CA THR A 18 3.64 9.55 -5.71
C THR A 18 2.99 8.27 -5.18
N PHE A 19 2.71 8.21 -3.91
CA PHE A 19 2.09 6.99 -3.34
C PHE A 19 1.46 7.33 -1.98
N GLU A 20 0.35 6.72 -1.66
CA GLU A 20 -0.29 7.02 -0.35
C GLU A 20 -1.06 5.79 0.15
N CYS A 21 -0.48 5.08 1.09
CA CYS A 21 -1.18 3.88 1.64
C CYS A 21 -2.52 4.32 2.23
N LEU A 22 -3.60 4.05 1.56
CA LEU A 22 -4.93 4.48 2.07
C LEU A 22 -5.37 3.62 3.26
N PHE A 23 -4.53 2.72 3.72
CA PHE A 23 -4.94 1.88 4.88
C PHE A 23 -5.29 2.79 6.06
N PRO A 24 -6.34 2.42 6.77
CA PRO A 24 -6.80 3.19 7.94
C PRO A 24 -5.89 2.94 9.13
N GLY A 25 -5.09 3.91 9.48
CA GLY A 25 -4.16 3.75 10.61
C GLY A 25 -2.73 3.92 10.08
N CYS A 26 -2.56 3.75 8.80
CA CYS A 26 -1.20 3.91 8.20
C CYS A 26 -0.73 5.36 8.37
N THR A 27 0.54 5.61 8.18
CA THR A 27 1.05 7.00 8.32
C THR A 27 2.34 7.14 7.50
N LYS A 28 2.44 6.46 6.38
CA LYS A 28 3.67 6.56 5.56
C LYS A 28 3.30 6.72 4.08
N THR A 29 3.98 7.59 3.38
CA THR A 29 3.69 7.79 1.94
C THR A 29 4.97 7.59 1.14
N PHE A 30 4.85 7.28 -0.13
CA PHE A 30 6.07 7.07 -0.96
C PHE A 30 5.90 7.74 -2.32
N LYS A 31 6.80 7.49 -3.24
CA LYS A 31 6.68 8.11 -4.59
C LYS A 31 7.31 7.21 -5.63
N ARG A 32 6.59 6.87 -6.66
CA ARG A 32 7.15 5.99 -7.73
C ARG A 32 7.93 4.85 -7.09
N ARG A 33 7.30 3.75 -6.83
CA ARG A 33 8.03 2.60 -6.20
C ARG A 33 7.04 1.45 -5.93
N TYR A 34 7.51 0.24 -5.96
CA TYR A 34 6.61 -0.92 -5.70
C TYR A 34 7.07 -1.62 -4.43
N ASN A 35 7.67 -0.89 -3.52
CA ASN A 35 8.14 -1.52 -2.28
C ASN A 35 7.18 -1.15 -1.16
N ILE A 36 6.44 -0.11 -1.34
CA ILE A 36 5.48 0.31 -0.29
C ILE A 36 4.31 -0.69 -0.29
N ARG A 37 4.02 -1.26 -1.43
CA ARG A 37 2.91 -2.25 -1.49
C ARG A 37 3.23 -3.38 -0.52
N SER A 38 4.46 -3.84 -0.52
CA SER A 38 4.84 -4.92 0.43
C SER A 38 4.71 -4.39 1.86
N HIS A 39 5.10 -3.16 2.07
CA HIS A 39 5.00 -2.57 3.43
C HIS A 39 3.57 -2.81 3.94
N ILE A 40 2.60 -2.59 3.11
CA ILE A 40 1.20 -2.82 3.53
C ILE A 40 1.02 -4.29 3.91
N GLN A 41 1.20 -5.16 2.95
CA GLN A 41 1.06 -6.61 3.20
C GLN A 41 1.64 -6.95 4.57
N THR A 42 2.62 -6.22 5.01
CA THR A 42 3.19 -6.52 6.35
C THR A 42 2.26 -5.97 7.42
N HIS A 43 1.86 -4.74 7.29
CA HIS A 43 0.94 -4.17 8.30
C HIS A 43 -0.49 -4.35 7.81
N LEU A 44 -0.70 -5.29 6.92
CA LEU A 44 -2.05 -5.59 6.41
C LEU A 44 -2.35 -7.07 6.66
N GLU A 45 -1.33 -7.90 6.69
CA GLU A 45 -1.56 -9.36 6.92
C GLU A 45 -1.53 -9.64 8.44
N ASP A 46 -0.53 -9.15 9.11
CA ASP A 46 -0.44 -9.38 10.59
C ASP A 46 0.89 -8.84 11.10
N ARG A 47 0.87 -7.66 11.67
CA ARG A 47 2.13 -7.07 12.21
C ARG A 47 2.67 -7.95 13.33
N THR A 1 0.22 -14.89 -1.39
CA THR A 1 -0.28 -14.32 -0.10
C THR A 1 -1.48 -13.41 -0.39
N LEU A 2 -2.48 -13.93 -1.07
CA LEU A 2 -3.67 -13.10 -1.37
C LEU A 2 -3.27 -11.91 -2.25
N PRO A 3 -3.32 -12.12 -3.54
CA PRO A 3 -2.96 -11.08 -4.53
C PRO A 3 -4.10 -10.08 -4.68
N ARG A 4 -3.77 -8.81 -4.81
CA ARG A 4 -4.81 -7.75 -4.97
C ARG A 4 -6.07 -8.11 -4.17
N GLY A 5 -5.91 -8.66 -3.00
CA GLY A 5 -7.09 -9.04 -2.18
C GLY A 5 -7.32 -7.98 -1.09
N SER A 6 -6.63 -6.87 -1.17
CA SER A 6 -6.81 -5.81 -0.14
C SER A 6 -5.70 -4.75 -0.29
N ILE A 7 -4.57 -5.14 -0.80
CA ILE A 7 -3.46 -4.16 -0.98
C ILE A 7 -3.88 -3.11 -2.01
N ASP A 8 -4.58 -3.52 -3.03
CA ASP A 8 -5.01 -2.55 -4.07
C ASP A 8 -6.09 -1.63 -3.49
N LYS A 9 -6.75 -2.06 -2.46
CA LYS A 9 -7.81 -1.20 -1.84
C LYS A 9 -7.17 -0.18 -0.90
N TYR A 10 -5.86 -0.24 -0.76
CA TYR A 10 -5.19 0.73 0.15
C TYR A 10 -3.87 1.20 -0.49
N VAL A 11 -3.84 1.28 -1.79
CA VAL A 11 -2.60 1.74 -2.47
C VAL A 11 -2.91 2.93 -3.38
N LYS A 12 -2.60 4.12 -2.94
CA LYS A 12 -2.89 5.32 -3.77
C LYS A 12 -1.71 5.59 -4.71
N GLU A 13 -1.69 4.97 -5.85
CA GLU A 13 -0.56 5.18 -6.79
C GLU A 13 -0.87 6.37 -7.70
N MET A 14 -0.22 7.49 -7.46
CA MET A 14 -0.48 8.70 -8.31
C MET A 14 0.45 8.66 -9.53
N PRO A 15 -0.09 9.07 -10.65
CA PRO A 15 0.66 9.10 -11.92
C PRO A 15 1.69 10.22 -11.90
N ASP A 16 1.64 11.06 -10.91
CA ASP A 16 2.64 12.16 -10.82
C ASP A 16 3.86 11.64 -10.05
N LYS A 17 3.95 10.34 -9.87
CA LYS A 17 5.09 9.75 -9.14
C LYS A 17 4.83 9.90 -7.64
N THR A 18 3.76 9.34 -7.16
CA THR A 18 3.45 9.46 -5.71
C THR A 18 2.83 8.17 -5.19
N PHE A 19 2.61 8.08 -3.91
CA PHE A 19 2.00 6.84 -3.33
C PHE A 19 1.40 7.19 -1.96
N GLU A 20 0.29 6.59 -1.63
CA GLU A 20 -0.34 6.91 -0.31
C GLU A 20 -1.06 5.68 0.24
N CYS A 21 -0.42 4.96 1.13
CA CYS A 21 -1.07 3.75 1.72
C CYS A 21 -2.38 4.19 2.38
N LEU A 22 -3.49 3.96 1.73
CA LEU A 22 -4.80 4.39 2.30
C LEU A 22 -5.22 3.46 3.46
N PHE A 23 -4.39 2.53 3.83
CA PHE A 23 -4.78 1.63 4.95
C PHE A 23 -5.15 2.49 6.17
N PRO A 24 -6.17 2.07 6.87
CA PRO A 24 -6.64 2.80 8.06
C PRO A 24 -5.69 2.59 9.23
N GLY A 25 -4.96 3.59 9.60
CA GLY A 25 -3.98 3.47 10.72
C GLY A 25 -2.60 3.77 10.17
N CYS A 26 -2.44 3.70 8.87
CA CYS A 26 -1.11 3.99 8.26
C CYS A 26 -0.83 5.49 8.32
N THR A 27 0.38 5.89 8.04
CA THR A 27 0.72 7.33 8.07
C THR A 27 2.00 7.57 7.25
N LYS A 28 2.28 6.72 6.31
CA LYS A 28 3.51 6.90 5.49
C LYS A 28 3.14 6.98 4.00
N THR A 29 3.79 7.85 3.28
CA THR A 29 3.50 7.98 1.82
C THR A 29 4.80 7.84 1.02
N PHE A 30 4.74 7.29 -0.16
CA PHE A 30 5.98 7.12 -0.95
C PHE A 30 5.78 7.73 -2.35
N LYS A 31 6.75 7.58 -3.22
CA LYS A 31 6.61 8.15 -4.59
C LYS A 31 7.16 7.14 -5.61
N ARG A 32 6.34 6.74 -6.55
CA ARG A 32 6.81 5.78 -7.59
C ARG A 32 7.67 4.69 -6.94
N ARG A 33 7.09 3.85 -6.13
CA ARG A 33 7.88 2.78 -5.47
C ARG A 33 7.03 1.52 -5.32
N TYR A 34 7.57 0.38 -5.66
CA TYR A 34 6.79 -0.88 -5.53
C TYR A 34 7.23 -1.59 -4.25
N ASN A 35 7.83 -0.86 -3.35
CA ASN A 35 8.28 -1.49 -2.09
C ASN A 35 7.27 -1.18 -1.00
N ILE A 36 6.48 -0.18 -1.19
CA ILE A 36 5.46 0.18 -0.17
C ILE A 36 4.36 -0.88 -0.21
N ARG A 37 4.13 -1.46 -1.37
CA ARG A 37 3.07 -2.49 -1.47
C ARG A 37 3.39 -3.59 -0.45
N SER A 38 4.60 -4.06 -0.43
CA SER A 38 4.97 -5.11 0.56
C SER A 38 4.82 -4.52 1.96
N HIS A 39 5.16 -3.28 2.12
CA HIS A 39 5.03 -2.63 3.45
C HIS A 39 3.60 -2.83 3.95
N ILE A 40 2.65 -2.73 3.08
CA ILE A 40 1.24 -2.93 3.50
C ILE A 40 1.04 -4.38 3.88
N GLN A 41 1.23 -5.26 2.93
CA GLN A 41 1.05 -6.71 3.21
C GLN A 41 1.67 -7.07 4.54
N THR A 42 2.70 -6.38 4.97
CA THR A 42 3.31 -6.74 6.27
C THR A 42 2.49 -6.12 7.41
N HIS A 43 2.05 -4.91 7.24
CA HIS A 43 1.24 -4.27 8.29
C HIS A 43 -0.24 -4.36 7.93
N LEU A 44 -0.56 -5.28 7.04
CA LEU A 44 -1.97 -5.50 6.65
C LEU A 44 -2.30 -6.99 6.77
N GLU A 45 -1.30 -7.85 6.68
CA GLU A 45 -1.57 -9.31 6.79
C GLU A 45 -1.55 -9.72 8.27
N ASP A 46 -0.40 -9.72 8.88
CA ASP A 46 -0.33 -10.11 10.32
C ASP A 46 1.00 -9.61 10.91
N ARG A 47 1.39 -8.42 10.56
CA ARG A 47 2.67 -7.87 11.10
C ARG A 47 3.76 -8.95 11.03
N THR A 1 -0.13 -18.11 -0.06
CA THR A 1 0.08 -16.71 -0.53
C THR A 1 -1.29 -16.06 -0.79
N LEU A 2 -1.61 -15.03 -0.06
CA LEU A 2 -2.92 -14.35 -0.27
C LEU A 2 -2.91 -13.64 -1.63
N PRO A 3 -3.77 -14.07 -2.52
CA PRO A 3 -3.88 -13.48 -3.87
C PRO A 3 -4.66 -12.16 -3.81
N ARG A 4 -3.97 -11.06 -3.97
CA ARG A 4 -4.67 -9.74 -3.93
C ARG A 4 -5.57 -9.68 -2.69
N GLY A 5 -5.00 -9.85 -1.53
CA GLY A 5 -5.81 -9.80 -0.29
C GLY A 5 -6.55 -8.46 -0.21
N SER A 6 -5.84 -7.38 -0.32
CA SER A 6 -6.50 -6.04 -0.26
C SER A 6 -5.45 -4.95 -0.42
N ILE A 7 -4.43 -5.20 -1.20
CA ILE A 7 -3.37 -4.16 -1.39
C ILE A 7 -3.85 -3.14 -2.42
N ASP A 8 -4.59 -3.58 -3.40
CA ASP A 8 -5.09 -2.63 -4.44
C ASP A 8 -6.15 -1.71 -3.83
N LYS A 9 -6.75 -2.13 -2.74
CA LYS A 9 -7.79 -1.28 -2.10
C LYS A 9 -7.15 -0.39 -1.03
N TYR A 10 -5.85 -0.30 -1.03
CA TYR A 10 -5.17 0.55 -0.01
C TYR A 10 -3.83 1.06 -0.56
N VAL A 11 -3.73 1.19 -1.86
CA VAL A 11 -2.45 1.68 -2.45
C VAL A 11 -2.75 2.82 -3.43
N LYS A 12 -2.65 4.04 -2.97
CA LYS A 12 -2.93 5.20 -3.87
C LYS A 12 -1.72 5.44 -4.76
N GLU A 13 -1.88 5.31 -6.05
CA GLU A 13 -0.73 5.54 -6.98
C GLU A 13 -0.93 6.87 -7.72
N MET A 14 -0.08 7.82 -7.47
CA MET A 14 -0.23 9.14 -8.18
C MET A 14 0.76 9.20 -9.36
N PRO A 15 0.26 9.67 -10.48
CA PRO A 15 1.08 9.78 -11.70
C PRO A 15 2.07 10.92 -11.56
N ASP A 16 1.96 11.69 -10.52
CA ASP A 16 2.91 12.81 -10.31
C ASP A 16 4.13 12.27 -9.55
N LYS A 17 4.23 10.95 -9.46
CA LYS A 17 5.38 10.32 -8.75
C LYS A 17 5.09 10.33 -7.25
N THR A 18 4.04 9.68 -6.83
CA THR A 18 3.72 9.68 -5.38
C THR A 18 3.01 8.38 -5.00
N PHE A 19 2.74 8.21 -3.74
CA PHE A 19 2.05 6.97 -3.26
C PHE A 19 1.42 7.27 -1.89
N GLU A 20 0.25 6.76 -1.63
CA GLU A 20 -0.39 7.03 -0.31
C GLU A 20 -1.13 5.80 0.18
N CYS A 21 -0.50 5.01 1.02
CA CYS A 21 -1.18 3.80 1.55
C CYS A 21 -2.53 4.22 2.16
N LEU A 22 -3.60 3.96 1.46
CA LEU A 22 -4.94 4.37 1.98
C LEU A 22 -5.37 3.51 3.17
N PHE A 23 -4.54 2.60 3.60
CA PHE A 23 -4.94 1.76 4.77
C PHE A 23 -5.33 2.68 5.93
N PRO A 24 -6.38 2.31 6.63
CA PRO A 24 -6.88 3.10 7.76
C PRO A 24 -5.99 2.87 8.99
N GLY A 25 -5.14 3.82 9.28
CA GLY A 25 -4.22 3.68 10.43
C GLY A 25 -2.80 3.87 9.93
N CYS A 26 -2.60 3.73 8.64
CA CYS A 26 -1.23 3.90 8.06
C CYS A 26 -0.80 5.35 8.24
N THR A 27 0.47 5.62 8.05
CA THR A 27 0.97 7.01 8.20
C THR A 27 2.27 7.18 7.41
N LYS A 28 2.39 6.49 6.30
CA LYS A 28 3.63 6.60 5.49
C LYS A 28 3.28 6.70 4.01
N THR A 29 3.92 7.61 3.30
CA THR A 29 3.64 7.75 1.84
C THR A 29 4.93 7.54 1.06
N PHE A 30 4.84 7.08 -0.16
CA PHE A 30 6.07 6.85 -0.96
C PHE A 30 5.91 7.46 -2.35
N LYS A 31 6.82 7.16 -3.25
CA LYS A 31 6.72 7.72 -4.63
C LYS A 31 6.52 6.57 -5.63
N ARG A 32 6.65 6.85 -6.89
CA ARG A 32 6.46 5.78 -7.91
C ARG A 32 7.33 4.58 -7.54
N ARG A 33 6.71 3.52 -7.08
CA ARG A 33 7.50 2.32 -6.70
C ARG A 33 6.55 1.17 -6.37
N TYR A 34 7.08 0.00 -6.10
CA TYR A 34 6.22 -1.17 -5.77
C TYR A 34 6.75 -1.82 -4.50
N ASN A 35 7.40 -1.06 -3.68
CA ASN A 35 7.96 -1.65 -2.43
C ASN A 35 7.03 -1.32 -1.27
N ILE A 36 6.24 -0.29 -1.43
CA ILE A 36 5.30 0.09 -0.34
C ILE A 36 4.18 -0.95 -0.30
N ARG A 37 3.84 -1.53 -1.42
CA ARG A 37 2.77 -2.55 -1.43
C ARG A 37 3.14 -3.64 -0.42
N SER A 38 4.38 -4.04 -0.42
CA SER A 38 4.83 -5.07 0.55
C SER A 38 4.73 -4.48 1.95
N HIS A 39 5.10 -3.24 2.11
CA HIS A 39 5.01 -2.59 3.45
C HIS A 39 3.61 -2.81 3.99
N ILE A 40 2.61 -2.66 3.17
CA ILE A 40 1.22 -2.87 3.64
C ILE A 40 1.06 -4.31 4.07
N GLN A 41 1.25 -5.23 3.15
CA GLN A 41 1.11 -6.67 3.48
C GLN A 41 1.73 -6.94 4.84
N THR A 42 2.71 -6.18 5.22
CA THR A 42 3.33 -6.42 6.55
C THR A 42 2.40 -5.85 7.63
N HIS A 43 1.98 -4.63 7.47
CA HIS A 43 1.07 -4.05 8.48
C HIS A 43 -0.37 -4.30 8.06
N LEU A 44 -0.57 -5.26 7.19
CA LEU A 44 -1.93 -5.63 6.75
C LEU A 44 -2.17 -7.10 7.07
N GLU A 45 -1.13 -7.89 7.13
CA GLU A 45 -1.29 -9.33 7.45
C GLU A 45 -1.19 -9.54 8.96
N ASP A 46 0.00 -9.75 9.46
CA ASP A 46 0.18 -9.95 10.92
C ASP A 46 -0.54 -11.23 11.34
N ARG A 47 0.12 -12.35 11.29
CA ARG A 47 -0.53 -13.63 11.69
C ARG A 47 -1.76 -13.87 10.82
N THR A 1 0.09 -15.84 -7.73
CA THR A 1 -0.79 -14.80 -7.11
C THR A 1 -1.07 -15.18 -5.65
N LEU A 2 -0.06 -15.49 -4.90
CA LEU A 2 -0.27 -15.87 -3.48
C LEU A 2 -0.63 -14.63 -2.66
N PRO A 3 0.20 -13.62 -2.77
CA PRO A 3 0.01 -12.36 -2.04
C PRO A 3 -1.05 -11.49 -2.74
N ARG A 4 -2.26 -11.51 -2.26
CA ARG A 4 -3.33 -10.69 -2.90
C ARG A 4 -4.59 -10.74 -2.03
N GLY A 5 -4.44 -10.55 -0.75
CA GLY A 5 -5.64 -10.58 0.16
C GLY A 5 -6.27 -9.19 0.22
N SER A 6 -5.48 -8.16 0.33
CA SER A 6 -6.04 -6.79 0.39
C SER A 6 -4.92 -5.77 0.21
N ILE A 7 -4.09 -5.95 -0.79
CA ILE A 7 -2.98 -4.99 -1.02
C ILE A 7 -3.42 -3.94 -2.03
N ASP A 8 -4.15 -4.35 -3.03
CA ASP A 8 -4.62 -3.38 -4.06
C ASP A 8 -5.88 -2.67 -3.56
N LYS A 9 -6.24 -2.88 -2.31
CA LYS A 9 -7.46 -2.22 -1.77
C LYS A 9 -7.06 -1.08 -0.84
N TYR A 10 -5.83 -0.64 -0.90
CA TYR A 10 -5.39 0.47 -0.02
C TYR A 10 -4.10 1.08 -0.55
N VAL A 11 -4.00 1.24 -1.85
CA VAL A 11 -2.76 1.83 -2.44
C VAL A 11 -3.16 2.98 -3.37
N LYS A 12 -2.82 4.20 -3.02
CA LYS A 12 -3.17 5.35 -3.89
C LYS A 12 -1.93 5.81 -4.65
N GLU A 13 -1.65 5.21 -5.77
CA GLU A 13 -0.46 5.63 -6.55
C GLU A 13 -0.73 6.98 -7.22
N MET A 14 0.11 7.95 -6.99
CA MET A 14 -0.11 9.29 -7.60
C MET A 14 0.68 9.39 -8.92
N PRO A 15 0.03 9.90 -9.93
CA PRO A 15 0.65 10.06 -11.26
C PRO A 15 1.70 11.16 -11.23
N ASP A 16 1.77 11.88 -10.15
CA ASP A 16 2.79 12.95 -10.05
C ASP A 16 4.05 12.36 -9.40
N LYS A 17 4.18 11.06 -9.45
CA LYS A 17 5.36 10.39 -8.85
C LYS A 17 5.22 10.41 -7.33
N THR A 18 4.23 9.74 -6.82
CA THR A 18 4.03 9.72 -5.35
C THR A 18 3.24 8.46 -4.96
N PHE A 19 2.95 8.29 -3.70
CA PHE A 19 2.18 7.10 -3.26
C PHE A 19 1.58 7.37 -1.88
N GLU A 20 0.40 6.86 -1.63
CA GLU A 20 -0.23 7.10 -0.30
C GLU A 20 -0.98 5.86 0.17
N CYS A 21 -0.39 5.09 1.05
CA CYS A 21 -1.07 3.87 1.57
C CYS A 21 -2.44 4.29 2.12
N LEU A 22 -3.49 4.00 1.39
CA LEU A 22 -4.85 4.41 1.85
C LEU A 22 -5.27 3.63 3.10
N PHE A 23 -4.46 2.74 3.59
CA PHE A 23 -4.87 1.99 4.82
C PHE A 23 -5.26 3.00 5.91
N PRO A 24 -6.31 2.70 6.63
CA PRO A 24 -6.80 3.57 7.70
C PRO A 24 -5.92 3.43 8.94
N GLY A 25 -5.08 4.39 9.17
CA GLY A 25 -4.16 4.33 10.34
C GLY A 25 -2.73 4.45 9.84
N CYS A 26 -2.53 4.21 8.57
CA CYS A 26 -1.16 4.31 8.00
C CYS A 26 -0.69 5.76 8.05
N THR A 27 0.59 5.99 7.86
CA THR A 27 1.12 7.37 7.89
C THR A 27 2.42 7.45 7.09
N LYS A 28 2.59 6.58 6.14
CA LYS A 28 3.84 6.59 5.32
C LYS A 28 3.49 6.73 3.84
N THR A 29 4.04 7.73 3.18
CA THR A 29 3.75 7.92 1.74
C THR A 29 5.02 7.69 0.93
N PHE A 30 4.91 7.09 -0.22
CA PHE A 30 6.12 6.83 -1.05
C PHE A 30 5.98 7.53 -2.40
N LYS A 31 6.67 7.06 -3.40
CA LYS A 31 6.57 7.71 -4.74
C LYS A 31 7.16 6.80 -5.81
N ARG A 32 6.42 6.57 -6.87
CA ARG A 32 6.92 5.70 -7.96
C ARG A 32 7.65 4.49 -7.38
N ARG A 33 6.92 3.46 -7.02
CA ARG A 33 7.58 2.25 -6.44
C ARG A 33 6.51 1.23 -6.05
N TYR A 34 6.78 -0.03 -6.25
CA TYR A 34 5.79 -1.08 -5.88
C TYR A 34 6.29 -1.82 -4.65
N ASN A 35 7.12 -1.19 -3.88
CA ASN A 35 7.65 -1.87 -2.67
C ASN A 35 6.77 -1.52 -1.48
N ILE A 36 6.11 -0.39 -1.56
CA ILE A 36 5.21 0.01 -0.44
C ILE A 36 4.08 -1.02 -0.34
N ARG A 37 3.70 -1.59 -1.46
CA ARG A 37 2.62 -2.61 -1.43
C ARG A 37 2.99 -3.67 -0.39
N SER A 38 4.22 -4.08 -0.39
CA SER A 38 4.67 -5.09 0.60
C SER A 38 4.54 -4.48 1.99
N HIS A 39 4.98 -3.27 2.16
CA HIS A 39 4.87 -2.59 3.48
C HIS A 39 3.43 -2.79 3.98
N ILE A 40 2.49 -2.73 3.10
CA ILE A 40 1.08 -2.91 3.51
C ILE A 40 0.86 -4.38 3.86
N GLN A 41 1.45 -5.26 3.12
CA GLN A 41 1.27 -6.71 3.41
C GLN A 41 1.68 -7.03 4.85
N THR A 42 2.63 -6.34 5.39
CA THR A 42 3.04 -6.66 6.78
C THR A 42 2.11 -5.95 7.76
N HIS A 43 1.70 -4.76 7.44
CA HIS A 43 0.79 -4.03 8.36
C HIS A 43 -0.63 -4.10 7.81
N LEU A 44 -0.88 -5.01 6.92
CA LEU A 44 -2.24 -5.17 6.35
C LEU A 44 -2.56 -6.64 6.09
N GLU A 45 -1.59 -7.54 6.24
CA GLU A 45 -1.89 -8.98 5.99
C GLU A 45 -2.04 -9.69 7.33
N ASP A 46 -1.01 -9.71 8.12
CA ASP A 46 -1.09 -10.40 9.44
C ASP A 46 -1.59 -11.83 9.25
N ARG A 47 -1.25 -12.44 8.14
CA ARG A 47 -1.71 -13.84 7.90
C ARG A 47 -3.24 -13.89 7.91
N THR A 1 -6.58 -19.43 -3.85
CA THR A 1 -5.38 -18.67 -3.43
C THR A 1 -5.35 -17.32 -4.15
N LEU A 2 -5.55 -16.25 -3.44
CA LEU A 2 -5.53 -14.91 -4.10
C LEU A 2 -5.12 -13.85 -3.07
N PRO A 3 -3.90 -13.96 -2.61
CA PRO A 3 -3.34 -13.02 -1.63
C PRO A 3 -2.94 -11.70 -2.29
N ARG A 4 -3.85 -10.77 -2.39
CA ARG A 4 -3.53 -9.47 -3.04
C ARG A 4 -4.81 -8.65 -3.19
N GLY A 5 -5.69 -8.74 -2.23
CA GLY A 5 -6.97 -7.97 -2.33
C GLY A 5 -6.99 -6.90 -1.23
N SER A 6 -6.23 -7.09 -0.18
CA SER A 6 -6.22 -6.07 0.91
C SER A 6 -5.13 -5.04 0.63
N ILE A 7 -4.19 -5.38 -0.21
CA ILE A 7 -3.09 -4.43 -0.52
C ILE A 7 -3.57 -3.45 -1.59
N ASP A 8 -4.40 -3.89 -2.49
CA ASP A 8 -4.91 -2.98 -3.56
C ASP A 8 -6.06 -2.13 -3.00
N LYS A 9 -6.68 -2.57 -1.94
CA LYS A 9 -7.80 -1.80 -1.35
C LYS A 9 -7.26 -0.67 -0.48
N TYR A 10 -5.97 -0.46 -0.49
CA TYR A 10 -5.38 0.63 0.34
C TYR A 10 -4.04 1.06 -0.26
N VAL A 11 -4.00 1.28 -1.55
CA VAL A 11 -2.73 1.71 -2.19
C VAL A 11 -3.02 2.83 -3.18
N LYS A 12 -2.58 4.03 -2.90
CA LYS A 12 -2.84 5.16 -3.83
C LYS A 12 -1.61 5.39 -4.70
N GLU A 13 -1.48 4.65 -5.78
CA GLU A 13 -0.30 4.85 -6.67
C GLU A 13 -0.54 6.07 -7.55
N MET A 14 -0.04 7.20 -7.14
CA MET A 14 -0.23 8.45 -7.93
C MET A 14 0.61 8.38 -9.21
N PRO A 15 -0.02 8.61 -10.33
CA PRO A 15 0.65 8.58 -11.64
C PRO A 15 1.56 9.80 -11.79
N ASP A 16 1.48 10.71 -10.87
CA ASP A 16 2.35 11.91 -10.93
C ASP A 16 3.63 11.61 -10.14
N LYS A 17 3.92 10.35 -9.94
CA LYS A 17 5.14 9.95 -9.17
C LYS A 17 4.89 10.16 -7.67
N THR A 18 4.00 9.39 -7.11
CA THR A 18 3.72 9.53 -5.65
C THR A 18 3.00 8.28 -5.15
N PHE A 19 2.71 8.22 -3.88
CA PHE A 19 2.02 7.02 -3.33
C PHE A 19 1.42 7.36 -1.97
N GLU A 20 0.33 6.75 -1.61
CA GLU A 20 -0.30 7.06 -0.30
C GLU A 20 -1.05 5.84 0.24
N CYS A 21 -0.49 5.16 1.21
CA CYS A 21 -1.18 3.97 1.80
C CYS A 21 -2.53 4.42 2.35
N LEU A 22 -3.61 3.98 1.75
CA LEU A 22 -4.95 4.41 2.23
C LEU A 22 -5.42 3.55 3.41
N PHE A 23 -4.56 2.73 3.94
CA PHE A 23 -4.97 1.88 5.09
C PHE A 23 -5.37 2.79 6.26
N PRO A 24 -6.40 2.41 6.96
CA PRO A 24 -6.90 3.17 8.12
C PRO A 24 -6.00 2.95 9.33
N GLY A 25 -5.19 3.91 9.64
CA GLY A 25 -4.27 3.78 10.80
C GLY A 25 -2.85 4.03 10.28
N CYS A 26 -2.65 3.91 9.00
CA CYS A 26 -1.31 4.14 8.41
C CYS A 26 -0.97 5.64 8.50
N THR A 27 0.26 5.99 8.26
CA THR A 27 0.65 7.43 8.32
C THR A 27 1.94 7.64 7.53
N LYS A 28 2.21 6.80 6.56
CA LYS A 28 3.45 6.97 5.77
C LYS A 28 3.11 6.94 4.28
N THR A 29 3.79 7.75 3.50
CA THR A 29 3.52 7.78 2.03
C THR A 29 4.82 7.54 1.28
N PHE A 30 4.75 7.27 0.01
CA PHE A 30 6.00 7.03 -0.77
C PHE A 30 5.84 7.56 -2.19
N LYS A 31 6.69 7.14 -3.10
CA LYS A 31 6.59 7.62 -4.49
C LYS A 31 6.52 6.42 -5.44
N ARG A 32 6.44 6.66 -6.72
CA ARG A 32 6.38 5.54 -7.70
C ARG A 32 7.40 4.45 -7.30
N ARG A 33 6.96 3.44 -6.61
CA ARG A 33 7.90 2.36 -6.20
C ARG A 33 7.12 1.07 -5.95
N TYR A 34 7.80 -0.04 -5.89
CA TYR A 34 7.10 -1.33 -5.65
C TYR A 34 7.57 -1.89 -4.32
N ASN A 35 8.02 -1.05 -3.45
CA ASN A 35 8.49 -1.54 -2.13
C ASN A 35 7.41 -1.18 -1.10
N ILE A 36 6.92 0.02 -1.19
CA ILE A 36 5.86 0.46 -0.25
C ILE A 36 4.74 -0.59 -0.29
N ARG A 37 4.50 -1.18 -1.42
CA ARG A 37 3.44 -2.21 -1.51
C ARG A 37 3.72 -3.29 -0.46
N SER A 38 4.94 -3.74 -0.37
CA SER A 38 5.28 -4.77 0.64
C SER A 38 5.04 -4.20 2.04
N HIS A 39 5.25 -2.92 2.21
CA HIS A 39 5.02 -2.30 3.54
C HIS A 39 3.59 -2.59 3.97
N ILE A 40 2.66 -2.44 3.09
CA ILE A 40 1.25 -2.71 3.46
C ILE A 40 1.10 -4.20 3.73
N GLN A 41 1.46 -5.01 2.79
CA GLN A 41 1.33 -6.47 2.97
C GLN A 41 1.83 -6.86 4.36
N THR A 42 2.76 -6.15 4.91
CA THR A 42 3.24 -6.53 6.27
C THR A 42 2.27 -5.99 7.30
N HIS A 43 1.86 -4.77 7.17
CA HIS A 43 0.91 -4.21 8.15
C HIS A 43 -0.50 -4.25 7.57
N LEU A 44 -0.73 -5.16 6.66
CA LEU A 44 -2.08 -5.29 6.06
C LEU A 44 -2.31 -6.73 5.57
N GLU A 45 -1.32 -7.60 5.60
CA GLU A 45 -1.57 -8.99 5.13
C GLU A 45 -2.59 -9.66 6.05
N ASP A 46 -2.52 -9.38 7.32
CA ASP A 46 -3.50 -10.00 8.27
C ASP A 46 -3.39 -9.31 9.64
N ARG A 47 -3.01 -8.06 9.65
CA ARG A 47 -2.88 -7.34 10.95
C ARG A 47 -4.24 -6.76 11.35
N THR A 1 -10.58 -10.28 2.21
CA THR A 1 -10.76 -11.76 2.30
C THR A 1 -10.30 -12.40 0.98
N LEU A 2 -10.85 -11.97 -0.13
CA LEU A 2 -10.45 -12.56 -1.43
C LEU A 2 -8.94 -12.37 -1.63
N PRO A 3 -8.38 -13.17 -2.51
CA PRO A 3 -6.94 -13.12 -2.82
C PRO A 3 -6.63 -11.94 -3.74
N ARG A 4 -5.48 -11.35 -3.61
CA ARG A 4 -5.12 -10.19 -4.48
C ARG A 4 -6.26 -9.18 -4.48
N GLY A 5 -6.80 -8.88 -3.32
CA GLY A 5 -7.91 -7.90 -3.25
C GLY A 5 -7.81 -7.10 -1.95
N SER A 6 -6.68 -7.15 -1.30
CA SER A 6 -6.53 -6.40 -0.02
C SER A 6 -5.51 -5.27 -0.22
N ILE A 7 -4.46 -5.54 -0.93
CA ILE A 7 -3.43 -4.47 -1.16
C ILE A 7 -4.02 -3.38 -2.05
N ASP A 8 -4.68 -3.78 -3.10
CA ASP A 8 -5.29 -2.77 -4.01
C ASP A 8 -6.51 -2.14 -3.34
N LYS A 9 -6.86 -2.61 -2.17
CA LYS A 9 -8.05 -2.04 -1.46
C LYS A 9 -7.58 -0.95 -0.50
N TYR A 10 -6.30 -0.69 -0.44
CA TYR A 10 -5.80 0.37 0.48
C TYR A 10 -4.50 0.95 -0.08
N VAL A 11 -4.37 1.00 -1.38
CA VAL A 11 -3.13 1.56 -1.97
C VAL A 11 -3.49 2.72 -2.91
N LYS A 12 -2.96 3.88 -2.68
CA LYS A 12 -3.29 5.04 -3.57
C LYS A 12 -2.06 5.40 -4.40
N GLU A 13 -1.86 4.74 -5.50
CA GLU A 13 -0.68 5.05 -6.37
C GLU A 13 -0.98 6.29 -7.20
N MET A 14 0.03 7.06 -7.53
CA MET A 14 -0.22 8.29 -8.35
C MET A 14 0.70 8.27 -9.58
N PRO A 15 0.15 8.63 -10.72
CA PRO A 15 0.89 8.65 -11.98
C PRO A 15 1.88 9.81 -11.99
N ASP A 16 1.80 10.68 -11.02
CA ASP A 16 2.77 11.80 -10.96
C ASP A 16 3.95 11.37 -10.09
N LYS A 17 4.13 10.07 -9.94
CA LYS A 17 5.24 9.52 -9.12
C LYS A 17 4.94 9.76 -7.64
N THR A 18 3.91 9.14 -7.14
CA THR A 18 3.57 9.32 -5.70
C THR A 18 2.90 8.05 -5.15
N PHE A 19 2.53 8.06 -3.90
CA PHE A 19 1.88 6.86 -3.31
C PHE A 19 1.22 7.26 -1.99
N GLU A 20 0.14 6.64 -1.63
CA GLU A 20 -0.54 7.01 -0.36
C GLU A 20 -1.27 5.79 0.22
N CYS A 21 -0.66 5.11 1.15
CA CYS A 21 -1.32 3.93 1.77
C CYS A 21 -2.67 4.38 2.36
N LEU A 22 -3.75 3.99 1.74
CA LEU A 22 -5.09 4.41 2.24
C LEU A 22 -5.51 3.59 3.46
N PHE A 23 -4.61 2.81 4.02
CA PHE A 23 -4.98 2.00 5.21
C PHE A 23 -5.23 2.93 6.40
N PRO A 24 -6.23 2.61 7.18
CA PRO A 24 -6.59 3.40 8.37
C PRO A 24 -5.58 3.14 9.49
N GLY A 25 -4.90 4.16 9.91
CA GLY A 25 -3.89 4.00 10.98
C GLY A 25 -2.50 4.20 10.37
N CYS A 26 -2.39 4.03 9.08
CA CYS A 26 -1.07 4.23 8.42
C CYS A 26 -0.66 5.70 8.51
N THR A 27 0.56 6.01 8.19
CA THR A 27 1.02 7.42 8.26
C THR A 27 2.28 7.58 7.42
N LYS A 28 2.45 6.75 6.42
CA LYS A 28 3.67 6.86 5.56
C LYS A 28 3.27 6.87 4.09
N THR A 29 3.81 7.78 3.33
CA THR A 29 3.48 7.84 1.87
C THR A 29 4.77 7.66 1.07
N PHE A 30 4.65 7.37 -0.21
CA PHE A 30 5.88 7.19 -1.03
C PHE A 30 5.65 7.73 -2.44
N LYS A 31 6.50 7.38 -3.36
CA LYS A 31 6.34 7.87 -4.76
C LYS A 31 7.10 6.95 -5.72
N ARG A 32 6.43 6.41 -6.70
CA ARG A 32 7.12 5.50 -7.66
C ARG A 32 7.99 4.52 -6.89
N ARG A 33 7.43 3.82 -5.94
CA ARG A 33 8.24 2.84 -5.14
C ARG A 33 7.53 1.49 -5.13
N TYR A 34 8.28 0.42 -5.30
CA TYR A 34 7.65 -0.92 -5.30
C TYR A 34 7.95 -1.58 -3.96
N ASN A 35 8.35 -0.83 -3.00
CA ASN A 35 8.65 -1.42 -1.68
C ASN A 35 7.49 -1.06 -0.76
N ILE A 36 6.95 0.11 -0.95
CA ILE A 36 5.79 0.55 -0.13
C ILE A 36 4.69 -0.50 -0.25
N ARG A 37 4.56 -1.10 -1.41
CA ARG A 37 3.50 -2.14 -1.58
C ARG A 37 3.76 -3.27 -0.58
N SER A 38 4.99 -3.69 -0.45
CA SER A 38 5.30 -4.77 0.53
C SER A 38 5.09 -4.22 1.94
N HIS A 39 5.17 -2.93 2.10
CA HIS A 39 4.96 -2.32 3.44
C HIS A 39 3.53 -2.61 3.89
N ILE A 40 2.59 -2.46 3.01
CA ILE A 40 1.18 -2.74 3.41
C ILE A 40 1.03 -4.23 3.67
N GLN A 41 1.40 -5.04 2.73
CA GLN A 41 1.27 -6.50 2.93
C GLN A 41 1.80 -6.90 4.31
N THR A 42 2.72 -6.15 4.86
CA THR A 42 3.23 -6.51 6.20
C THR A 42 2.25 -5.99 7.25
N HIS A 43 1.89 -4.75 7.16
CA HIS A 43 0.93 -4.19 8.14
C HIS A 43 -0.48 -4.26 7.55
N LEU A 44 -0.67 -5.20 6.65
CA LEU A 44 -1.99 -5.39 6.02
C LEU A 44 -2.31 -6.89 5.96
N GLU A 45 -1.30 -7.73 5.91
CA GLU A 45 -1.56 -9.20 5.84
C GLU A 45 -1.28 -9.82 7.21
N ASP A 46 -2.03 -9.44 8.21
CA ASP A 46 -1.80 -10.02 9.57
C ASP A 46 -3.05 -10.78 10.01
N ARG A 47 -4.21 -10.37 9.52
CA ARG A 47 -5.46 -11.09 9.92
C ARG A 47 -6.63 -10.52 9.10
N THR A 1 -5.10 -18.10 -6.83
CA THR A 1 -3.99 -18.69 -6.03
C THR A 1 -3.49 -17.66 -5.02
N LEU A 2 -3.42 -16.42 -5.41
CA LEU A 2 -2.94 -15.36 -4.46
C LEU A 2 -3.80 -14.10 -4.62
N PRO A 3 -4.92 -14.10 -3.96
CA PRO A 3 -5.87 -12.96 -3.99
C PRO A 3 -5.37 -11.82 -3.08
N ARG A 4 -5.22 -10.65 -3.62
CA ARG A 4 -4.74 -9.52 -2.79
C ARG A 4 -5.71 -8.33 -2.94
N GLY A 5 -6.94 -8.50 -2.53
CA GLY A 5 -7.91 -7.40 -2.64
C GLY A 5 -7.77 -6.45 -1.45
N SER A 6 -6.82 -6.70 -0.58
CA SER A 6 -6.62 -5.81 0.58
C SER A 6 -5.48 -4.84 0.29
N ILE A 7 -4.51 -5.27 -0.46
CA ILE A 7 -3.37 -4.38 -0.78
C ILE A 7 -3.82 -3.33 -1.79
N ASP A 8 -4.45 -3.76 -2.86
CA ASP A 8 -4.93 -2.80 -3.88
C ASP A 8 -6.09 -1.98 -3.32
N LYS A 9 -6.71 -2.46 -2.27
CA LYS A 9 -7.85 -1.71 -1.68
C LYS A 9 -7.31 -0.64 -0.71
N TYR A 10 -6.02 -0.53 -0.59
CA TYR A 10 -5.45 0.49 0.33
C TYR A 10 -4.11 0.98 -0.22
N VAL A 11 -3.90 0.85 -1.50
CA VAL A 11 -2.62 1.30 -2.10
C VAL A 11 -2.90 2.35 -3.19
N LYS A 12 -2.43 3.55 -3.00
CA LYS A 12 -2.67 4.61 -4.02
C LYS A 12 -1.38 4.88 -4.80
N GLU A 13 -1.33 4.47 -6.03
CA GLU A 13 -0.10 4.71 -6.84
C GLU A 13 -0.29 5.98 -7.67
N MET A 14 0.11 7.10 -7.15
CA MET A 14 -0.06 8.38 -7.90
C MET A 14 0.86 8.38 -9.12
N PRO A 15 0.28 8.60 -10.28
CA PRO A 15 1.02 8.63 -11.54
C PRO A 15 1.84 9.92 -11.62
N ASP A 16 1.61 10.82 -10.72
CA ASP A 16 2.39 12.09 -10.72
C ASP A 16 3.67 11.89 -9.91
N LYS A 17 3.99 10.66 -9.61
CA LYS A 17 5.22 10.33 -8.83
C LYS A 17 4.90 10.44 -7.34
N THR A 18 4.03 9.61 -6.85
CA THR A 18 3.68 9.66 -5.40
C THR A 18 2.98 8.36 -4.99
N PHE A 19 2.70 8.20 -3.73
CA PHE A 19 2.02 6.97 -3.25
C PHE A 19 1.36 7.26 -1.90
N GLU A 20 0.23 6.66 -1.65
CA GLU A 20 -0.46 6.93 -0.36
C GLU A 20 -1.15 5.66 0.14
N CYS A 21 -0.66 5.09 1.21
CA CYS A 21 -1.29 3.86 1.77
C CYS A 21 -2.63 4.26 2.39
N LEU A 22 -3.71 3.96 1.72
CA LEU A 22 -5.06 4.36 2.26
C LEU A 22 -5.45 3.48 3.44
N PHE A 23 -4.59 2.60 3.90
CA PHE A 23 -4.96 1.75 5.06
C PHE A 23 -5.36 2.64 6.24
N PRO A 24 -6.36 2.22 6.96
CA PRO A 24 -6.86 2.98 8.12
C PRO A 24 -5.91 2.81 9.31
N GLY A 25 -5.20 3.85 9.64
CA GLY A 25 -4.24 3.77 10.76
C GLY A 25 -2.84 4.01 10.20
N CYS A 26 -2.67 3.81 8.92
CA CYS A 26 -1.34 4.02 8.28
C CYS A 26 -1.03 5.52 8.26
N THR A 27 0.21 5.86 8.05
CA THR A 27 0.58 7.31 7.99
C THR A 27 1.91 7.47 7.24
N LYS A 28 2.10 6.69 6.21
CA LYS A 28 3.38 6.80 5.44
C LYS A 28 3.07 6.94 3.95
N THR A 29 3.79 7.78 3.26
CA THR A 29 3.54 7.98 1.81
C THR A 29 4.85 7.76 1.04
N PHE A 30 4.77 7.27 -0.17
CA PHE A 30 6.01 7.04 -0.95
C PHE A 30 5.84 7.60 -2.36
N LYS A 31 6.68 7.20 -3.29
CA LYS A 31 6.57 7.71 -4.68
C LYS A 31 6.54 6.53 -5.66
N ARG A 32 6.73 6.80 -6.93
CA ARG A 32 6.72 5.70 -7.93
C ARG A 32 7.65 4.58 -7.46
N ARG A 33 7.11 3.58 -6.81
CA ARG A 33 7.97 2.45 -6.33
C ARG A 33 7.07 1.28 -5.92
N TYR A 34 7.56 0.08 -6.05
CA TYR A 34 6.74 -1.11 -5.66
C TYR A 34 7.28 -1.64 -4.34
N ASN A 35 7.75 -0.78 -3.49
CA ASN A 35 8.30 -1.26 -2.20
C ASN A 35 7.29 -0.96 -1.09
N ILE A 36 6.45 0.02 -1.32
CA ILE A 36 5.44 0.36 -0.28
C ILE A 36 4.39 -0.76 -0.27
N ARG A 37 4.10 -1.32 -1.41
CA ARG A 37 3.09 -2.42 -1.45
C ARG A 37 3.49 -3.47 -0.41
N SER A 38 4.74 -3.81 -0.36
CA SER A 38 5.19 -4.81 0.66
C SER A 38 5.00 -4.21 2.04
N HIS A 39 5.30 -2.95 2.20
CA HIS A 39 5.12 -2.29 3.52
C HIS A 39 3.70 -2.58 4.02
N ILE A 40 2.74 -2.52 3.14
CA ILE A 40 1.34 -2.80 3.57
C ILE A 40 1.25 -4.27 3.95
N GLN A 41 1.47 -5.14 3.01
CA GLN A 41 1.40 -6.59 3.29
C GLN A 41 2.02 -6.89 4.65
N THR A 42 2.96 -6.09 5.08
CA THR A 42 3.56 -6.36 6.41
C THR A 42 2.62 -5.84 7.49
N HIS A 43 2.16 -4.64 7.35
CA HIS A 43 1.24 -4.08 8.36
C HIS A 43 -0.20 -4.25 7.88
N LEU A 44 -0.39 -5.21 6.99
CA LEU A 44 -1.75 -5.51 6.47
C LEU A 44 -1.90 -7.02 6.26
N GLU A 45 -0.83 -7.78 6.37
CA GLU A 45 -0.95 -9.26 6.16
C GLU A 45 -2.21 -9.78 6.85
N ASP A 46 -2.29 -9.64 8.14
CA ASP A 46 -3.50 -10.12 8.87
C ASP A 46 -3.88 -11.52 8.35
N ARG A 47 -2.93 -12.41 8.30
CA ARG A 47 -3.24 -13.78 7.80
C ARG A 47 -4.00 -13.69 6.47
N THR A 1 2.86 -11.83 -9.87
CA THR A 1 2.05 -11.77 -8.63
C THR A 1 0.93 -10.74 -8.79
N LEU A 2 -0.27 -11.08 -8.41
CA LEU A 2 -1.39 -10.12 -8.56
C LEU A 2 -2.31 -10.22 -7.33
N PRO A 3 -1.78 -9.89 -6.19
CA PRO A 3 -2.52 -9.92 -4.91
C PRO A 3 -3.45 -8.71 -4.80
N ARG A 4 -4.59 -8.88 -4.20
CA ARG A 4 -5.54 -7.74 -4.04
C ARG A 4 -6.62 -8.11 -3.02
N GLY A 5 -6.25 -8.27 -1.79
CA GLY A 5 -7.26 -8.63 -0.76
C GLY A 5 -7.28 -7.56 0.34
N SER A 6 -6.37 -6.63 0.28
CA SER A 6 -6.35 -5.56 1.33
C SER A 6 -5.35 -4.48 0.92
N ILE A 7 -4.27 -4.86 0.30
CA ILE A 7 -3.26 -3.84 -0.13
C ILE A 7 -3.77 -3.09 -1.35
N ASP A 8 -4.30 -3.80 -2.31
CA ASP A 8 -4.82 -3.14 -3.54
C ASP A 8 -6.06 -2.31 -3.17
N LYS A 9 -6.77 -2.72 -2.16
CA LYS A 9 -7.99 -1.96 -1.76
C LYS A 9 -7.58 -0.79 -0.86
N TYR A 10 -6.30 -0.57 -0.69
CA TYR A 10 -5.85 0.55 0.17
C TYR A 10 -4.49 1.05 -0.32
N VAL A 11 -4.34 1.24 -1.61
CA VAL A 11 -3.04 1.70 -2.15
C VAL A 11 -3.27 2.85 -3.14
N LYS A 12 -2.66 3.98 -2.89
CA LYS A 12 -2.83 5.14 -3.81
C LYS A 12 -1.56 5.29 -4.66
N GLU A 13 -1.53 4.66 -5.81
CA GLU A 13 -0.32 4.76 -6.67
C GLU A 13 -0.39 6.04 -7.51
N MET A 14 0.68 6.78 -7.56
CA MET A 14 0.70 8.04 -8.36
C MET A 14 1.79 7.94 -9.44
N PRO A 15 1.40 8.11 -10.68
CA PRO A 15 2.34 8.03 -11.82
C PRO A 15 3.23 9.27 -11.84
N ASP A 16 2.93 10.25 -11.03
CA ASP A 16 3.77 11.47 -11.00
C ASP A 16 4.90 11.27 -9.99
N LYS A 17 5.08 10.05 -9.53
CA LYS A 17 6.15 9.74 -8.54
C LYS A 17 5.62 9.98 -7.14
N THR A 18 4.59 9.28 -6.75
CA THR A 18 4.03 9.47 -5.39
C THR A 18 3.22 8.24 -5.00
N PHE A 19 2.83 8.15 -3.76
CA PHE A 19 2.04 6.97 -3.30
C PHE A 19 1.33 7.33 -1.99
N GLU A 20 0.27 6.63 -1.67
CA GLU A 20 -0.47 6.94 -0.40
C GLU A 20 -1.18 5.69 0.11
N CYS A 21 -0.65 5.08 1.14
CA CYS A 21 -1.30 3.87 1.71
C CYS A 21 -2.68 4.24 2.25
N LEU A 22 -3.73 3.85 1.57
CA LEU A 22 -5.10 4.21 2.04
C LEU A 22 -5.55 3.28 3.15
N PHE A 23 -4.70 2.40 3.62
CA PHE A 23 -5.13 1.48 4.71
C PHE A 23 -5.50 2.31 5.95
N PRO A 24 -6.53 1.89 6.64
CA PRO A 24 -7.01 2.58 7.84
C PRO A 24 -6.09 2.30 9.03
N GLY A 25 -5.25 3.23 9.35
CA GLY A 25 -4.31 3.03 10.48
C GLY A 25 -2.90 3.42 10.01
N CYS A 26 -2.73 3.51 8.72
CA CYS A 26 -1.40 3.88 8.16
C CYS A 26 -1.18 5.39 8.30
N THR A 27 0.01 5.84 8.06
CA THR A 27 0.29 7.30 8.16
C THR A 27 1.62 7.60 7.45
N LYS A 28 1.99 6.80 6.49
CA LYS A 28 3.27 7.03 5.78
C LYS A 28 3.04 7.03 4.26
N THR A 29 3.27 8.15 3.61
CA THR A 29 3.07 8.21 2.14
C THR A 29 4.42 7.97 1.46
N PHE A 30 4.42 7.50 0.24
CA PHE A 30 5.72 7.23 -0.44
C PHE A 30 5.72 7.87 -1.83
N LYS A 31 6.61 7.47 -2.68
CA LYS A 31 6.69 8.04 -4.05
C LYS A 31 7.74 7.28 -4.86
N ARG A 32 7.33 6.55 -5.87
CA ARG A 32 8.31 5.79 -6.69
C ARG A 32 7.60 4.72 -7.50
N ARG A 33 7.38 3.56 -6.92
CA ARG A 33 6.69 2.48 -7.68
C ARG A 33 5.79 1.67 -6.74
N TYR A 34 5.61 0.40 -7.01
CA TYR A 34 4.74 -0.42 -6.12
C TYR A 34 5.58 -0.94 -4.95
N ASN A 35 6.34 -0.10 -4.35
CA ASN A 35 7.17 -0.57 -3.21
C ASN A 35 6.37 -0.43 -1.92
N ILE A 36 5.62 0.63 -1.80
CA ILE A 36 4.81 0.81 -0.57
C ILE A 36 3.83 -0.36 -0.48
N ARG A 37 3.45 -0.91 -1.61
CA ARG A 37 2.51 -2.06 -1.59
C ARG A 37 3.07 -3.13 -0.67
N SER A 38 4.30 -3.51 -0.87
CA SER A 38 4.92 -4.53 0.02
C SER A 38 4.90 -4.01 1.45
N HIS A 39 5.12 -2.74 1.62
CA HIS A 39 5.09 -2.16 3.00
C HIS A 39 3.74 -2.49 3.65
N ILE A 40 2.68 -2.41 2.90
CA ILE A 40 1.35 -2.74 3.46
C ILE A 40 1.33 -4.22 3.80
N GLN A 41 1.53 -5.05 2.82
CA GLN A 41 1.54 -6.52 3.05
C GLN A 41 2.22 -6.82 4.39
N THR A 42 3.13 -6.00 4.80
CA THR A 42 3.78 -6.28 6.10
C THR A 42 2.85 -5.82 7.22
N HIS A 43 2.36 -4.62 7.13
CA HIS A 43 1.43 -4.14 8.19
C HIS A 43 -0.01 -4.37 7.73
N LEU A 44 -0.18 -5.32 6.84
CA LEU A 44 -1.54 -5.67 6.35
C LEU A 44 -1.71 -7.19 6.37
N GLU A 45 -0.62 -7.93 6.33
CA GLU A 45 -0.74 -9.41 6.35
C GLU A 45 -1.52 -9.84 7.60
N ASP A 46 -1.38 -9.13 8.68
CA ASP A 46 -2.11 -9.50 9.91
C ASP A 46 -1.71 -10.91 10.35
N ARG A 47 -0.55 -11.06 10.91
CA ARG A 47 -0.10 -12.41 11.35
C ARG A 47 -1.18 -13.06 12.22
N THR A 1 1.59 -19.10 1.77
CA THR A 1 0.20 -18.57 1.86
C THR A 1 0.24 -17.07 2.17
N LEU A 2 -0.21 -16.25 1.27
CA LEU A 2 -0.19 -14.78 1.52
C LEU A 2 -1.56 -14.20 1.19
N PRO A 3 -1.89 -13.11 1.84
CA PRO A 3 -3.17 -12.41 1.65
C PRO A 3 -3.14 -11.60 0.36
N ARG A 4 -4.22 -11.60 -0.37
CA ARG A 4 -4.26 -10.82 -1.64
C ARG A 4 -5.66 -10.23 -1.83
N GLY A 5 -6.03 -9.32 -0.97
CA GLY A 5 -7.38 -8.69 -1.10
C GLY A 5 -7.52 -7.57 -0.07
N SER A 6 -6.47 -6.82 0.16
CA SER A 6 -6.55 -5.70 1.14
C SER A 6 -5.51 -4.65 0.80
N ILE A 7 -4.34 -5.05 0.38
CA ILE A 7 -3.28 -4.07 0.03
C ILE A 7 -3.63 -3.42 -1.31
N ASP A 8 -4.20 -4.17 -2.21
CA ASP A 8 -4.57 -3.59 -3.53
C ASP A 8 -5.70 -2.58 -3.35
N LYS A 9 -6.50 -2.74 -2.33
CA LYS A 9 -7.61 -1.79 -2.09
C LYS A 9 -7.13 -0.68 -1.14
N TYR A 10 -5.85 -0.47 -1.07
CA TYR A 10 -5.32 0.59 -0.17
C TYR A 10 -3.94 1.05 -0.66
N VAL A 11 -3.78 1.19 -1.95
CA VAL A 11 -2.46 1.63 -2.49
C VAL A 11 -2.67 2.82 -3.41
N LYS A 12 -2.60 4.02 -2.89
CA LYS A 12 -2.79 5.23 -3.74
C LYS A 12 -1.58 5.39 -4.67
N GLU A 13 -1.76 5.15 -5.93
CA GLU A 13 -0.63 5.30 -6.88
C GLU A 13 -0.79 6.60 -7.67
N MET A 14 0.10 7.53 -7.48
CA MET A 14 -0.02 8.82 -8.22
C MET A 14 0.93 8.81 -9.44
N PRO A 15 0.40 9.18 -10.58
CA PRO A 15 1.19 9.23 -11.83
C PRO A 15 2.15 10.41 -11.80
N ASP A 16 2.00 11.28 -10.83
CA ASP A 16 2.92 12.44 -10.72
C ASP A 16 4.13 12.01 -9.89
N LYS A 17 4.31 10.73 -9.70
CA LYS A 17 5.45 10.21 -8.90
C LYS A 17 5.15 10.33 -7.42
N THR A 18 4.09 9.71 -6.97
CA THR A 18 3.74 9.79 -5.53
C THR A 18 3.02 8.51 -5.10
N PHE A 19 2.70 8.40 -3.84
CA PHE A 19 2.00 7.19 -3.34
C PHE A 19 1.39 7.48 -1.97
N GLU A 20 0.32 6.84 -1.63
CA GLU A 20 -0.31 7.10 -0.30
C GLU A 20 -1.06 5.86 0.18
N CYS A 21 -0.43 5.07 1.01
CA CYS A 21 -1.11 3.86 1.54
C CYS A 21 -2.48 4.28 2.08
N LEU A 22 -3.54 3.94 1.38
CA LEU A 22 -4.90 4.36 1.83
C LEU A 22 -5.38 3.47 2.98
N PHE A 23 -4.53 2.64 3.52
CA PHE A 23 -4.97 1.76 4.64
C PHE A 23 -5.34 2.63 5.86
N PRO A 24 -6.39 2.26 6.54
CA PRO A 24 -6.84 2.99 7.73
C PRO A 24 -5.91 2.71 8.91
N GLY A 25 -5.27 3.73 9.40
CA GLY A 25 -4.32 3.54 10.53
C GLY A 25 -2.90 3.75 10.02
N CYS A 26 -2.71 3.60 8.74
CA CYS A 26 -1.35 3.79 8.16
C CYS A 26 -0.94 5.26 8.32
N THR A 27 0.32 5.55 8.16
CA THR A 27 0.78 6.96 8.30
C THR A 27 2.09 7.15 7.52
N LYS A 28 2.22 6.51 6.40
CA LYS A 28 3.47 6.65 5.61
C LYS A 28 3.13 6.78 4.12
N THR A 29 3.84 7.61 3.41
CA THR A 29 3.56 7.79 1.95
C THR A 29 4.85 7.55 1.17
N PHE A 30 4.76 7.31 -0.11
CA PHE A 30 5.99 7.08 -0.91
C PHE A 30 5.83 7.70 -2.30
N LYS A 31 6.56 7.20 -3.27
CA LYS A 31 6.46 7.76 -4.64
C LYS A 31 6.49 6.62 -5.66
N ARG A 32 6.65 6.93 -6.92
CA ARG A 32 6.68 5.87 -7.96
C ARG A 32 7.55 4.71 -7.46
N ARG A 33 6.93 3.68 -6.93
CA ARG A 33 7.73 2.53 -6.43
C ARG A 33 6.79 1.36 -6.13
N TYR A 34 7.31 0.17 -6.06
CA TYR A 34 6.46 -1.01 -5.76
C TYR A 34 6.96 -1.65 -4.47
N ASN A 35 7.54 -0.88 -3.60
CA ASN A 35 8.04 -1.45 -2.35
C ASN A 35 7.11 -1.04 -1.21
N ILE A 36 6.32 -0.03 -1.43
CA ILE A 36 5.37 0.43 -0.38
C ILE A 36 4.21 -0.56 -0.34
N ARG A 37 3.84 -1.12 -1.46
CA ARG A 37 2.72 -2.11 -1.47
C ARG A 37 3.08 -3.23 -0.49
N SER A 38 4.28 -3.72 -0.55
CA SER A 38 4.69 -4.79 0.39
C SER A 38 4.64 -4.25 1.81
N HIS A 39 5.08 -3.03 2.00
CA HIS A 39 5.04 -2.42 3.36
C HIS A 39 3.65 -2.68 3.94
N ILE A 40 2.64 -2.59 3.12
CA ILE A 40 1.27 -2.84 3.62
C ILE A 40 1.16 -4.32 3.98
N GLN A 41 1.52 -5.17 3.07
CA GLN A 41 1.46 -6.64 3.34
C GLN A 41 1.97 -6.91 4.75
N THR A 42 2.89 -6.12 5.21
CA THR A 42 3.40 -6.36 6.59
C THR A 42 2.38 -5.86 7.59
N HIS A 43 1.90 -4.66 7.43
CA HIS A 43 0.91 -4.14 8.39
C HIS A 43 -0.50 -4.41 7.86
N LEU A 44 -0.62 -5.38 6.97
CA LEU A 44 -1.95 -5.75 6.44
C LEU A 44 -2.05 -7.28 6.32
N GLU A 45 -0.97 -8.00 6.50
CA GLU A 45 -1.04 -9.48 6.39
C GLU A 45 -1.87 -10.04 7.56
N ASP A 46 -1.40 -9.87 8.76
CA ASP A 46 -2.15 -10.39 9.95
C ASP A 46 -2.59 -9.21 10.82
N ARG A 47 -2.81 -8.07 10.24
CA ARG A 47 -3.24 -6.88 11.04
C ARG A 47 -4.75 -6.68 10.89
N THR A 1 -9.51 -14.89 -3.45
CA THR A 1 -8.02 -14.84 -3.52
C THR A 1 -7.48 -14.16 -2.26
N LEU A 2 -6.75 -14.88 -1.46
CA LEU A 2 -6.19 -14.29 -0.22
C LEU A 2 -5.11 -13.26 -0.57
N PRO A 3 -4.17 -13.69 -1.37
CA PRO A 3 -3.07 -12.82 -1.80
C PRO A 3 -3.52 -11.89 -2.93
N ARG A 4 -3.19 -10.62 -2.83
CA ARG A 4 -3.60 -9.67 -3.89
C ARG A 4 -5.11 -9.38 -3.76
N GLY A 5 -5.58 -9.21 -2.56
CA GLY A 5 -7.04 -8.94 -2.37
C GLY A 5 -7.22 -7.94 -1.23
N SER A 6 -6.42 -6.91 -1.20
CA SER A 6 -6.54 -5.91 -0.11
C SER A 6 -5.44 -4.85 -0.24
N ILE A 7 -4.31 -5.21 -0.80
CA ILE A 7 -3.21 -4.23 -0.96
C ILE A 7 -3.64 -3.16 -1.97
N ASP A 8 -4.20 -3.56 -3.06
CA ASP A 8 -4.65 -2.56 -4.08
C ASP A 8 -5.88 -1.83 -3.56
N LYS A 9 -6.52 -2.36 -2.55
CA LYS A 9 -7.73 -1.69 -1.99
C LYS A 9 -7.30 -0.67 -0.93
N TYR A 10 -6.03 -0.44 -0.78
CA TYR A 10 -5.56 0.54 0.23
C TYR A 10 -4.25 1.17 -0.23
N VAL A 11 -3.95 1.08 -1.50
CA VAL A 11 -2.68 1.68 -2.02
C VAL A 11 -3.02 2.83 -2.98
N LYS A 12 -2.69 4.04 -2.59
CA LYS A 12 -3.00 5.19 -3.48
C LYS A 12 -1.83 5.44 -4.43
N GLU A 13 -1.91 4.93 -5.64
CA GLU A 13 -0.80 5.14 -6.61
C GLU A 13 -1.09 6.39 -7.44
N MET A 14 -0.20 7.34 -7.44
CA MET A 14 -0.43 8.58 -8.23
C MET A 14 0.40 8.51 -9.53
N PRO A 15 -0.21 8.96 -10.61
CA PRO A 15 0.43 8.95 -11.93
C PRO A 15 1.52 10.03 -11.99
N ASP A 16 1.57 10.87 -10.99
CA ASP A 16 2.63 11.92 -10.98
C ASP A 16 3.85 11.37 -10.24
N LYS A 17 3.91 10.06 -10.09
CA LYS A 17 5.05 9.43 -9.39
C LYS A 17 4.88 9.63 -7.89
N THR A 18 3.76 9.24 -7.35
CA THR A 18 3.53 9.42 -5.90
C THR A 18 2.88 8.16 -5.32
N PHE A 19 2.63 8.15 -4.04
CA PHE A 19 2.01 6.95 -3.42
C PHE A 19 1.43 7.34 -2.05
N GLU A 20 0.38 6.70 -1.62
CA GLU A 20 -0.20 7.06 -0.29
C GLU A 20 -1.00 5.88 0.27
N CYS A 21 -0.39 5.08 1.09
CA CYS A 21 -1.12 3.93 1.69
C CYS A 21 -2.35 4.47 2.41
N LEU A 22 -3.51 4.36 1.80
CA LEU A 22 -4.74 4.89 2.43
C LEU A 22 -5.25 3.95 3.52
N PHE A 23 -4.48 2.96 3.90
CA PHE A 23 -4.95 2.04 4.97
C PHE A 23 -5.28 2.87 6.22
N PRO A 24 -6.32 2.47 6.91
CA PRO A 24 -6.77 3.17 8.13
C PRO A 24 -5.83 2.85 9.29
N GLY A 25 -5.00 3.79 9.64
CA GLY A 25 -4.04 3.56 10.76
C GLY A 25 -2.63 3.79 10.21
N CYS A 26 -2.48 3.74 8.92
CA CYS A 26 -1.14 3.95 8.30
C CYS A 26 -0.74 5.42 8.46
N THR A 27 0.50 5.74 8.19
CA THR A 27 0.95 7.15 8.31
C THR A 27 2.23 7.35 7.50
N LYS A 28 2.41 6.61 6.44
CA LYS A 28 3.64 6.76 5.62
C LYS A 28 3.27 6.77 4.12
N THR A 29 3.90 7.62 3.36
CA THR A 29 3.60 7.68 1.90
C THR A 29 4.89 7.42 1.11
N PHE A 30 4.78 7.27 -0.18
CA PHE A 30 6.00 7.01 -1.00
C PHE A 30 5.86 7.68 -2.37
N LYS A 31 6.79 7.43 -3.26
CA LYS A 31 6.70 8.06 -4.61
C LYS A 31 7.14 7.06 -5.67
N ARG A 32 6.26 6.73 -6.59
CA ARG A 32 6.62 5.76 -7.67
C ARG A 32 7.52 4.65 -7.11
N ARG A 33 7.14 4.04 -6.03
CA ARG A 33 7.99 2.96 -5.45
C ARG A 33 7.19 1.67 -5.35
N TYR A 34 7.84 0.54 -5.45
CA TYR A 34 7.11 -0.76 -5.36
C TYR A 34 7.51 -1.45 -4.07
N ASN A 35 8.03 -0.71 -3.13
CA ASN A 35 8.44 -1.33 -1.85
C ASN A 35 7.38 -1.01 -0.80
N ILE A 36 6.58 -0.03 -1.08
CA ILE A 36 5.51 0.36 -0.12
C ILE A 36 4.40 -0.68 -0.20
N ARG A 37 4.13 -1.20 -1.36
CA ARG A 37 3.07 -2.23 -1.48
C ARG A 37 3.41 -3.38 -0.54
N SER A 38 4.66 -3.74 -0.45
CA SER A 38 5.06 -4.83 0.47
C SER A 38 4.89 -4.33 1.90
N HIS A 39 5.15 -3.07 2.11
CA HIS A 39 5.02 -2.50 3.48
C HIS A 39 3.59 -2.74 3.98
N ILE A 40 2.63 -2.58 3.12
CA ILE A 40 1.22 -2.82 3.55
C ILE A 40 1.07 -4.29 3.89
N GLN A 41 1.27 -5.15 2.92
CA GLN A 41 1.14 -6.61 3.17
C GLN A 41 1.71 -6.96 4.53
N THR A 42 2.67 -6.21 4.99
CA THR A 42 3.24 -6.52 6.34
C THR A 42 2.29 -5.99 7.40
N HIS A 43 1.88 -4.76 7.28
CA HIS A 43 0.96 -4.20 8.28
C HIS A 43 -0.48 -4.33 7.76
N LEU A 44 -0.67 -5.27 6.87
CA LEU A 44 -2.04 -5.53 6.32
C LEU A 44 -2.30 -7.03 6.30
N GLU A 45 -1.27 -7.85 6.36
CA GLU A 45 -1.49 -9.32 6.33
C GLU A 45 -2.50 -9.71 7.42
N ASP A 46 -2.69 -8.86 8.39
CA ASP A 46 -3.66 -9.19 9.48
C ASP A 46 -3.79 -7.98 10.42
N ARG A 47 -2.72 -7.29 10.66
CA ARG A 47 -2.78 -6.12 11.57
C ARG A 47 -2.97 -4.84 10.74
N THR A 1 -14.06 -12.59 -7.81
CA THR A 1 -13.49 -12.17 -6.50
C THR A 1 -12.04 -11.69 -6.70
N LEU A 2 -11.42 -11.21 -5.67
CA LEU A 2 -10.01 -10.74 -5.81
C LEU A 2 -9.43 -10.43 -4.42
N PRO A 3 -9.21 -11.47 -3.66
CA PRO A 3 -8.65 -11.36 -2.30
C PRO A 3 -7.15 -11.12 -2.35
N ARG A 4 -6.70 -9.97 -1.93
CA ARG A 4 -5.24 -9.67 -1.96
C ARG A 4 -4.81 -9.07 -0.62
N GLY A 5 -5.46 -9.47 0.44
CA GLY A 5 -5.10 -8.92 1.79
C GLY A 5 -5.56 -7.46 1.89
N SER A 6 -6.21 -6.95 0.88
CA SER A 6 -6.67 -5.54 0.92
C SER A 6 -5.51 -4.62 0.54
N ILE A 7 -4.48 -5.19 -0.02
CA ILE A 7 -3.31 -4.37 -0.43
C ILE A 7 -3.72 -3.42 -1.55
N ASP A 8 -4.20 -3.97 -2.63
CA ASP A 8 -4.63 -3.11 -3.78
C ASP A 8 -5.90 -2.35 -3.40
N LYS A 9 -6.53 -2.71 -2.31
CA LYS A 9 -7.76 -2.01 -1.89
C LYS A 9 -7.41 -0.90 -0.89
N TYR A 10 -6.13 -0.63 -0.72
CA TYR A 10 -5.72 0.44 0.23
C TYR A 10 -4.38 1.02 -0.21
N VAL A 11 -4.17 1.18 -1.49
CA VAL A 11 -2.89 1.74 -1.98
C VAL A 11 -3.17 2.85 -3.00
N LYS A 12 -2.41 3.91 -2.96
CA LYS A 12 -2.65 5.02 -3.92
C LYS A 12 -1.42 5.15 -4.85
N GLU A 13 -1.65 5.26 -6.13
CA GLU A 13 -0.51 5.39 -7.07
C GLU A 13 -0.72 6.64 -7.94
N MET A 14 -0.06 7.72 -7.60
CA MET A 14 -0.22 8.96 -8.40
C MET A 14 0.75 8.93 -9.59
N PRO A 15 0.27 9.36 -10.73
CA PRO A 15 1.06 9.40 -11.97
C PRO A 15 2.11 10.52 -11.89
N ASP A 16 1.99 11.37 -10.92
CA ASP A 16 2.98 12.47 -10.77
C ASP A 16 4.17 11.94 -9.95
N LYS A 17 4.22 10.64 -9.75
CA LYS A 17 5.32 10.02 -8.96
C LYS A 17 5.00 10.14 -7.47
N THR A 18 3.93 9.52 -7.05
CA THR A 18 3.56 9.60 -5.61
C THR A 18 2.90 8.29 -5.17
N PHE A 19 2.60 8.18 -3.90
CA PHE A 19 1.95 6.94 -3.39
C PHE A 19 1.27 7.25 -2.06
N GLU A 20 0.15 6.64 -1.79
CA GLU A 20 -0.55 6.93 -0.51
C GLU A 20 -1.26 5.68 0.01
N CYS A 21 -0.71 5.04 1.01
CA CYS A 21 -1.36 3.82 1.56
C CYS A 21 -2.71 4.23 2.19
N LEU A 22 -3.79 3.90 1.55
CA LEU A 22 -5.13 4.29 2.09
C LEU A 22 -5.51 3.43 3.29
N PHE A 23 -4.63 2.59 3.78
CA PHE A 23 -4.99 1.75 4.94
C PHE A 23 -5.32 2.66 6.14
N PRO A 24 -6.34 2.28 6.88
CA PRO A 24 -6.77 3.04 8.05
C PRO A 24 -5.78 2.84 9.20
N GLY A 25 -5.13 3.88 9.60
CA GLY A 25 -4.13 3.76 10.70
C GLY A 25 -2.73 3.96 10.11
N CYS A 26 -2.59 3.74 8.83
CA CYS A 26 -1.27 3.91 8.19
C CYS A 26 -0.84 5.39 8.28
N THR A 27 0.41 5.67 8.05
CA THR A 27 0.89 7.07 8.11
C THR A 27 2.20 7.21 7.34
N LYS A 28 2.35 6.46 6.27
CA LYS A 28 3.61 6.54 5.49
C LYS A 28 3.27 6.58 3.99
N THR A 29 3.59 7.67 3.33
CA THR A 29 3.30 7.77 1.88
C THR A 29 4.62 7.68 1.10
N PHE A 30 4.56 7.28 -0.14
CA PHE A 30 5.82 7.16 -0.93
C PHE A 30 5.64 7.82 -2.30
N LYS A 31 6.46 7.47 -3.25
CA LYS A 31 6.35 8.07 -4.61
C LYS A 31 7.14 7.22 -5.60
N ARG A 32 6.51 6.80 -6.66
CA ARG A 32 7.24 5.97 -7.67
C ARG A 32 8.05 4.89 -6.94
N ARG A 33 7.43 3.79 -6.60
CA ARG A 33 8.16 2.71 -5.89
C ARG A 33 7.25 1.51 -5.70
N TYR A 34 7.75 0.33 -5.93
CA TYR A 34 6.90 -0.89 -5.76
C TYR A 34 7.30 -1.58 -4.47
N ASN A 35 7.89 -0.86 -3.56
CA ASN A 35 8.31 -1.48 -2.29
C ASN A 35 7.28 -1.16 -1.21
N ILE A 36 6.54 -0.10 -1.40
CA ILE A 36 5.51 0.27 -0.40
C ILE A 36 4.37 -0.75 -0.49
N ARG A 37 4.19 -1.34 -1.64
CA ARG A 37 3.11 -2.36 -1.78
C ARG A 37 3.36 -3.45 -0.75
N SER A 38 4.58 -3.95 -0.69
CA SER A 38 4.89 -5.01 0.30
C SER A 38 4.69 -4.42 1.70
N HIS A 39 5.00 -3.16 1.86
CA HIS A 39 4.82 -2.52 3.20
C HIS A 39 3.39 -2.76 3.67
N ILE A 40 2.45 -2.67 2.76
CA ILE A 40 1.04 -2.89 3.16
C ILE A 40 0.86 -4.36 3.49
N GLN A 41 1.19 -5.21 2.56
CA GLN A 41 1.04 -6.67 2.78
C GLN A 41 1.57 -7.06 4.17
N THR A 42 2.56 -6.39 4.67
CA THR A 42 3.07 -6.79 6.01
C THR A 42 2.21 -6.15 7.09
N HIS A 43 1.72 -4.97 6.87
CA HIS A 43 0.88 -4.33 7.91
C HIS A 43 -0.59 -4.39 7.47
N LEU A 44 -0.88 -5.28 6.55
CA LEU A 44 -2.28 -5.46 6.10
C LEU A 44 -2.60 -6.96 6.06
N GLU A 45 -1.60 -7.81 6.09
CA GLU A 45 -1.88 -9.28 6.04
C GLU A 45 -2.95 -9.62 7.10
N ASP A 46 -2.66 -9.40 8.35
CA ASP A 46 -3.64 -9.73 9.42
C ASP A 46 -2.99 -9.55 10.79
N ARG A 47 -2.32 -8.45 11.01
CA ARG A 47 -1.67 -8.22 12.33
C ARG A 47 -0.95 -6.88 12.33
N THR A 1 -10.61 -7.69 -10.92
CA THR A 1 -10.57 -8.19 -9.52
C THR A 1 -9.11 -8.37 -9.09
N LEU A 2 -8.57 -9.54 -9.29
CA LEU A 2 -7.15 -9.77 -8.89
C LEU A 2 -6.91 -9.18 -7.50
N PRO A 3 -7.27 -9.93 -6.49
CA PRO A 3 -7.11 -9.51 -5.09
C PRO A 3 -5.65 -9.64 -4.64
N ARG A 4 -5.18 -8.75 -3.82
CA ARG A 4 -3.78 -8.82 -3.36
C ARG A 4 -3.73 -8.59 -1.84
N GLY A 5 -4.55 -9.27 -1.10
CA GLY A 5 -4.56 -9.09 0.38
C GLY A 5 -5.23 -7.76 0.74
N SER A 6 -5.87 -7.13 -0.22
CA SER A 6 -6.55 -5.84 0.05
C SER A 6 -5.51 -4.71 0.01
N ILE A 7 -4.34 -5.01 -0.50
CA ILE A 7 -3.28 -3.97 -0.57
C ILE A 7 -3.61 -3.01 -1.72
N ASP A 8 -4.40 -3.44 -2.67
CA ASP A 8 -4.76 -2.56 -3.80
C ASP A 8 -5.97 -1.71 -3.43
N LYS A 9 -6.66 -2.06 -2.37
CA LYS A 9 -7.84 -1.28 -1.95
C LYS A 9 -7.40 -0.04 -1.17
N TYR A 10 -6.12 0.13 -0.99
CA TYR A 10 -5.63 1.32 -0.24
C TYR A 10 -4.42 1.91 -0.95
N VAL A 11 -3.54 1.08 -1.43
CA VAL A 11 -2.32 1.59 -2.13
C VAL A 11 -2.74 2.65 -3.17
N LYS A 12 -2.56 3.90 -2.85
CA LYS A 12 -2.95 4.97 -3.82
C LYS A 12 -1.75 5.32 -4.69
N GLU A 13 -1.55 4.63 -5.79
CA GLU A 13 -0.40 4.93 -6.68
C GLU A 13 -0.72 6.18 -7.51
N MET A 14 0.13 7.17 -7.47
CA MET A 14 -0.13 8.40 -8.26
C MET A 14 0.83 8.44 -9.47
N PRO A 15 0.27 8.78 -10.62
CA PRO A 15 1.04 8.85 -11.87
C PRO A 15 1.95 10.08 -11.83
N ASP A 16 1.79 10.92 -10.86
CA ASP A 16 2.65 12.12 -10.75
C ASP A 16 3.86 11.75 -9.88
N LYS A 17 4.12 10.47 -9.74
CA LYS A 17 5.27 10.01 -8.91
C LYS A 17 4.94 10.17 -7.42
N THR A 18 3.91 9.51 -6.96
CA THR A 18 3.55 9.62 -5.53
C THR A 18 2.90 8.32 -5.06
N PHE A 19 2.53 8.26 -3.80
CA PHE A 19 1.89 7.02 -3.26
C PHE A 19 1.29 7.33 -1.89
N GLU A 20 0.17 6.75 -1.57
CA GLU A 20 -0.46 7.03 -0.27
C GLU A 20 -1.17 5.78 0.26
N CYS A 21 -0.53 5.05 1.14
CA CYS A 21 -1.18 3.84 1.71
C CYS A 21 -2.48 4.26 2.39
N LEU A 22 -3.59 4.05 1.74
CA LEU A 22 -4.89 4.47 2.34
C LEU A 22 -5.31 3.53 3.47
N PHE A 23 -4.48 2.58 3.84
CA PHE A 23 -4.88 1.67 4.95
C PHE A 23 -5.25 2.52 6.18
N PRO A 24 -6.26 2.09 6.88
CA PRO A 24 -6.74 2.79 8.09
C PRO A 24 -5.80 2.56 9.26
N GLY A 25 -5.03 3.55 9.61
CA GLY A 25 -4.06 3.41 10.72
C GLY A 25 -2.66 3.71 10.19
N CYS A 26 -2.50 3.67 8.90
CA CYS A 26 -1.18 3.95 8.28
C CYS A 26 -0.85 5.44 8.43
N THR A 27 0.36 5.82 8.15
CA THR A 27 0.74 7.25 8.25
C THR A 27 2.02 7.50 7.44
N LYS A 28 2.25 6.70 6.43
CA LYS A 28 3.47 6.88 5.61
C LYS A 28 3.11 6.95 4.13
N THR A 29 3.86 7.69 3.34
CA THR A 29 3.55 7.78 1.89
C THR A 29 4.86 7.65 1.10
N PHE A 30 4.78 7.35 -0.17
CA PHE A 30 6.02 7.19 -0.97
C PHE A 30 5.78 7.69 -2.41
N LYS A 31 6.68 7.39 -3.30
CA LYS A 31 6.51 7.86 -4.71
C LYS A 31 6.51 6.66 -5.66
N ARG A 32 6.48 6.90 -6.94
CA ARG A 32 6.47 5.77 -7.92
C ARG A 32 7.46 4.69 -7.47
N ARG A 33 6.95 3.61 -6.93
CA ARG A 33 7.85 2.51 -6.47
C ARG A 33 7.05 1.22 -6.33
N TYR A 34 7.61 0.24 -5.67
CA TYR A 34 6.88 -1.06 -5.49
C TYR A 34 7.33 -1.67 -4.18
N ASN A 35 7.85 -0.88 -3.29
CA ASN A 35 8.30 -1.44 -2.00
C ASN A 35 7.28 -1.09 -0.92
N ILE A 36 6.49 -0.09 -1.17
CA ILE A 36 5.46 0.30 -0.16
C ILE A 36 4.31 -0.70 -0.25
N ARG A 37 4.09 -1.27 -1.41
CA ARG A 37 2.99 -2.26 -1.54
C ARG A 37 3.26 -3.40 -0.55
N SER A 38 4.46 -3.92 -0.55
CA SER A 38 4.80 -5.00 0.41
C SER A 38 4.65 -4.45 1.82
N HIS A 39 5.03 -3.22 2.03
CA HIS A 39 4.89 -2.62 3.38
C HIS A 39 3.47 -2.82 3.86
N ILE A 40 2.51 -2.66 2.98
CA ILE A 40 1.10 -2.86 3.39
C ILE A 40 0.89 -4.32 3.71
N GLN A 41 1.06 -5.16 2.72
CA GLN A 41 0.86 -6.62 2.94
C GLN A 41 1.50 -7.05 4.26
N THR A 42 2.48 -6.33 4.74
CA THR A 42 3.09 -6.74 6.03
C THR A 42 2.27 -6.14 7.17
N HIS A 43 1.90 -4.90 7.07
CA HIS A 43 1.08 -4.30 8.14
C HIS A 43 -0.39 -4.38 7.76
N LEU A 44 -0.71 -5.28 6.86
CA LEU A 44 -2.12 -5.49 6.46
C LEU A 44 -2.41 -6.99 6.57
N GLU A 45 -1.45 -7.82 6.20
CA GLU A 45 -1.62 -9.31 6.28
C GLU A 45 -3.10 -9.69 6.14
N ASP A 46 -3.65 -9.52 4.97
CA ASP A 46 -5.09 -9.88 4.77
C ASP A 46 -5.20 -11.26 4.14
N ARG A 47 -4.20 -12.09 4.33
CA ARG A 47 -4.25 -13.45 3.72
C ARG A 47 -4.21 -13.35 2.20
N THR A 1 1.54 -14.34 0.04
CA THR A 1 0.19 -14.50 0.65
C THR A 1 -0.79 -14.99 -0.42
N LEU A 2 -1.78 -15.75 -0.01
CA LEU A 2 -2.77 -16.26 -1.01
C LEU A 2 -3.69 -15.12 -1.46
N PRO A 3 -4.26 -14.44 -0.51
CA PRO A 3 -5.17 -13.32 -0.79
C PRO A 3 -4.38 -12.06 -1.13
N ARG A 4 -4.93 -11.19 -1.92
CA ARG A 4 -4.20 -9.95 -2.28
C ARG A 4 -5.21 -8.86 -2.67
N GLY A 5 -6.35 -8.84 -2.03
CA GLY A 5 -7.37 -7.80 -2.35
C GLY A 5 -7.35 -6.71 -1.28
N SER A 6 -6.41 -6.77 -0.38
CA SER A 6 -6.34 -5.72 0.68
C SER A 6 -5.12 -4.83 0.46
N ILE A 7 -4.62 -4.80 -0.75
CA ILE A 7 -3.44 -3.96 -1.04
C ILE A 7 -3.80 -2.91 -2.09
N ASP A 8 -4.54 -3.31 -3.09
CA ASP A 8 -4.94 -2.35 -4.15
C ASP A 8 -6.04 -1.44 -3.60
N LYS A 9 -6.88 -1.95 -2.74
CA LYS A 9 -7.96 -1.11 -2.17
C LYS A 9 -7.40 -0.23 -1.06
N TYR A 10 -6.11 -0.29 -0.84
CA TYR A 10 -5.50 0.55 0.23
C TYR A 10 -4.18 1.14 -0.27
N VAL A 11 -4.03 1.25 -1.56
CA VAL A 11 -2.77 1.82 -2.11
C VAL A 11 -3.10 2.86 -3.18
N LYS A 12 -2.66 4.09 -2.98
CA LYS A 12 -2.97 5.15 -3.97
C LYS A 12 -1.72 5.41 -4.82
N GLU A 13 -1.61 4.75 -5.94
CA GLU A 13 -0.42 4.96 -6.82
C GLU A 13 -0.68 6.15 -7.75
N MET A 14 -0.03 7.26 -7.49
CA MET A 14 -0.25 8.46 -8.36
C MET A 14 0.74 8.43 -9.52
N PRO A 15 0.26 8.78 -10.69
CA PRO A 15 1.09 8.80 -11.91
C PRO A 15 2.06 9.99 -11.86
N ASP A 16 1.89 10.85 -10.89
CA ASP A 16 2.81 12.01 -10.77
C ASP A 16 4.02 11.59 -9.93
N LYS A 17 4.18 10.30 -9.71
CA LYS A 17 5.32 9.78 -8.91
C LYS A 17 4.98 9.94 -7.43
N THR A 18 3.86 9.43 -7.00
CA THR A 18 3.49 9.55 -5.57
C THR A 18 2.86 8.24 -5.10
N PHE A 19 2.52 8.16 -3.83
CA PHE A 19 1.89 6.93 -3.29
C PHE A 19 1.24 7.25 -1.95
N GLU A 20 0.11 6.67 -1.66
CA GLU A 20 -0.57 6.96 -0.37
C GLU A 20 -1.27 5.69 0.14
N CYS A 21 -0.70 5.05 1.12
CA CYS A 21 -1.33 3.82 1.68
C CYS A 21 -2.66 4.22 2.33
N LEU A 22 -3.77 3.95 1.67
CA LEU A 22 -5.09 4.33 2.23
C LEU A 22 -5.47 3.43 3.40
N PHE A 23 -4.62 2.53 3.80
CA PHE A 23 -4.97 1.63 4.94
C PHE A 23 -5.36 2.50 6.15
N PRO A 24 -6.37 2.07 6.86
CA PRO A 24 -6.84 2.80 8.05
C PRO A 24 -5.89 2.57 9.23
N GLY A 25 -5.15 3.58 9.58
CA GLY A 25 -4.18 3.43 10.70
C GLY A 25 -2.78 3.69 10.15
N CYS A 26 -2.62 3.59 8.85
CA CYS A 26 -1.29 3.83 8.23
C CYS A 26 -0.93 5.31 8.37
N THR A 27 0.31 5.66 8.15
CA THR A 27 0.72 7.09 8.26
C THR A 27 2.02 7.30 7.48
N LYS A 28 2.22 6.56 6.41
CA LYS A 28 3.46 6.72 5.61
C LYS A 28 3.13 6.71 4.12
N THR A 29 3.61 7.68 3.39
CA THR A 29 3.34 7.72 1.93
C THR A 29 4.65 7.56 1.16
N PHE A 30 4.59 7.19 -0.08
CA PHE A 30 5.85 7.01 -0.86
C PHE A 30 5.69 7.62 -2.26
N LYS A 31 6.55 7.26 -3.17
CA LYS A 31 6.46 7.82 -4.55
C LYS A 31 6.59 6.68 -5.57
N ARG A 32 6.85 7.02 -6.80
CA ARG A 32 6.99 5.96 -7.84
C ARG A 32 7.86 4.82 -7.30
N ARG A 33 7.25 3.78 -6.81
CA ARG A 33 8.04 2.64 -6.27
C ARG A 33 7.10 1.46 -5.97
N TYR A 34 7.62 0.26 -6.00
CA TYR A 34 6.78 -0.94 -5.72
C TYR A 34 7.26 -1.56 -4.43
N ASN A 35 7.75 -0.77 -3.53
CA ASN A 35 8.25 -1.35 -2.26
C ASN A 35 7.24 -1.02 -1.15
N ILE A 36 6.44 -0.02 -1.37
CA ILE A 36 5.42 0.35 -0.35
C ILE A 36 4.34 -0.73 -0.36
N ARG A 37 4.08 -1.32 -1.50
CA ARG A 37 3.06 -2.39 -1.56
C ARG A 37 3.42 -3.47 -0.54
N SER A 38 4.65 -3.90 -0.54
CA SER A 38 5.07 -4.93 0.45
C SER A 38 4.92 -4.34 1.85
N HIS A 39 5.20 -3.08 2.00
CA HIS A 39 5.06 -2.45 3.34
C HIS A 39 3.66 -2.72 3.86
N ILE A 40 2.67 -2.57 3.04
CA ILE A 40 1.29 -2.83 3.48
C ILE A 40 1.17 -4.30 3.87
N GLN A 41 1.36 -5.17 2.92
CA GLN A 41 1.26 -6.63 3.20
C GLN A 41 1.89 -6.94 4.55
N THR A 42 2.88 -6.21 4.95
CA THR A 42 3.49 -6.48 6.27
C THR A 42 2.58 -5.94 7.36
N HIS A 43 2.15 -4.73 7.23
CA HIS A 43 1.25 -4.17 8.26
C HIS A 43 -0.21 -4.39 7.83
N LEU A 44 -0.40 -5.35 6.95
CA LEU A 44 -1.78 -5.69 6.50
C LEU A 44 -2.03 -7.16 6.83
N GLU A 45 -0.99 -7.96 6.85
CA GLU A 45 -1.19 -9.41 7.16
C GLU A 45 -1.26 -9.59 8.67
N ASP A 46 -0.31 -9.07 9.40
CA ASP A 46 -0.33 -9.21 10.88
C ASP A 46 -0.10 -10.69 11.24
N ARG A 47 0.59 -11.42 10.41
CA ARG A 47 0.84 -12.85 10.71
C ARG A 47 1.93 -13.38 9.79
N THR A 1 -3.10 -14.53 -7.53
CA THR A 1 -1.69 -14.44 -7.02
C THR A 1 -1.67 -14.76 -5.53
N LEU A 2 -0.50 -14.95 -4.98
CA LEU A 2 -0.41 -15.26 -3.52
C LEU A 2 -0.79 -14.02 -2.71
N PRO A 3 -0.16 -12.92 -3.01
CA PRO A 3 -0.42 -11.66 -2.32
C PRO A 3 -1.69 -11.00 -2.88
N ARG A 4 -2.78 -11.11 -2.18
CA ARG A 4 -4.05 -10.50 -2.66
C ARG A 4 -5.06 -10.46 -1.52
N GLY A 5 -4.91 -9.54 -0.61
CA GLY A 5 -5.87 -9.44 0.53
C GLY A 5 -6.48 -8.04 0.57
N SER A 6 -5.66 -7.03 0.50
CA SER A 6 -6.18 -5.63 0.54
C SER A 6 -5.06 -4.66 0.20
N ILE A 7 -4.15 -5.05 -0.64
CA ILE A 7 -3.03 -4.13 -1.01
C ILE A 7 -3.53 -3.10 -2.00
N ASP A 8 -4.16 -3.55 -3.05
CA ASP A 8 -4.69 -2.60 -4.08
C ASP A 8 -5.94 -1.91 -3.52
N LYS A 9 -6.48 -2.41 -2.44
CA LYS A 9 -7.70 -1.77 -1.87
C LYS A 9 -7.29 -0.64 -0.93
N TYR A 10 -6.02 -0.34 -0.86
CA TYR A 10 -5.57 0.76 0.05
C TYR A 10 -4.26 1.35 -0.47
N VAL A 11 -4.10 1.42 -1.77
CA VAL A 11 -2.86 2.00 -2.34
C VAL A 11 -3.22 3.06 -3.38
N LYS A 12 -2.90 4.30 -3.10
CA LYS A 12 -3.24 5.39 -4.07
C LYS A 12 -1.99 5.78 -4.86
N GLU A 13 -1.80 5.22 -6.02
CA GLU A 13 -0.59 5.57 -6.83
C GLU A 13 -0.88 6.85 -7.62
N MET A 14 -0.01 7.82 -7.52
CA MET A 14 -0.24 9.10 -8.26
C MET A 14 0.66 9.13 -9.50
N PRO A 15 0.13 9.65 -10.57
CA PRO A 15 0.86 9.76 -11.85
C PRO A 15 1.94 10.83 -11.75
N ASP A 16 1.95 11.56 -10.66
CA ASP A 16 2.99 12.59 -10.48
C ASP A 16 4.18 11.95 -9.75
N LYS A 17 4.25 10.64 -9.77
CA LYS A 17 5.36 9.92 -9.09
C LYS A 17 5.15 9.99 -7.58
N THR A 18 4.02 9.56 -7.12
CA THR A 18 3.75 9.61 -5.66
C THR A 18 3.03 8.34 -5.21
N PHE A 19 2.73 8.23 -3.95
CA PHE A 19 2.03 7.01 -3.44
C PHE A 19 1.38 7.35 -2.11
N GLU A 20 0.24 6.78 -1.81
CA GLU A 20 -0.42 7.10 -0.52
C GLU A 20 -1.17 5.87 0.03
N CYS A 21 -0.51 5.07 0.81
CA CYS A 21 -1.19 3.88 1.40
C CYS A 21 -2.39 4.38 2.21
N LEU A 22 -3.57 4.34 1.64
CA LEU A 22 -4.77 4.84 2.37
C LEU A 22 -5.27 3.82 3.39
N PHE A 23 -4.50 2.82 3.71
CA PHE A 23 -4.97 1.83 4.72
C PHE A 23 -5.36 2.60 6.00
N PRO A 24 -6.39 2.13 6.64
CA PRO A 24 -6.88 2.77 7.88
C PRO A 24 -5.96 2.41 9.04
N GLY A 25 -5.08 3.31 9.38
CA GLY A 25 -4.12 3.06 10.48
C GLY A 25 -2.71 3.32 9.94
N CYS A 26 -2.59 3.44 8.65
CA CYS A 26 -1.25 3.71 8.05
C CYS A 26 -0.88 5.18 8.25
N THR A 27 0.36 5.53 8.02
CA THR A 27 0.77 6.94 8.20
C THR A 27 2.07 7.20 7.42
N LYS A 28 2.27 6.50 6.33
CA LYS A 28 3.51 6.71 5.54
C LYS A 28 3.19 6.69 4.05
N THR A 29 3.69 7.65 3.31
CA THR A 29 3.43 7.69 1.85
C THR A 29 4.76 7.47 1.11
N PHE A 30 4.70 7.18 -0.16
CA PHE A 30 5.97 6.95 -0.92
C PHE A 30 5.85 7.53 -2.33
N LYS A 31 6.68 7.10 -3.23
CA LYS A 31 6.62 7.63 -4.63
C LYS A 31 6.62 6.45 -5.61
N ARG A 32 6.64 6.75 -6.88
CA ARG A 32 6.65 5.65 -7.90
C ARG A 32 7.62 4.55 -7.47
N ARG A 33 7.11 3.47 -6.95
CA ARG A 33 8.01 2.36 -6.52
C ARG A 33 7.18 1.09 -6.29
N TYR A 34 7.77 0.09 -5.73
CA TYR A 34 7.04 -1.18 -5.48
C TYR A 34 7.45 -1.72 -4.12
N ASN A 35 7.85 -0.86 -3.23
CA ASN A 35 8.27 -1.35 -1.90
C ASN A 35 7.21 -0.99 -0.87
N ILE A 36 6.33 -0.10 -1.24
CA ILE A 36 5.25 0.31 -0.29
C ILE A 36 4.13 -0.74 -0.37
N ARG A 37 3.92 -1.30 -1.53
CA ARG A 37 2.85 -2.33 -1.66
C ARG A 37 3.20 -3.49 -0.73
N SER A 38 4.46 -3.84 -0.66
CA SER A 38 4.87 -4.94 0.24
C SER A 38 4.77 -4.45 1.69
N HIS A 39 5.08 -3.19 1.90
CA HIS A 39 4.98 -2.63 3.28
C HIS A 39 3.56 -2.85 3.80
N ILE A 40 2.59 -2.67 2.95
CA ILE A 40 1.19 -2.87 3.39
C ILE A 40 0.99 -4.32 3.77
N GLN A 41 1.20 -5.21 2.82
CA GLN A 41 1.03 -6.66 3.10
C GLN A 41 1.58 -6.99 4.48
N THR A 42 2.58 -6.28 4.93
CA THR A 42 3.12 -6.57 6.28
C THR A 42 2.17 -6.01 7.33
N HIS A 43 1.79 -4.78 7.20
CA HIS A 43 0.87 -4.20 8.18
C HIS A 43 -0.57 -4.40 7.70
N LEU A 44 -0.75 -5.34 6.81
CA LEU A 44 -2.12 -5.67 6.31
C LEU A 44 -2.42 -7.12 6.71
N GLU A 45 -1.40 -7.94 6.83
CA GLU A 45 -1.63 -9.35 7.20
C GLU A 45 -1.66 -9.47 8.73
N ASP A 46 -0.52 -9.41 9.37
CA ASP A 46 -0.48 -9.51 10.86
C ASP A 46 0.92 -9.16 11.35
N ARG A 47 1.92 -9.87 10.90
CA ARG A 47 3.31 -9.59 11.34
C ARG A 47 3.98 -8.65 10.34
N THR A 1 -5.03 -9.75 -9.50
CA THR A 1 -3.75 -10.34 -9.01
C THR A 1 -4.05 -11.40 -7.95
N LEU A 2 -3.32 -12.47 -7.94
CA LEU A 2 -3.56 -13.54 -6.94
C LEU A 2 -3.77 -12.91 -5.56
N PRO A 3 -2.84 -12.08 -5.17
CA PRO A 3 -2.89 -11.40 -3.88
C PRO A 3 -3.85 -10.20 -3.94
N ARG A 4 -4.82 -10.14 -3.07
CA ARG A 4 -5.78 -9.00 -3.09
C ARG A 4 -6.57 -8.98 -1.79
N GLY A 5 -5.92 -9.18 -0.67
CA GLY A 5 -6.64 -9.19 0.63
C GLY A 5 -7.23 -7.79 0.89
N SER A 6 -6.40 -6.79 0.91
CA SER A 6 -6.91 -5.40 1.16
C SER A 6 -5.79 -4.39 0.91
N ILE A 7 -4.86 -4.72 0.06
CA ILE A 7 -3.74 -3.77 -0.22
C ILE A 7 -4.05 -2.98 -1.49
N ASP A 8 -4.58 -3.63 -2.48
CA ASP A 8 -4.89 -2.92 -3.75
C ASP A 8 -6.03 -1.92 -3.50
N LYS A 9 -6.78 -2.13 -2.46
CA LYS A 9 -7.91 -1.20 -2.16
C LYS A 9 -7.45 -0.15 -1.14
N TYR A 10 -6.16 0.02 -0.99
CA TYR A 10 -5.65 1.03 -0.02
C TYR A 10 -4.28 1.52 -0.47
N VAL A 11 -4.02 1.48 -1.75
CA VAL A 11 -2.70 1.96 -2.26
C VAL A 11 -2.92 3.07 -3.29
N LYS A 12 -2.81 4.30 -2.89
CA LYS A 12 -3.02 5.43 -3.84
C LYS A 12 -1.74 5.67 -4.65
N GLU A 13 -1.64 5.05 -5.80
CA GLU A 13 -0.41 5.24 -6.64
C GLU A 13 -0.67 6.33 -7.68
N MET A 14 0.00 7.44 -7.56
CA MET A 14 -0.20 8.54 -8.55
C MET A 14 0.77 8.37 -9.73
N PRO A 15 0.29 8.64 -10.91
CA PRO A 15 1.10 8.53 -12.14
C PRO A 15 2.11 9.66 -12.21
N ASP A 16 1.97 10.65 -11.36
CA ASP A 16 2.93 11.78 -11.36
C ASP A 16 4.11 11.41 -10.46
N LYS A 17 4.21 10.16 -10.09
CA LYS A 17 5.33 9.68 -9.22
C LYS A 17 4.96 9.93 -7.76
N THR A 18 3.95 9.27 -7.27
CA THR A 18 3.55 9.47 -5.86
C THR A 18 2.92 8.18 -5.31
N PHE A 19 2.62 8.16 -4.04
CA PHE A 19 2.01 6.94 -3.42
C PHE A 19 1.40 7.32 -2.08
N GLU A 20 0.38 6.62 -1.65
CA GLU A 20 -0.24 6.97 -0.34
C GLU A 20 -1.04 5.79 0.20
N CYS A 21 -0.41 4.92 0.94
CA CYS A 21 -1.14 3.77 1.53
C CYS A 21 -2.28 4.31 2.39
N LEU A 22 -3.46 4.43 1.82
CA LEU A 22 -4.61 4.99 2.58
C LEU A 22 -5.19 3.97 3.57
N PHE A 23 -4.52 2.87 3.80
CA PHE A 23 -5.06 1.88 4.77
C PHE A 23 -5.47 2.61 6.04
N PRO A 24 -6.54 2.17 6.65
CA PRO A 24 -7.06 2.78 7.88
C PRO A 24 -6.17 2.40 9.08
N GLY A 25 -5.26 3.27 9.41
CA GLY A 25 -4.33 3.00 10.53
C GLY A 25 -2.92 3.28 10.05
N CYS A 26 -2.75 3.39 8.75
CA CYS A 26 -1.40 3.67 8.19
C CYS A 26 -1.05 5.15 8.38
N THR A 27 0.18 5.51 8.16
CA THR A 27 0.58 6.94 8.32
C THR A 27 1.86 7.21 7.53
N LYS A 28 2.08 6.49 6.46
CA LYS A 28 3.31 6.71 5.65
C LYS A 28 2.97 6.78 4.17
N THR A 29 3.70 7.56 3.41
CA THR A 29 3.42 7.67 1.95
C THR A 29 4.73 7.45 1.18
N PHE A 30 4.65 7.34 -0.13
CA PHE A 30 5.88 7.13 -0.93
C PHE A 30 5.72 7.77 -2.31
N LYS A 31 6.66 7.58 -3.18
CA LYS A 31 6.57 8.18 -4.54
C LYS A 31 7.25 7.27 -5.57
N ARG A 32 6.54 6.88 -6.59
CA ARG A 32 7.15 6.00 -7.62
C ARG A 32 7.97 4.91 -6.94
N ARG A 33 7.37 4.16 -6.06
CA ARG A 33 8.14 3.08 -5.36
C ARG A 33 7.28 1.81 -5.30
N TYR A 34 7.85 0.68 -5.61
CA TYR A 34 7.07 -0.59 -5.57
C TYR A 34 7.44 -1.33 -4.30
N ASN A 35 7.89 -0.62 -3.32
CA ASN A 35 8.25 -1.29 -2.05
C ASN A 35 7.13 -1.04 -1.08
N ILE A 36 6.70 0.18 -1.00
CA ILE A 36 5.57 0.53 -0.09
C ILE A 36 4.48 -0.53 -0.25
N ARG A 37 4.30 -1.05 -1.44
CA ARG A 37 3.26 -2.09 -1.64
C ARG A 37 3.55 -3.25 -0.68
N SER A 38 4.75 -3.76 -0.70
CA SER A 38 5.10 -4.88 0.22
C SER A 38 4.99 -4.39 1.66
N HIS A 39 5.03 -3.10 1.85
CA HIS A 39 4.92 -2.55 3.24
C HIS A 39 3.51 -2.82 3.76
N ILE A 40 2.52 -2.64 2.95
CA ILE A 40 1.13 -2.90 3.42
C ILE A 40 1.01 -4.38 3.72
N GLN A 41 1.28 -5.21 2.74
CA GLN A 41 1.19 -6.67 2.95
C GLN A 41 1.71 -7.04 4.33
N THR A 42 2.63 -6.27 4.85
CA THR A 42 3.15 -6.59 6.20
C THR A 42 2.15 -6.12 7.24
N HIS A 43 1.72 -4.90 7.15
CA HIS A 43 0.74 -4.39 8.13
C HIS A 43 -0.67 -4.57 7.56
N LEU A 44 -0.81 -5.47 6.64
CA LEU A 44 -2.15 -5.77 6.04
C LEU A 44 -2.33 -7.28 5.92
N GLU A 45 -1.28 -8.05 6.02
CA GLU A 45 -1.42 -9.52 5.89
C GLU A 45 -1.04 -10.18 7.23
N ASP A 46 -1.84 -10.01 8.24
CA ASP A 46 -1.52 -10.63 9.55
C ASP A 46 -2.75 -11.38 10.08
N ARG A 47 -3.37 -12.16 9.25
CA ARG A 47 -4.57 -12.93 9.71
C ARG A 47 -5.72 -11.95 9.99
N THR A 1 -3.44 -18.56 1.90
CA THR A 1 -2.24 -18.45 2.77
C THR A 1 -1.41 -17.24 2.35
N LEU A 2 -1.21 -17.06 1.07
CA LEU A 2 -0.41 -15.90 0.60
C LEU A 2 -1.34 -14.70 0.34
N PRO A 3 -0.85 -13.52 0.61
CA PRO A 3 -1.60 -12.28 0.41
C PRO A 3 -1.60 -11.89 -1.06
N ARG A 4 -2.65 -11.25 -1.52
CA ARG A 4 -2.70 -10.84 -2.95
C ARG A 4 -4.11 -10.35 -3.29
N GLY A 5 -4.45 -9.16 -2.84
CA GLY A 5 -5.81 -8.62 -3.13
C GLY A 5 -6.12 -7.47 -2.19
N SER A 6 -5.58 -7.49 -1.00
CA SER A 6 -5.84 -6.40 -0.02
C SER A 6 -4.68 -5.40 -0.07
N ILE A 7 -3.59 -5.76 -0.70
CA ILE A 7 -2.43 -4.84 -0.77
C ILE A 7 -2.84 -3.56 -1.50
N ASP A 8 -3.31 -3.69 -2.71
CA ASP A 8 -3.73 -2.50 -3.48
C ASP A 8 -5.01 -1.92 -2.87
N LYS A 9 -5.57 -2.58 -1.90
CA LYS A 9 -6.81 -2.07 -1.26
C LYS A 9 -6.51 -0.77 -0.52
N TYR A 10 -5.28 -0.52 -0.18
CA TYR A 10 -4.94 0.73 0.54
C TYR A 10 -3.67 1.35 -0.03
N VAL A 11 -3.57 1.43 -1.34
CA VAL A 11 -2.35 2.01 -1.95
C VAL A 11 -2.75 3.13 -2.92
N LYS A 12 -2.54 4.36 -2.54
CA LYS A 12 -2.90 5.49 -3.44
C LYS A 12 -1.76 5.75 -4.41
N GLU A 13 -1.76 5.12 -5.54
CA GLU A 13 -0.67 5.33 -6.54
C GLU A 13 -1.03 6.48 -7.47
N MET A 14 -0.26 7.53 -7.46
CA MET A 14 -0.55 8.68 -8.35
C MET A 14 0.32 8.58 -9.62
N PRO A 15 -0.23 9.00 -10.72
CA PRO A 15 0.46 8.96 -12.02
C PRO A 15 1.57 10.02 -12.06
N ASP A 16 1.58 10.90 -11.10
CA ASP A 16 2.65 11.93 -11.07
C ASP A 16 3.86 11.36 -10.33
N LYS A 17 3.88 10.07 -10.10
CA LYS A 17 5.00 9.42 -9.40
C LYS A 17 4.81 9.63 -7.89
N THR A 18 3.72 9.16 -7.35
CA THR A 18 3.48 9.34 -5.90
C THR A 18 2.84 8.08 -5.31
N PHE A 19 2.67 8.06 -4.02
CA PHE A 19 2.05 6.87 -3.36
C PHE A 19 1.52 7.29 -1.99
N GLU A 20 0.44 6.71 -1.55
CA GLU A 20 -0.11 7.10 -0.22
C GLU A 20 -0.96 5.97 0.36
N CYS A 21 -0.37 5.15 1.18
CA CYS A 21 -1.14 4.04 1.80
C CYS A 21 -2.40 4.63 2.46
N LEU A 22 -3.55 4.43 1.87
CA LEU A 22 -4.79 5.02 2.45
C LEU A 22 -5.33 4.09 3.55
N PHE A 23 -4.54 3.13 3.97
CA PHE A 23 -5.01 2.22 5.05
C PHE A 23 -5.34 3.04 6.30
N PRO A 24 -6.38 2.65 6.98
CA PRO A 24 -6.81 3.35 8.21
C PRO A 24 -5.88 3.00 9.36
N GLY A 25 -5.05 3.94 9.75
CA GLY A 25 -4.08 3.67 10.85
C GLY A 25 -2.68 3.86 10.29
N CYS A 26 -2.54 3.84 8.98
CA CYS A 26 -1.20 4.03 8.36
C CYS A 26 -0.84 5.52 8.37
N THR A 27 0.39 5.84 8.07
CA THR A 27 0.80 7.27 8.05
C THR A 27 2.09 7.41 7.24
N LYS A 28 2.31 6.55 6.28
CA LYS A 28 3.55 6.64 5.47
C LYS A 28 3.21 6.79 3.98
N THR A 29 3.93 7.63 3.28
CA THR A 29 3.65 7.83 1.83
C THR A 29 4.94 7.61 1.04
N PHE A 30 4.83 7.21 -0.20
CA PHE A 30 6.05 6.98 -1.01
C PHE A 30 5.88 7.61 -2.39
N LYS A 31 6.83 7.43 -3.27
CA LYS A 31 6.70 8.02 -4.63
C LYS A 31 7.09 6.99 -5.70
N ARG A 32 6.25 6.78 -6.66
CA ARG A 32 6.55 5.79 -7.75
C ARG A 32 7.26 4.57 -7.16
N ARG A 33 6.87 4.16 -5.98
CA ARG A 33 7.52 2.97 -5.35
C ARG A 33 6.51 1.83 -5.23
N TYR A 34 6.81 0.69 -5.78
CA TYR A 34 5.87 -0.47 -5.68
C TYR A 34 6.32 -1.36 -4.54
N ASN A 35 7.17 -0.84 -3.69
CA ASN A 35 7.64 -1.66 -2.55
C ASN A 35 6.77 -1.35 -1.34
N ILE A 36 6.10 -0.23 -1.39
CA ILE A 36 5.21 0.14 -0.26
C ILE A 36 4.07 -0.87 -0.20
N ARG A 37 3.67 -1.40 -1.33
CA ARG A 37 2.59 -2.40 -1.34
C ARG A 37 2.97 -3.53 -0.38
N SER A 38 4.22 -3.92 -0.40
CA SER A 38 4.67 -4.99 0.53
C SER A 38 4.59 -4.45 1.95
N HIS A 39 4.96 -3.22 2.14
CA HIS A 39 4.88 -2.61 3.50
C HIS A 39 3.48 -2.87 4.06
N ILE A 40 2.48 -2.65 3.26
CA ILE A 40 1.09 -2.90 3.73
C ILE A 40 0.92 -4.38 3.97
N GLN A 41 1.43 -5.20 3.09
CA GLN A 41 1.30 -6.66 3.29
C GLN A 41 1.73 -7.03 4.70
N THR A 42 2.62 -6.28 5.28
CA THR A 42 3.05 -6.62 6.66
C THR A 42 2.02 -6.09 7.64
N HIS A 43 1.63 -4.85 7.50
CA HIS A 43 0.62 -4.29 8.43
C HIS A 43 -0.77 -4.43 7.80
N LEU A 44 -0.90 -5.37 6.89
CA LEU A 44 -2.21 -5.62 6.25
C LEU A 44 -2.46 -7.13 6.16
N GLU A 45 -1.43 -7.94 6.20
CA GLU A 45 -1.64 -9.42 6.10
C GLU A 45 -2.76 -9.84 7.06
N ASP A 46 -2.52 -9.75 8.35
CA ASP A 46 -3.57 -10.14 9.32
C ASP A 46 -4.65 -9.06 9.40
N ARG A 47 -4.25 -7.82 9.38
CA ARG A 47 -5.25 -6.72 9.45
C ARG A 47 -5.10 -5.81 8.23
N THR A 1 -2.50 -13.65 1.95
CA THR A 1 -1.91 -14.22 0.70
C THR A 1 -3.03 -14.73 -0.20
N LEU A 2 -3.85 -15.62 0.30
CA LEU A 2 -4.96 -16.16 -0.53
C LEU A 2 -5.85 -15.01 -1.01
N PRO A 3 -6.29 -14.21 -0.09
CA PRO A 3 -7.16 -13.06 -0.39
C PRO A 3 -6.33 -11.89 -0.93
N ARG A 4 -6.92 -11.07 -1.75
CA ARG A 4 -6.16 -9.91 -2.30
C ARG A 4 -7.10 -8.72 -2.47
N GLY A 5 -7.77 -8.32 -1.42
CA GLY A 5 -8.70 -7.17 -1.52
C GLY A 5 -8.38 -6.15 -0.42
N SER A 6 -7.22 -6.24 0.16
CA SER A 6 -6.86 -5.28 1.23
C SER A 6 -5.63 -4.47 0.81
N ILE A 7 -4.59 -5.13 0.40
CA ILE A 7 -3.36 -4.42 -0.03
C ILE A 7 -3.69 -3.53 -1.24
N ASP A 8 -4.16 -4.12 -2.29
CA ASP A 8 -4.51 -3.32 -3.51
C ASP A 8 -5.72 -2.44 -3.19
N LYS A 9 -6.58 -2.89 -2.31
CA LYS A 9 -7.77 -2.08 -1.96
C LYS A 9 -7.36 -0.93 -1.03
N TYR A 10 -6.11 -0.87 -0.68
CA TYR A 10 -5.66 0.23 0.22
C TYR A 10 -4.35 0.81 -0.30
N VAL A 11 -4.20 0.89 -1.60
CA VAL A 11 -2.95 1.45 -2.18
C VAL A 11 -3.30 2.62 -3.10
N LYS A 12 -2.69 3.75 -2.89
CA LYS A 12 -3.00 4.93 -3.76
C LYS A 12 -1.80 5.20 -4.69
N GLU A 13 -1.67 4.44 -5.74
CA GLU A 13 -0.54 4.66 -6.68
C GLU A 13 -0.76 5.97 -7.45
N MET A 14 0.27 6.73 -7.64
CA MET A 14 0.11 8.02 -8.37
C MET A 14 1.11 8.07 -9.53
N PRO A 15 0.61 8.33 -10.72
CA PRO A 15 1.44 8.41 -11.94
C PRO A 15 2.27 9.68 -11.93
N ASP A 16 1.96 10.59 -11.04
CA ASP A 16 2.76 11.84 -10.97
C ASP A 16 3.95 11.62 -10.04
N LYS A 17 4.22 10.37 -9.72
CA LYS A 17 5.36 10.04 -8.83
C LYS A 17 4.95 10.20 -7.37
N THR A 18 3.94 9.47 -6.94
CA THR A 18 3.49 9.59 -5.54
C THR A 18 2.86 8.28 -5.09
N PHE A 19 2.47 8.19 -3.84
CA PHE A 19 1.84 6.94 -3.33
C PHE A 19 1.18 7.23 -1.98
N GLU A 20 0.07 6.60 -1.70
CA GLU A 20 -0.61 6.86 -0.40
C GLU A 20 -1.27 5.57 0.11
N CYS A 21 -0.72 4.98 1.14
CA CYS A 21 -1.32 3.74 1.70
C CYS A 21 -2.69 4.09 2.31
N LEU A 22 -3.75 3.73 1.65
CA LEU A 22 -5.10 4.07 2.17
C LEU A 22 -5.46 3.24 3.40
N PHE A 23 -4.56 2.40 3.87
CA PHE A 23 -4.90 1.59 5.08
C PHE A 23 -5.32 2.54 6.21
N PRO A 24 -6.33 2.15 6.94
CA PRO A 24 -6.85 2.95 8.06
C PRO A 24 -5.92 2.84 9.27
N GLY A 25 -5.15 3.86 9.51
CA GLY A 25 -4.21 3.84 10.66
C GLY A 25 -2.80 4.05 10.12
N CYS A 26 -2.63 3.84 8.84
CA CYS A 26 -1.28 4.04 8.22
C CYS A 26 -0.94 5.52 8.22
N THR A 27 0.31 5.85 7.99
CA THR A 27 0.71 7.29 7.96
C THR A 27 2.04 7.42 7.20
N LYS A 28 2.25 6.61 6.20
CA LYS A 28 3.52 6.70 5.43
C LYS A 28 3.20 6.77 3.93
N THR A 29 3.59 7.84 3.29
CA THR A 29 3.33 7.98 1.83
C THR A 29 4.65 7.82 1.07
N PHE A 30 4.59 7.37 -0.15
CA PHE A 30 5.86 7.19 -0.93
C PHE A 30 5.73 7.87 -2.30
N LYS A 31 6.69 7.66 -3.17
CA LYS A 31 6.62 8.30 -4.51
C LYS A 31 7.29 7.38 -5.54
N ARG A 32 6.56 6.97 -6.54
CA ARG A 32 7.15 6.07 -7.58
C ARG A 32 8.01 4.99 -6.91
N ARG A 33 7.43 3.85 -6.63
CA ARG A 33 8.21 2.76 -5.98
C ARG A 33 7.29 1.57 -5.68
N TYR A 34 7.75 0.38 -5.91
CA TYR A 34 6.90 -0.81 -5.63
C TYR A 34 7.37 -1.44 -4.33
N ASN A 35 7.89 -0.66 -3.43
CA ASN A 35 8.37 -1.24 -2.16
C ASN A 35 7.36 -0.92 -1.07
N ILE A 36 6.53 0.04 -1.30
CA ILE A 36 5.50 0.40 -0.26
C ILE A 36 4.41 -0.68 -0.30
N ARG A 37 4.17 -1.24 -1.46
CA ARG A 37 3.13 -2.31 -1.55
C ARG A 37 3.46 -3.38 -0.52
N SER A 38 4.70 -3.79 -0.48
CA SER A 38 5.10 -4.83 0.52
C SER A 38 4.92 -4.24 1.92
N HIS A 39 5.29 -3.00 2.09
CA HIS A 39 5.11 -2.35 3.42
C HIS A 39 3.70 -2.64 3.90
N ILE A 40 2.74 -2.59 3.02
CA ILE A 40 1.35 -2.88 3.42
C ILE A 40 1.22 -4.37 3.71
N GLN A 41 1.89 -5.18 2.94
CA GLN A 41 1.79 -6.65 3.16
C GLN A 41 2.20 -6.99 4.59
N THR A 42 3.13 -6.28 5.16
CA THR A 42 3.54 -6.61 6.54
C THR A 42 2.52 -6.03 7.53
N HIS A 43 2.12 -4.82 7.33
CA HIS A 43 1.13 -4.22 8.26
C HIS A 43 -0.26 -4.36 7.67
N LEU A 44 -0.41 -5.27 6.74
CA LEU A 44 -1.74 -5.52 6.13
C LEU A 44 -1.83 -6.99 5.67
N GLU A 45 -0.86 -7.80 5.99
CA GLU A 45 -0.92 -9.22 5.57
C GLU A 45 -2.32 -9.78 5.82
N ASP A 46 -2.65 -10.03 7.06
CA ASP A 46 -4.01 -10.57 7.38
C ASP A 46 -5.06 -9.51 7.05
N ARG A 47 -5.03 -8.40 7.73
CA ARG A 47 -6.03 -7.33 7.46
C ARG A 47 -5.72 -6.10 8.33
N THR A 1 3.62 -18.86 -5.22
CA THR A 1 2.67 -18.30 -4.22
C THR A 1 3.00 -16.82 -3.98
N LEU A 2 2.01 -16.00 -3.80
CA LEU A 2 2.28 -14.55 -3.56
C LEU A 2 0.96 -13.85 -3.21
N PRO A 3 1.07 -12.84 -2.38
CA PRO A 3 -0.09 -12.04 -1.94
C PRO A 3 -0.51 -11.05 -3.03
N ARG A 4 -1.78 -10.91 -3.27
CA ARG A 4 -2.25 -9.96 -4.31
C ARG A 4 -3.78 -9.93 -4.34
N GLY A 5 -4.38 -9.38 -3.32
CA GLY A 5 -5.87 -9.32 -3.28
C GLY A 5 -6.31 -8.58 -2.01
N SER A 6 -5.53 -7.65 -1.54
CA SER A 6 -5.90 -6.90 -0.32
C SER A 6 -5.01 -5.67 -0.16
N ILE A 7 -4.45 -5.18 -1.24
CA ILE A 7 -3.57 -3.99 -1.15
C ILE A 7 -4.21 -2.83 -1.90
N ASP A 8 -4.95 -3.12 -2.93
CA ASP A 8 -5.62 -2.03 -3.71
C ASP A 8 -6.75 -1.43 -2.87
N LYS A 9 -7.06 -2.03 -1.75
CA LYS A 9 -8.15 -1.50 -0.89
C LYS A 9 -7.62 -0.35 -0.03
N TYR A 10 -6.33 -0.13 -0.04
CA TYR A 10 -5.75 0.96 0.78
C TYR A 10 -4.43 1.41 0.19
N VAL A 11 -4.32 1.40 -1.12
CA VAL A 11 -3.04 1.83 -1.76
C VAL A 11 -3.34 2.87 -2.84
N LYS A 12 -2.83 4.06 -2.68
CA LYS A 12 -3.06 5.12 -3.71
C LYS A 12 -1.81 5.24 -4.57
N GLU A 13 -1.75 4.55 -5.67
CA GLU A 13 -0.55 4.62 -6.55
C GLU A 13 -0.55 5.93 -7.33
N MET A 14 0.60 6.51 -7.52
CA MET A 14 0.68 7.77 -8.28
C MET A 14 1.80 7.65 -9.33
N PRO A 15 1.43 7.75 -10.59
CA PRO A 15 2.39 7.65 -11.69
C PRO A 15 3.25 8.91 -11.76
N ASP A 16 2.98 9.85 -10.91
CA ASP A 16 3.79 11.10 -10.89
C ASP A 16 4.89 10.96 -9.85
N LYS A 17 5.11 9.75 -9.37
CA LYS A 17 6.15 9.50 -8.34
C LYS A 17 5.56 9.76 -6.95
N THR A 18 4.53 9.05 -6.60
CA THR A 18 3.92 9.27 -5.26
C THR A 18 3.08 8.05 -4.86
N PHE A 19 2.63 8.03 -3.64
CA PHE A 19 1.81 6.89 -3.15
C PHE A 19 1.06 7.32 -1.90
N GLU A 20 -0.06 6.71 -1.60
CA GLU A 20 -0.82 7.11 -0.39
C GLU A 20 -1.53 5.89 0.22
N CYS A 21 -0.94 5.30 1.22
CA CYS A 21 -1.58 4.12 1.87
C CYS A 21 -2.88 4.58 2.55
N LEU A 22 -4.00 4.28 1.96
CA LEU A 22 -5.30 4.71 2.57
C LEU A 22 -5.68 3.76 3.72
N PHE A 23 -4.80 2.89 4.12
CA PHE A 23 -5.13 1.96 5.23
C PHE A 23 -5.47 2.77 6.49
N PRO A 24 -6.45 2.30 7.22
CA PRO A 24 -6.89 2.97 8.46
C PRO A 24 -5.89 2.71 9.58
N GLY A 25 -5.17 3.71 9.98
CA GLY A 25 -4.16 3.53 11.04
C GLY A 25 -2.80 3.89 10.46
N CYS A 26 -2.67 3.79 9.15
CA CYS A 26 -1.38 4.12 8.50
C CYS A 26 -1.13 5.63 8.61
N THR A 27 0.06 6.07 8.28
CA THR A 27 0.36 7.52 8.35
C THR A 27 1.65 7.82 7.59
N LYS A 28 1.95 7.03 6.58
CA LYS A 28 3.20 7.27 5.81
C LYS A 28 2.95 7.10 4.32
N THR A 29 3.24 8.10 3.54
CA THR A 29 3.05 8.01 2.06
C THR A 29 4.39 7.70 1.41
N PHE A 30 4.42 7.50 0.12
CA PHE A 30 5.71 7.19 -0.55
C PHE A 30 5.70 7.67 -2.00
N LYS A 31 6.68 7.30 -2.76
CA LYS A 31 6.74 7.72 -4.20
C LYS A 31 7.73 6.83 -4.94
N ARG A 32 7.25 6.01 -5.84
CA ARG A 32 8.18 5.12 -6.60
C ARG A 32 7.37 4.20 -7.52
N ARG A 33 7.13 2.98 -7.11
CA ARG A 33 6.36 2.04 -7.97
C ARG A 33 5.68 0.96 -7.12
N TYR A 34 6.28 -0.20 -7.02
CA TYR A 34 5.65 -1.29 -6.22
C TYR A 34 6.46 -1.47 -4.94
N ASN A 35 6.73 -0.42 -4.24
CA ASN A 35 7.53 -0.56 -3.01
C ASN A 35 6.60 -0.41 -1.80
N ILE A 36 5.89 0.68 -1.74
CA ILE A 36 4.97 0.87 -0.59
C ILE A 36 3.96 -0.28 -0.58
N ARG A 37 3.62 -0.78 -1.75
CA ARG A 37 2.66 -1.91 -1.80
C ARG A 37 3.14 -3.00 -0.84
N SER A 38 4.42 -3.27 -0.84
CA SER A 38 4.96 -4.30 0.09
C SER A 38 4.83 -3.75 1.51
N HIS A 39 4.99 -2.47 1.67
CA HIS A 39 4.88 -1.85 3.02
C HIS A 39 3.53 -2.23 3.61
N ILE A 40 2.49 -2.21 2.83
CA ILE A 40 1.16 -2.57 3.36
C ILE A 40 1.16 -4.06 3.65
N GLN A 41 1.40 -4.86 2.66
CA GLN A 41 1.42 -6.33 2.87
C GLN A 41 2.16 -6.65 4.17
N THR A 42 3.06 -5.80 4.60
CA THR A 42 3.76 -6.10 5.87
C THR A 42 2.87 -5.66 7.02
N HIS A 43 2.37 -4.46 6.98
CA HIS A 43 1.49 -3.99 8.07
C HIS A 43 0.04 -4.21 7.64
N LEU A 44 -0.15 -5.18 6.78
CA LEU A 44 -1.51 -5.52 6.30
C LEU A 44 -1.68 -7.04 6.31
N GLU A 45 -0.61 -7.79 6.17
CA GLU A 45 -0.73 -9.27 6.19
C GLU A 45 -1.16 -9.74 7.59
N ASP A 46 -0.24 -9.77 8.52
CA ASP A 46 -0.60 -10.21 9.90
C ASP A 46 -0.37 -9.05 10.88
N ARG A 47 -0.73 -7.86 10.50
CA ARG A 47 -0.51 -6.70 11.40
C ARG A 47 -1.71 -5.74 11.28
N THR A 1 -7.36 -20.64 -2.61
CA THR A 1 -8.06 -19.34 -2.40
C THR A 1 -7.06 -18.28 -1.94
N LEU A 2 -6.06 -18.02 -2.73
CA LEU A 2 -5.05 -17.00 -2.34
C LEU A 2 -5.72 -15.62 -2.24
N PRO A 3 -5.43 -14.91 -1.18
CA PRO A 3 -5.99 -13.58 -0.95
C PRO A 3 -5.26 -12.53 -1.80
N ARG A 4 -5.94 -11.49 -2.19
CA ARG A 4 -5.28 -10.43 -3.01
C ARG A 4 -6.25 -9.25 -3.20
N GLY A 5 -7.05 -8.97 -2.21
CA GLY A 5 -8.01 -7.84 -2.33
C GLY A 5 -7.82 -6.89 -1.15
N SER A 6 -6.68 -6.94 -0.52
CA SER A 6 -6.43 -6.04 0.64
C SER A 6 -5.29 -5.08 0.30
N ILE A 7 -4.38 -5.49 -0.54
CA ILE A 7 -3.25 -4.61 -0.91
C ILE A 7 -3.75 -3.46 -1.79
N ASP A 8 -4.28 -3.77 -2.93
CA ASP A 8 -4.80 -2.71 -3.83
C ASP A 8 -6.01 -2.03 -3.17
N LYS A 9 -6.55 -2.62 -2.15
CA LYS A 9 -7.73 -2.00 -1.47
C LYS A 9 -7.26 -0.82 -0.62
N TYR A 10 -5.98 -0.56 -0.60
CA TYR A 10 -5.47 0.59 0.21
C TYR A 10 -4.16 1.09 -0.39
N VAL A 11 -4.10 1.21 -1.69
CA VAL A 11 -2.85 1.70 -2.33
C VAL A 11 -3.15 2.92 -3.19
N LYS A 12 -2.66 4.07 -2.81
CA LYS A 12 -2.91 5.30 -3.61
C LYS A 12 -1.71 5.56 -4.52
N GLU A 13 -1.56 4.77 -5.56
CA GLU A 13 -0.42 4.96 -6.48
C GLU A 13 -0.60 6.25 -7.29
N MET A 14 0.23 7.22 -7.06
CA MET A 14 0.12 8.50 -7.82
C MET A 14 1.07 8.44 -9.03
N PRO A 15 0.48 8.46 -10.21
CA PRO A 15 1.26 8.40 -11.46
C PRO A 15 2.00 9.71 -11.69
N ASP A 16 1.80 10.67 -10.83
CA ASP A 16 2.51 11.97 -10.99
C ASP A 16 3.90 11.84 -10.36
N LYS A 17 4.00 11.03 -9.33
CA LYS A 17 5.29 10.78 -8.61
C LYS A 17 5.01 10.76 -7.10
N THR A 18 4.15 9.89 -6.66
CA THR A 18 3.84 9.85 -5.19
C THR A 18 3.09 8.56 -4.86
N PHE A 19 2.74 8.39 -3.62
CA PHE A 19 2.01 7.15 -3.21
C PHE A 19 1.35 7.41 -1.84
N GLU A 20 0.20 6.85 -1.60
CA GLU A 20 -0.46 7.08 -0.29
C GLU A 20 -1.19 5.82 0.17
N CYS A 21 -0.59 5.07 1.06
CA CYS A 21 -1.27 3.84 1.57
C CYS A 21 -2.62 4.25 2.17
N LEU A 22 -3.71 3.94 1.49
CA LEU A 22 -5.04 4.34 2.01
C LEU A 22 -5.46 3.46 3.20
N PHE A 23 -4.60 2.61 3.68
CA PHE A 23 -4.99 1.75 4.83
C PHE A 23 -5.36 2.66 6.02
N PRO A 24 -6.37 2.27 6.74
CA PRO A 24 -6.85 3.03 7.91
C PRO A 24 -5.88 2.86 9.08
N GLY A 25 -5.24 3.92 9.48
CA GLY A 25 -4.27 3.83 10.59
C GLY A 25 -2.86 4.02 10.02
N CYS A 26 -2.70 3.81 8.75
CA CYS A 26 -1.35 3.97 8.12
C CYS A 26 -0.96 5.45 8.18
N THR A 27 0.30 5.74 7.95
CA THR A 27 0.76 7.15 7.99
C THR A 27 2.07 7.28 7.21
N LYS A 28 2.23 6.52 6.14
CA LYS A 28 3.49 6.59 5.36
C LYS A 28 3.17 6.78 3.87
N THR A 29 3.78 7.75 3.25
CA THR A 29 3.50 8.00 1.80
C THR A 29 4.82 7.87 1.02
N PHE A 30 4.77 7.36 -0.18
CA PHE A 30 6.02 7.20 -0.98
C PHE A 30 5.81 7.73 -2.39
N LYS A 31 6.57 7.26 -3.33
CA LYS A 31 6.42 7.74 -4.74
C LYS A 31 6.51 6.54 -5.69
N ARG A 32 6.66 6.80 -6.97
CA ARG A 32 6.75 5.68 -7.94
C ARG A 32 7.67 4.59 -7.40
N ARG A 33 7.12 3.61 -6.76
CA ARG A 33 7.97 2.52 -6.19
C ARG A 33 7.10 1.31 -5.84
N TYR A 34 7.62 0.13 -5.99
CA TYR A 34 6.82 -1.10 -5.68
C TYR A 34 7.29 -1.65 -4.34
N ASN A 35 7.84 -0.83 -3.50
CA ASN A 35 8.33 -1.33 -2.21
C ASN A 35 7.28 -1.06 -1.13
N ILE A 36 6.47 -0.07 -1.33
CA ILE A 36 5.41 0.24 -0.32
C ILE A 36 4.35 -0.87 -0.36
N ARG A 37 4.10 -1.40 -1.53
CA ARG A 37 3.09 -2.49 -1.64
C ARG A 37 3.46 -3.58 -0.64
N SER A 38 4.74 -3.80 -0.46
CA SER A 38 5.17 -4.83 0.51
C SER A 38 4.98 -4.27 1.93
N HIS A 39 5.18 -2.99 2.08
CA HIS A 39 5.01 -2.36 3.41
C HIS A 39 3.59 -2.64 3.90
N ILE A 40 2.64 -2.68 3.01
CA ILE A 40 1.26 -2.95 3.46
C ILE A 40 1.16 -4.43 3.82
N GLN A 41 1.56 -5.29 2.94
CA GLN A 41 1.48 -6.75 3.23
C GLN A 41 1.97 -7.03 4.64
N THR A 42 2.91 -6.26 5.15
CA THR A 42 3.37 -6.54 6.53
C THR A 42 2.38 -5.95 7.53
N HIS A 43 1.95 -4.75 7.31
CA HIS A 43 0.96 -4.15 8.24
C HIS A 43 -0.43 -4.30 7.63
N LEU A 44 -0.57 -5.29 6.79
CA LEU A 44 -1.87 -5.57 6.14
C LEU A 44 -2.17 -7.07 6.26
N GLU A 45 -1.16 -7.89 6.38
CA GLU A 45 -1.40 -9.36 6.51
C GLU A 45 -0.88 -9.83 7.88
N ASP A 46 0.40 -9.76 8.09
CA ASP A 46 0.97 -10.20 9.39
C ASP A 46 0.50 -11.62 9.71
N ARG A 47 1.26 -12.61 9.34
CA ARG A 47 0.86 -14.02 9.62
C ARG A 47 2.03 -14.95 9.32
N THR A 1 -2.56 -19.09 -7.44
CA THR A 1 -2.82 -17.62 -7.44
C THR A 1 -2.60 -17.07 -6.03
N LEU A 2 -2.38 -15.79 -5.92
CA LEU A 2 -2.15 -15.19 -4.57
C LEU A 2 -3.22 -14.13 -4.29
N PRO A 3 -3.40 -13.82 -3.04
CA PRO A 3 -4.40 -12.82 -2.60
C PRO A 3 -3.85 -11.40 -2.83
N ARG A 4 -4.67 -10.53 -3.33
CA ARG A 4 -4.19 -9.13 -3.57
C ARG A 4 -5.39 -8.17 -3.53
N GLY A 5 -6.34 -8.44 -2.67
CA GLY A 5 -7.52 -7.54 -2.57
C GLY A 5 -7.42 -6.68 -1.32
N SER A 6 -6.50 -6.98 -0.45
CA SER A 6 -6.34 -6.18 0.80
C SER A 6 -5.29 -5.09 0.56
N ILE A 7 -4.52 -5.21 -0.49
CA ILE A 7 -3.47 -4.20 -0.77
C ILE A 7 -3.96 -3.25 -1.87
N ASP A 8 -4.53 -3.79 -2.90
CA ASP A 8 -5.04 -2.92 -4.00
C ASP A 8 -6.21 -2.09 -3.49
N LYS A 9 -6.70 -2.38 -2.32
CA LYS A 9 -7.83 -1.61 -1.76
C LYS A 9 -7.31 -0.57 -0.77
N TYR A 10 -6.02 -0.32 -0.78
CA TYR A 10 -5.45 0.68 0.17
C TYR A 10 -4.13 1.21 -0.38
N VAL A 11 -3.91 1.10 -1.66
CA VAL A 11 -2.64 1.61 -2.26
C VAL A 11 -2.95 2.76 -3.21
N LYS A 12 -2.79 3.98 -2.77
CA LYS A 12 -3.08 5.13 -3.67
C LYS A 12 -1.89 5.35 -4.60
N GLU A 13 -1.92 4.76 -5.77
CA GLU A 13 -0.80 4.94 -6.73
C GLU A 13 -1.03 6.19 -7.58
N MET A 14 -0.17 7.16 -7.46
CA MET A 14 -0.34 8.41 -8.26
C MET A 14 0.54 8.34 -9.51
N PRO A 15 -0.03 8.67 -10.65
CA PRO A 15 0.68 8.63 -11.93
C PRO A 15 1.67 9.80 -12.01
N ASP A 16 1.60 10.70 -11.07
CA ASP A 16 2.56 11.84 -11.07
C ASP A 16 3.80 11.43 -10.30
N LYS A 17 3.96 10.15 -10.05
CA LYS A 17 5.14 9.64 -9.31
C LYS A 17 4.90 9.85 -7.81
N THR A 18 3.88 9.25 -7.27
CA THR A 18 3.60 9.40 -5.83
C THR A 18 2.92 8.15 -5.29
N PHE A 19 2.66 8.10 -4.01
CA PHE A 19 2.01 6.90 -3.42
C PHE A 19 1.39 7.29 -2.07
N GLU A 20 0.35 6.63 -1.67
CA GLU A 20 -0.28 6.99 -0.37
C GLU A 20 -1.05 5.78 0.20
N CYS A 21 -0.41 5.01 1.04
CA CYS A 21 -1.11 3.85 1.66
C CYS A 21 -2.32 4.38 2.43
N LEU A 22 -3.49 4.32 1.85
CA LEU A 22 -4.70 4.87 2.54
C LEU A 22 -5.20 3.88 3.60
N PHE A 23 -4.45 2.85 3.90
CA PHE A 23 -4.93 1.89 4.93
C PHE A 23 -5.29 2.67 6.20
N PRO A 24 -6.32 2.22 6.86
CA PRO A 24 -6.79 2.86 8.10
C PRO A 24 -5.85 2.53 9.25
N GLY A 25 -5.07 3.49 9.67
CA GLY A 25 -4.10 3.25 10.77
C GLY A 25 -2.70 3.54 10.24
N CYS A 26 -2.56 3.58 8.94
CA CYS A 26 -1.23 3.87 8.33
C CYS A 26 -0.92 5.36 8.49
N THR A 27 0.29 5.75 8.20
CA THR A 27 0.65 7.18 8.33
C THR A 27 1.92 7.47 7.52
N LYS A 28 2.19 6.67 6.53
CA LYS A 28 3.42 6.89 5.71
C LYS A 28 3.07 6.89 4.22
N THR A 29 3.76 7.67 3.44
CA THR A 29 3.47 7.71 1.97
C THR A 29 4.79 7.57 1.20
N PHE A 30 4.72 7.45 -0.09
CA PHE A 30 5.97 7.30 -0.89
C PHE A 30 5.75 7.88 -2.28
N LYS A 31 6.50 7.44 -3.26
CA LYS A 31 6.31 7.98 -4.64
C LYS A 31 7.12 7.15 -5.65
N ARG A 32 6.48 6.70 -6.69
CA ARG A 32 7.19 5.90 -7.73
C ARG A 32 8.03 4.80 -7.05
N ARG A 33 7.47 3.64 -6.89
CA ARG A 33 8.23 2.53 -6.25
C ARG A 33 7.26 1.42 -5.81
N TYR A 34 7.62 0.19 -6.02
CA TYR A 34 6.72 -0.92 -5.60
C TYR A 34 7.28 -1.52 -4.31
N ASN A 35 7.82 -0.70 -3.46
CA ASN A 35 8.38 -1.24 -2.19
C ASN A 35 7.41 -0.95 -1.05
N ILE A 36 6.66 0.11 -1.18
CA ILE A 36 5.68 0.46 -0.10
C ILE A 36 4.58 -0.61 -0.13
N ARG A 37 4.25 -1.10 -1.29
CA ARG A 37 3.19 -2.15 -1.38
C ARG A 37 3.54 -3.26 -0.39
N SER A 38 4.76 -3.71 -0.41
CA SER A 38 5.16 -4.78 0.54
C SER A 38 4.97 -4.25 1.96
N HIS A 39 5.38 -3.02 2.20
CA HIS A 39 5.20 -2.43 3.55
C HIS A 39 3.79 -2.73 4.02
N ILE A 40 2.84 -2.57 3.16
CA ILE A 40 1.44 -2.86 3.53
C ILE A 40 1.32 -4.34 3.86
N GLN A 41 1.79 -5.16 2.97
CA GLN A 41 1.71 -6.64 3.19
C GLN A 41 2.07 -6.98 4.62
N THR A 42 3.02 -6.30 5.20
CA THR A 42 3.39 -6.66 6.59
C THR A 42 2.39 -6.06 7.57
N HIS A 43 1.89 -4.89 7.29
CA HIS A 43 0.91 -4.28 8.22
C HIS A 43 -0.49 -4.43 7.64
N LEU A 44 -0.66 -5.35 6.72
CA LEU A 44 -1.99 -5.61 6.14
C LEU A 44 -2.28 -7.11 6.22
N GLU A 45 -1.27 -7.93 6.36
CA GLU A 45 -1.52 -9.40 6.44
C GLU A 45 -2.69 -9.66 7.39
N ASP A 46 -2.49 -9.45 8.66
CA ASP A 46 -3.59 -9.68 9.65
C ASP A 46 -4.32 -10.98 9.30
N ARG A 47 -3.69 -12.10 9.51
CA ARG A 47 -4.35 -13.40 9.19
C ARG A 47 -5.42 -13.69 10.25
N THR A 1 1.16 -11.58 -6.43
CA THR A 1 1.55 -12.93 -5.92
C THR A 1 0.30 -13.80 -5.77
N LEU A 2 -0.78 -13.22 -5.31
CA LEU A 2 -2.04 -14.00 -5.13
C LEU A 2 -3.00 -13.24 -4.24
N PRO A 3 -2.53 -12.85 -3.08
CA PRO A 3 -3.34 -12.10 -2.11
C PRO A 3 -3.43 -10.63 -2.52
N ARG A 4 -4.52 -9.99 -2.21
CA ARG A 4 -4.66 -8.55 -2.58
C ARG A 4 -6.09 -8.08 -2.25
N GLY A 5 -6.64 -8.55 -1.16
CA GLY A 5 -8.02 -8.13 -0.78
C GLY A 5 -7.96 -6.91 0.13
N SER A 6 -6.77 -6.49 0.50
CA SER A 6 -6.66 -5.30 1.39
C SER A 6 -5.42 -4.49 1.00
N ILE A 7 -4.82 -4.80 -0.12
CA ILE A 7 -3.61 -4.04 -0.56
C ILE A 7 -3.98 -3.14 -1.74
N ASP A 8 -4.72 -3.66 -2.67
CA ASP A 8 -5.11 -2.85 -3.85
C ASP A 8 -6.20 -1.84 -3.45
N LYS A 9 -6.92 -2.12 -2.40
CA LYS A 9 -7.98 -1.18 -1.96
C LYS A 9 -7.40 -0.15 -1.00
N TYR A 10 -6.10 -0.10 -0.88
CA TYR A 10 -5.48 0.88 0.06
C TYR A 10 -4.07 1.22 -0.42
N VAL A 11 -3.82 1.08 -1.69
CA VAL A 11 -2.45 1.38 -2.21
C VAL A 11 -2.52 2.49 -3.28
N LYS A 12 -2.92 3.67 -2.90
CA LYS A 12 -2.99 4.76 -3.91
C LYS A 12 -1.65 4.83 -4.63
N GLU A 13 -1.65 4.82 -5.93
CA GLU A 13 -0.35 4.87 -6.67
C GLU A 13 -0.39 5.95 -7.76
N MET A 14 0.71 6.62 -7.95
CA MET A 14 0.78 7.67 -9.00
C MET A 14 2.15 7.59 -9.69
N PRO A 15 2.13 7.39 -10.98
CA PRO A 15 3.37 7.24 -11.78
C PRO A 15 4.09 8.59 -11.89
N ASP A 16 3.53 9.63 -11.36
CA ASP A 16 4.22 10.95 -11.43
C ASP A 16 5.29 10.98 -10.35
N LYS A 17 5.02 10.32 -9.23
CA LYS A 17 5.97 10.25 -8.08
C LYS A 17 5.17 10.44 -6.80
N THR A 18 4.21 9.59 -6.55
CA THR A 18 3.40 9.76 -5.32
C THR A 18 2.73 8.45 -4.94
N PHE A 19 2.37 8.31 -3.69
CA PHE A 19 1.70 7.06 -3.23
C PHE A 19 0.99 7.35 -1.91
N GLU A 20 -0.10 6.69 -1.64
CA GLU A 20 -0.83 6.97 -0.37
C GLU A 20 -1.48 5.69 0.15
N CYS A 21 -0.85 5.04 1.10
CA CYS A 21 -1.44 3.80 1.66
C CYS A 21 -2.75 4.18 2.36
N LEU A 22 -3.86 3.95 1.72
CA LEU A 22 -5.17 4.33 2.33
C LEU A 22 -5.57 3.32 3.41
N PHE A 23 -4.69 2.41 3.76
CA PHE A 23 -5.05 1.42 4.81
C PHE A 23 -5.45 2.17 6.08
N PRO A 24 -6.44 1.67 6.77
CA PRO A 24 -6.93 2.28 8.02
C PRO A 24 -5.95 2.03 9.16
N GLY A 25 -5.28 3.06 9.60
CA GLY A 25 -4.29 2.90 10.69
C GLY A 25 -2.92 3.29 10.16
N CYS A 26 -2.77 3.30 8.86
CA CYS A 26 -1.45 3.67 8.26
C CYS A 26 -1.22 5.17 8.43
N THR A 27 -0.02 5.63 8.18
CA THR A 27 0.28 7.08 8.32
C THR A 27 1.56 7.40 7.55
N LYS A 28 1.82 6.70 6.49
CA LYS A 28 3.07 6.97 5.71
C LYS A 28 2.75 7.00 4.21
N THR A 29 3.18 8.04 3.54
CA THR A 29 2.93 8.13 2.07
C THR A 29 4.27 8.02 1.33
N PHE A 30 4.25 7.61 0.09
CA PHE A 30 5.54 7.46 -0.65
C PHE A 30 5.45 8.14 -2.02
N LYS A 31 6.37 7.84 -2.88
CA LYS A 31 6.36 8.45 -4.24
C LYS A 31 7.47 7.81 -5.09
N ARG A 32 7.14 6.83 -5.90
CA ARG A 32 8.20 6.18 -6.72
C ARG A 32 7.61 5.00 -7.50
N ARG A 33 7.43 3.87 -6.86
CA ARG A 33 6.89 2.69 -7.57
C ARG A 33 5.86 1.96 -6.69
N TYR A 34 5.68 0.69 -6.92
CA TYR A 34 4.70 -0.08 -6.09
C TYR A 34 5.45 -0.79 -4.99
N ASN A 35 6.38 -0.14 -4.36
CA ASN A 35 7.13 -0.81 -3.28
C ASN A 35 6.37 -0.64 -1.97
N ILE A 36 5.74 0.48 -1.80
CA ILE A 36 4.97 0.71 -0.54
C ILE A 36 3.95 -0.43 -0.41
N ARG A 37 3.50 -0.95 -1.53
CA ARG A 37 2.52 -2.07 -1.48
C ARG A 37 3.08 -3.15 -0.55
N SER A 38 4.30 -3.56 -0.79
CA SER A 38 4.91 -4.59 0.10
C SER A 38 4.88 -4.06 1.52
N HIS A 39 5.11 -2.78 1.68
CA HIS A 39 5.07 -2.19 3.05
C HIS A 39 3.71 -2.52 3.68
N ILE A 40 2.68 -2.49 2.90
CA ILE A 40 1.33 -2.80 3.45
C ILE A 40 1.31 -4.28 3.82
N GLN A 41 1.50 -5.14 2.85
CA GLN A 41 1.51 -6.59 3.12
C GLN A 41 2.23 -6.87 4.43
N THR A 42 3.17 -6.03 4.80
CA THR A 42 3.88 -6.27 6.07
C THR A 42 2.99 -5.82 7.22
N HIS A 43 2.46 -4.63 7.14
CA HIS A 43 1.58 -4.15 8.22
C HIS A 43 0.12 -4.46 7.86
N LEU A 44 -0.06 -5.40 6.97
CA LEU A 44 -1.44 -5.81 6.58
C LEU A 44 -1.53 -7.34 6.57
N GLU A 45 -0.40 -8.03 6.56
CA GLU A 45 -0.45 -9.52 6.55
C GLU A 45 -0.72 -10.02 7.97
N ASP A 46 -0.08 -9.44 8.96
CA ASP A 46 -0.31 -9.90 10.36
C ASP A 46 -0.24 -8.69 11.30
N ARG A 47 0.92 -8.14 11.51
CA ARG A 47 1.05 -6.97 12.41
C ARG A 47 0.03 -5.91 12.00
N THR A 1 -15.33 -15.16 -4.34
CA THR A 1 -13.85 -15.25 -4.40
C THR A 1 -13.28 -13.95 -4.96
N LEU A 2 -12.20 -13.47 -4.41
CA LEU A 2 -11.60 -12.20 -4.91
C LEU A 2 -10.22 -12.00 -4.28
N PRO A 3 -9.23 -12.55 -4.92
CA PRO A 3 -7.82 -12.45 -4.45
C PRO A 3 -7.24 -11.07 -4.79
N ARG A 4 -6.34 -10.60 -3.99
CA ARG A 4 -5.72 -9.27 -4.26
C ARG A 4 -6.74 -8.17 -3.94
N GLY A 5 -7.36 -8.25 -2.80
CA GLY A 5 -8.36 -7.20 -2.42
C GLY A 5 -7.96 -6.55 -1.10
N SER A 6 -6.72 -6.72 -0.70
CA SER A 6 -6.26 -6.11 0.57
C SER A 6 -5.16 -5.09 0.28
N ILE A 7 -4.24 -5.43 -0.58
CA ILE A 7 -3.13 -4.50 -0.90
C ILE A 7 -3.63 -3.44 -1.88
N ASP A 8 -4.34 -3.86 -2.89
CA ASP A 8 -4.86 -2.89 -3.90
C ASP A 8 -6.03 -2.10 -3.28
N LYS A 9 -6.51 -2.53 -2.14
CA LYS A 9 -7.65 -1.80 -1.50
C LYS A 9 -7.09 -0.72 -0.56
N TYR A 10 -5.80 -0.59 -0.48
CA TYR A 10 -5.21 0.44 0.43
C TYR A 10 -3.89 0.94 -0.17
N VAL A 11 -3.74 0.85 -1.46
CA VAL A 11 -2.47 1.32 -2.10
C VAL A 11 -2.78 2.47 -3.05
N LYS A 12 -2.21 3.62 -2.81
CA LYS A 12 -2.48 4.78 -3.71
C LYS A 12 -1.29 4.98 -4.64
N GLU A 13 -1.47 4.79 -5.92
CA GLU A 13 -0.33 4.97 -6.86
C GLU A 13 -0.63 6.17 -7.78
N MET A 14 0.06 7.25 -7.58
CA MET A 14 -0.18 8.46 -8.43
C MET A 14 0.81 8.47 -9.61
N PRO A 15 0.30 8.77 -10.78
CA PRO A 15 1.12 8.82 -12.00
C PRO A 15 2.04 10.05 -11.97
N ASP A 16 1.88 10.88 -10.97
CA ASP A 16 2.75 12.06 -10.86
C ASP A 16 3.97 11.68 -10.01
N LYS A 17 4.21 10.40 -9.87
CA LYS A 17 5.36 9.92 -9.06
C LYS A 17 5.06 10.12 -7.58
N THR A 18 3.98 9.55 -7.11
CA THR A 18 3.62 9.71 -5.68
C THR A 18 2.99 8.41 -5.16
N PHE A 19 2.67 8.36 -3.90
CA PHE A 19 2.05 7.13 -3.33
C PHE A 19 1.38 7.47 -2.00
N GLU A 20 0.37 6.72 -1.62
CA GLU A 20 -0.32 7.00 -0.33
C GLU A 20 -1.07 5.75 0.13
N CYS A 21 -0.62 5.15 1.21
CA CYS A 21 -1.30 3.94 1.73
C CYS A 21 -2.67 4.34 2.27
N LEU A 22 -3.73 3.95 1.60
CA LEU A 22 -5.10 4.33 2.06
C LEU A 22 -5.53 3.46 3.25
N PHE A 23 -4.65 2.65 3.77
CA PHE A 23 -5.03 1.80 4.92
C PHE A 23 -5.36 2.70 6.12
N PRO A 24 -6.38 2.32 6.86
CA PRO A 24 -6.81 3.08 8.04
C PRO A 24 -5.83 2.84 9.21
N GLY A 25 -5.15 3.88 9.61
CA GLY A 25 -4.16 3.74 10.71
C GLY A 25 -2.76 3.96 10.16
N CYS A 26 -2.62 3.90 8.86
CA CYS A 26 -1.27 4.12 8.24
C CYS A 26 -0.89 5.59 8.35
N THR A 27 0.34 5.91 8.06
CA THR A 27 0.78 7.33 8.14
C THR A 27 2.07 7.50 7.35
N LYS A 28 2.31 6.64 6.40
CA LYS A 28 3.56 6.74 5.59
C LYS A 28 3.20 6.89 4.11
N THR A 29 3.89 7.75 3.41
CA THR A 29 3.60 7.94 1.95
C THR A 29 4.86 7.62 1.14
N PHE A 30 4.74 7.58 -0.16
CA PHE A 30 5.92 7.27 -1.00
C PHE A 30 5.77 7.94 -2.37
N LYS A 31 6.50 7.49 -3.35
CA LYS A 31 6.39 8.10 -4.71
C LYS A 31 6.96 7.15 -5.76
N ARG A 32 6.18 6.79 -6.73
CA ARG A 32 6.68 5.86 -7.79
C ARG A 32 7.49 4.73 -7.15
N ARG A 33 6.84 3.67 -6.78
CA ARG A 33 7.58 2.53 -6.15
C ARG A 33 6.59 1.49 -5.63
N TYR A 34 6.97 0.25 -5.61
CA TYR A 34 6.06 -0.81 -5.09
C TYR A 34 6.46 -1.15 -3.67
N ASN A 35 7.22 -0.29 -3.05
CA ASN A 35 7.66 -0.58 -1.65
C ASN A 35 6.44 -0.62 -0.73
N ILE A 36 5.30 -0.23 -1.20
CA ILE A 36 4.09 -0.28 -0.33
C ILE A 36 3.60 -1.71 -0.29
N ARG A 37 3.35 -2.29 -1.41
CA ARG A 37 2.84 -3.67 -1.38
C ARG A 37 3.70 -4.52 -0.43
N SER A 38 4.91 -4.11 -0.19
CA SER A 38 5.76 -4.88 0.76
C SER A 38 5.56 -4.28 2.15
N HIS A 39 5.37 -2.99 2.22
CA HIS A 39 5.15 -2.32 3.52
C HIS A 39 3.78 -2.72 4.07
N ILE A 40 2.74 -2.54 3.30
CA ILE A 40 1.40 -2.91 3.80
C ILE A 40 1.35 -4.41 4.03
N GLN A 41 2.01 -5.18 3.21
CA GLN A 41 1.96 -6.64 3.46
C GLN A 41 2.37 -6.91 4.89
N THR A 42 3.13 -6.04 5.48
CA THR A 42 3.54 -6.27 6.89
C THR A 42 2.42 -5.77 7.80
N HIS A 43 2.01 -4.56 7.66
CA HIS A 43 0.92 -4.04 8.50
C HIS A 43 -0.41 -4.20 7.79
N LEU A 44 -0.48 -5.18 6.92
CA LEU A 44 -1.73 -5.43 6.16
C LEU A 44 -1.80 -6.89 5.70
N GLU A 45 -0.76 -7.69 5.91
CA GLU A 45 -0.82 -9.11 5.48
C GLU A 45 -2.18 -9.71 5.85
N ASP A 46 -2.46 -9.82 7.12
CA ASP A 46 -3.78 -10.39 7.54
C ASP A 46 -4.19 -9.77 8.87
N ARG A 47 -3.48 -10.08 9.93
CA ARG A 47 -3.84 -9.51 11.26
C ARG A 47 -3.98 -7.99 11.15
N THR A 1 -3.44 -16.77 6.87
CA THR A 1 -3.69 -16.83 5.40
C THR A 1 -3.20 -15.54 4.74
N LEU A 2 -3.19 -15.50 3.44
CA LEU A 2 -2.72 -14.27 2.74
C LEU A 2 -3.69 -13.92 1.60
N PRO A 3 -4.73 -13.20 1.95
CA PRO A 3 -5.76 -12.78 0.98
C PRO A 3 -5.25 -11.59 0.15
N ARG A 4 -5.33 -11.70 -1.15
CA ARG A 4 -4.86 -10.58 -2.02
C ARG A 4 -6.00 -9.59 -2.24
N GLY A 5 -6.74 -9.27 -1.21
CA GLY A 5 -7.87 -8.31 -1.37
C GLY A 5 -7.72 -7.16 -0.37
N SER A 6 -6.53 -6.96 0.13
CA SER A 6 -6.31 -5.86 1.12
C SER A 6 -5.18 -4.96 0.65
N ILE A 7 -4.21 -5.53 -0.02
CA ILE A 7 -3.05 -4.72 -0.50
C ILE A 7 -3.55 -3.74 -1.57
N ASP A 8 -4.03 -4.25 -2.66
CA ASP A 8 -4.53 -3.36 -3.75
C ASP A 8 -5.78 -2.62 -3.28
N LYS A 9 -6.31 -2.99 -2.14
CA LYS A 9 -7.52 -2.31 -1.63
C LYS A 9 -7.14 -0.98 -0.97
N TYR A 10 -5.87 -0.69 -0.89
CA TYR A 10 -5.43 0.60 -0.27
C TYR A 10 -4.11 1.04 -0.90
N VAL A 11 -4.09 1.27 -2.18
CA VAL A 11 -2.84 1.71 -2.85
C VAL A 11 -3.11 2.98 -3.66
N LYS A 12 -2.72 4.11 -3.16
CA LYS A 12 -2.96 5.39 -3.91
C LYS A 12 -1.73 5.70 -4.78
N GLU A 13 -1.64 5.10 -5.93
CA GLU A 13 -0.48 5.36 -6.82
C GLU A 13 -0.71 6.68 -7.58
N MET A 14 0.03 7.71 -7.23
CA MET A 14 -0.15 9.02 -7.92
C MET A 14 0.69 9.03 -9.20
N PRO A 15 0.10 9.50 -10.27
CA PRO A 15 0.78 9.58 -11.58
C PRO A 15 1.82 10.69 -11.56
N ASP A 16 1.82 11.49 -10.53
CA ASP A 16 2.83 12.58 -10.44
C ASP A 16 4.09 12.03 -9.78
N LYS A 17 4.19 10.72 -9.68
CA LYS A 17 5.38 10.09 -9.04
C LYS A 17 5.21 10.13 -7.52
N THR A 18 4.15 9.55 -7.03
CA THR A 18 3.92 9.55 -5.55
C THR A 18 3.12 8.32 -5.14
N PHE A 19 2.89 8.15 -3.87
CA PHE A 19 2.10 6.98 -3.40
C PHE A 19 1.49 7.30 -2.04
N GLU A 20 0.39 6.69 -1.71
CA GLU A 20 -0.25 6.97 -0.39
C GLU A 20 -1.02 5.75 0.10
N CYS A 21 -0.50 5.07 1.09
CA CYS A 21 -1.20 3.88 1.64
C CYS A 21 -2.60 4.31 2.09
N LEU A 22 -3.62 3.88 1.40
CA LEU A 22 -5.01 4.29 1.79
C LEU A 22 -5.49 3.46 2.98
N PHE A 23 -4.63 2.69 3.59
CA PHE A 23 -5.06 1.87 4.75
C PHE A 23 -5.32 2.80 5.95
N PRO A 24 -6.36 2.49 6.70
CA PRO A 24 -6.73 3.28 7.88
C PRO A 24 -5.76 3.01 9.03
N GLY A 25 -5.06 4.01 9.46
CA GLY A 25 -4.08 3.84 10.57
C GLY A 25 -2.68 4.07 10.02
N CYS A 26 -2.51 3.94 8.73
CA CYS A 26 -1.17 4.16 8.13
C CYS A 26 -0.77 5.63 8.24
N THR A 27 0.46 5.94 7.96
CA THR A 27 0.92 7.35 8.04
C THR A 27 2.24 7.50 7.27
N LYS A 28 2.49 6.64 6.33
CA LYS A 28 3.75 6.73 5.55
C LYS A 28 3.45 6.74 4.05
N THR A 29 3.97 7.69 3.33
CA THR A 29 3.71 7.73 1.86
C THR A 29 4.99 7.34 1.11
N PHE A 30 4.90 7.15 -0.18
CA PHE A 30 6.11 6.75 -0.95
C PHE A 30 6.06 7.37 -2.35
N LYS A 31 6.76 6.78 -3.29
CA LYS A 31 6.75 7.33 -4.67
C LYS A 31 6.55 6.19 -5.67
N ARG A 32 6.52 6.49 -6.94
CA ARG A 32 6.32 5.42 -7.95
C ARG A 32 7.20 4.21 -7.60
N ARG A 33 6.63 3.23 -6.97
CA ARG A 33 7.43 2.02 -6.60
C ARG A 33 6.53 0.99 -5.91
N TYR A 34 7.09 0.11 -5.13
CA TYR A 34 6.27 -0.92 -4.44
C TYR A 34 6.56 -0.86 -2.95
N ASN A 35 6.90 0.29 -2.45
CA ASN A 35 7.22 0.40 -1.00
C ASN A 35 6.01 -0.07 -0.19
N ILE A 36 4.87 0.55 -0.40
CA ILE A 36 3.66 0.12 0.37
C ILE A 36 3.23 -1.26 -0.09
N ARG A 37 3.86 -1.81 -1.09
CA ARG A 37 3.45 -3.16 -1.53
C ARG A 37 4.22 -4.15 -0.67
N SER A 38 5.35 -3.73 -0.18
CA SER A 38 6.16 -4.61 0.70
C SER A 38 6.00 -4.11 2.14
N HIS A 39 5.38 -2.98 2.30
CA HIS A 39 5.15 -2.43 3.66
C HIS A 39 3.71 -2.75 4.06
N ILE A 40 2.81 -2.73 3.11
CA ILE A 40 1.40 -3.04 3.44
C ILE A 40 1.28 -4.55 3.64
N GLN A 41 2.12 -5.31 3.01
CA GLN A 41 2.00 -6.79 3.18
C GLN A 41 2.40 -7.17 4.61
N THR A 42 3.00 -6.27 5.34
CA THR A 42 3.36 -6.64 6.73
C THR A 42 2.37 -6.00 7.69
N HIS A 43 1.92 -4.82 7.40
CA HIS A 43 0.94 -4.16 8.28
C HIS A 43 -0.45 -4.25 7.65
N LEU A 44 -0.59 -5.09 6.66
CA LEU A 44 -1.92 -5.24 6.02
C LEU A 44 -2.13 -6.68 5.55
N GLU A 45 -1.16 -7.56 5.72
CA GLU A 45 -1.37 -8.96 5.27
C GLU A 45 -2.02 -9.77 6.40
N ASP A 46 -1.55 -9.61 7.60
CA ASP A 46 -2.14 -10.38 8.74
C ASP A 46 -3.61 -9.98 8.89
N ARG A 47 -3.90 -8.72 9.01
CA ARG A 47 -5.30 -8.28 9.16
C ARG A 47 -5.73 -7.47 7.93
N THR A 1 -3.87 -15.25 4.56
CA THR A 1 -3.46 -14.45 3.37
C THR A 1 -4.68 -14.13 2.53
N LEU A 2 -5.22 -12.94 2.67
CA LEU A 2 -6.42 -12.56 1.87
C LEU A 2 -6.00 -12.29 0.42
N PRO A 3 -6.91 -12.52 -0.49
CA PRO A 3 -6.67 -12.30 -1.92
C PRO A 3 -6.77 -10.82 -2.27
N ARG A 4 -5.67 -10.12 -2.23
CA ARG A 4 -5.66 -8.66 -2.54
C ARG A 4 -6.97 -8.01 -2.08
N GLY A 5 -7.53 -8.47 -1.00
CA GLY A 5 -8.80 -7.89 -0.50
C GLY A 5 -8.49 -6.72 0.43
N SER A 6 -7.30 -6.20 0.38
CA SER A 6 -6.92 -5.06 1.26
C SER A 6 -5.64 -4.42 0.76
N ILE A 7 -4.72 -5.21 0.27
CA ILE A 7 -3.44 -4.65 -0.23
C ILE A 7 -3.73 -3.75 -1.42
N ASP A 8 -4.19 -4.32 -2.50
CA ASP A 8 -4.51 -3.52 -3.71
C ASP A 8 -5.66 -2.57 -3.38
N LYS A 9 -6.37 -2.82 -2.31
CA LYS A 9 -7.50 -1.93 -1.93
C LYS A 9 -7.04 -0.91 -0.91
N TYR A 10 -5.75 -0.67 -0.84
CA TYR A 10 -5.24 0.32 0.15
C TYR A 10 -3.95 0.95 -0.38
N VAL A 11 -3.84 1.11 -1.67
CA VAL A 11 -2.61 1.72 -2.25
C VAL A 11 -3.01 2.89 -3.15
N LYS A 12 -2.22 3.92 -3.20
CA LYS A 12 -2.57 5.09 -4.07
C LYS A 12 -1.35 5.49 -4.89
N GLU A 13 -1.14 4.86 -6.01
CA GLU A 13 0.03 5.23 -6.86
C GLU A 13 -0.30 6.48 -7.67
N MET A 14 0.24 7.60 -7.29
CA MET A 14 -0.06 8.86 -8.04
C MET A 14 0.81 8.92 -9.31
N PRO A 15 0.23 9.39 -10.39
CA PRO A 15 0.93 9.51 -11.67
C PRO A 15 1.94 10.65 -11.60
N ASP A 16 1.94 11.39 -10.53
CA ASP A 16 2.92 12.49 -10.38
C ASP A 16 4.14 11.95 -9.64
N LYS A 17 4.30 10.65 -9.64
CA LYS A 17 5.46 10.03 -8.94
C LYS A 17 5.23 10.10 -7.43
N THR A 18 4.15 9.53 -6.96
CA THR A 18 3.86 9.57 -5.51
C THR A 18 3.15 8.27 -5.09
N PHE A 19 2.82 8.16 -3.83
CA PHE A 19 2.12 6.93 -3.36
C PHE A 19 1.35 7.26 -2.09
N GLU A 20 0.24 6.61 -1.87
CA GLU A 20 -0.57 6.89 -0.65
C GLU A 20 -1.29 5.62 -0.19
N CYS A 21 -0.90 5.09 0.94
CA CYS A 21 -1.56 3.86 1.45
C CYS A 21 -2.94 4.23 1.99
N LEU A 22 -3.99 3.83 1.33
CA LEU A 22 -5.36 4.19 1.81
C LEU A 22 -5.74 3.37 3.03
N PHE A 23 -4.85 2.55 3.54
CA PHE A 23 -5.19 1.74 4.75
C PHE A 23 -5.56 2.69 5.89
N PRO A 24 -6.60 2.34 6.61
CA PRO A 24 -7.07 3.15 7.76
C PRO A 24 -6.16 2.93 8.95
N GLY A 25 -5.32 3.89 9.23
CA GLY A 25 -4.37 3.76 10.37
C GLY A 25 -2.96 3.98 9.83
N CYS A 26 -2.79 3.80 8.54
CA CYS A 26 -1.45 4.00 7.93
C CYS A 26 -1.03 5.46 8.08
N THR A 27 0.21 5.76 7.82
CA THR A 27 0.69 7.17 7.94
C THR A 27 2.03 7.31 7.23
N LYS A 28 2.30 6.49 6.26
CA LYS A 28 3.60 6.59 5.53
C LYS A 28 3.36 6.54 4.02
N THR A 29 3.57 7.62 3.34
CA THR A 29 3.37 7.63 1.86
C THR A 29 4.68 7.27 1.16
N PHE A 30 4.70 7.28 -0.14
CA PHE A 30 5.96 6.93 -0.86
C PHE A 30 5.94 7.55 -2.26
N LYS A 31 6.93 7.25 -3.05
CA LYS A 31 6.99 7.82 -4.44
C LYS A 31 6.85 6.68 -5.45
N ARG A 32 6.86 7.00 -6.72
CA ARG A 32 6.72 5.94 -7.76
C ARG A 32 7.59 4.74 -7.36
N ARG A 33 7.01 3.73 -6.78
CA ARG A 33 7.79 2.54 -6.38
C ARG A 33 6.84 1.46 -5.85
N TYR A 34 7.29 0.24 -5.77
CA TYR A 34 6.42 -0.86 -5.26
C TYR A 34 6.75 -1.09 -3.79
N ASN A 35 7.50 -0.20 -3.18
CA ASN A 35 7.85 -0.39 -1.76
C ASN A 35 6.60 -0.44 -0.90
N ILE A 36 5.47 -0.08 -1.44
CA ILE A 36 4.22 -0.14 -0.62
C ILE A 36 3.77 -1.58 -0.55
N ARG A 37 3.53 -2.18 -1.67
CA ARG A 37 3.05 -3.57 -1.62
C ARG A 37 3.89 -4.38 -0.62
N SER A 38 5.12 -3.99 -0.41
CA SER A 38 5.94 -4.73 0.58
C SER A 38 5.64 -4.15 1.96
N HIS A 39 5.44 -2.86 2.01
CA HIS A 39 5.12 -2.18 3.29
C HIS A 39 3.74 -2.64 3.79
N ILE A 40 2.72 -2.47 3.03
CA ILE A 40 1.37 -2.90 3.52
C ILE A 40 1.38 -4.41 3.74
N GLN A 41 2.23 -5.12 3.06
CA GLN A 41 2.23 -6.60 3.26
C GLN A 41 2.57 -6.91 4.71
N THR A 42 3.30 -6.05 5.38
CA THR A 42 3.63 -6.35 6.79
C THR A 42 2.55 -5.77 7.69
N HIS A 43 2.05 -4.61 7.39
CA HIS A 43 0.99 -4.03 8.23
C HIS A 43 -0.38 -4.24 7.58
N LEU A 44 -0.45 -5.17 6.65
CA LEU A 44 -1.76 -5.46 5.99
C LEU A 44 -1.88 -6.97 5.71
N GLU A 45 -0.83 -7.74 5.93
CA GLU A 45 -0.94 -9.20 5.67
C GLU A 45 -1.24 -9.94 6.96
N ASP A 46 -0.42 -9.79 7.95
CA ASP A 46 -0.66 -10.46 9.26
C ASP A 46 -0.46 -11.98 9.08
N ARG A 47 0.65 -12.37 8.51
CA ARG A 47 0.91 -13.82 8.31
C ARG A 47 0.66 -14.57 9.63
N THR A 1 1.05 -9.09 -10.37
CA THR A 1 0.19 -8.35 -9.41
C THR A 1 -0.60 -9.34 -8.56
N LEU A 2 -0.33 -9.39 -7.28
CA LEU A 2 -1.06 -10.34 -6.40
C LEU A 2 -1.62 -9.58 -5.18
N PRO A 3 -2.82 -9.09 -5.31
CA PRO A 3 -3.50 -8.34 -4.25
C PRO A 3 -4.04 -9.31 -3.18
N ARG A 4 -4.03 -8.91 -1.94
CA ARG A 4 -4.53 -9.82 -0.88
C ARG A 4 -5.90 -9.33 -0.39
N GLY A 5 -6.84 -9.18 -1.29
CA GLY A 5 -8.20 -8.71 -0.88
C GLY A 5 -8.07 -7.58 0.15
N SER A 6 -7.04 -6.80 0.04
CA SER A 6 -6.85 -5.67 1.01
C SER A 6 -5.63 -4.86 0.60
N ILE A 7 -4.62 -5.50 0.07
CA ILE A 7 -3.40 -4.75 -0.36
C ILE A 7 -3.77 -3.75 -1.44
N ASP A 8 -4.27 -4.23 -2.54
CA ASP A 8 -4.65 -3.32 -3.65
C ASP A 8 -5.84 -2.46 -3.22
N LYS A 9 -6.42 -2.78 -2.09
CA LYS A 9 -7.59 -1.97 -1.61
C LYS A 9 -7.09 -0.88 -0.66
N TYR A 10 -5.80 -0.67 -0.60
CA TYR A 10 -5.27 0.38 0.32
C TYR A 10 -3.96 0.94 -0.26
N VAL A 11 -3.82 0.92 -1.56
CA VAL A 11 -2.57 1.44 -2.18
C VAL A 11 -2.93 2.56 -3.16
N LYS A 12 -2.20 3.64 -3.13
CA LYS A 12 -2.50 4.77 -4.06
C LYS A 12 -1.28 5.07 -4.92
N GLU A 13 -1.36 4.82 -6.19
CA GLU A 13 -0.20 5.11 -7.09
C GLU A 13 -0.43 6.44 -7.79
N MET A 14 0.01 7.52 -7.21
CA MET A 14 -0.19 8.85 -7.86
C MET A 14 0.56 8.90 -9.20
N PRO A 15 -0.12 9.36 -10.22
CA PRO A 15 0.46 9.46 -11.57
C PRO A 15 1.48 10.60 -11.62
N ASP A 16 1.51 11.41 -10.59
CA ASP A 16 2.49 12.53 -10.56
C ASP A 16 3.78 12.03 -9.92
N LYS A 17 3.93 10.72 -9.82
CA LYS A 17 5.15 10.13 -9.21
C LYS A 17 5.03 10.21 -7.68
N THR A 18 3.98 9.65 -7.14
CA THR A 18 3.80 9.69 -5.67
C THR A 18 3.10 8.41 -5.21
N PHE A 19 2.90 8.25 -3.92
CA PHE A 19 2.23 7.03 -3.41
C PHE A 19 1.51 7.36 -2.10
N GLU A 20 0.44 6.66 -1.82
CA GLU A 20 -0.30 6.94 -0.55
C GLU A 20 -1.02 5.68 -0.08
N CYS A 21 -0.65 5.17 1.07
CA CYS A 21 -1.32 3.95 1.60
C CYS A 21 -2.69 4.34 2.15
N LEU A 22 -3.74 3.94 1.51
CA LEU A 22 -5.11 4.33 1.98
C LEU A 22 -5.50 3.52 3.23
N PHE A 23 -4.65 2.67 3.72
CA PHE A 23 -5.03 1.89 4.94
C PHE A 23 -5.38 2.85 6.07
N PRO A 24 -6.41 2.51 6.80
CA PRO A 24 -6.87 3.34 7.94
C PRO A 24 -5.94 3.18 9.12
N GLY A 25 -5.17 4.18 9.41
CA GLY A 25 -4.21 4.09 10.54
C GLY A 25 -2.80 4.23 10.00
N CYS A 26 -2.63 4.03 8.71
CA CYS A 26 -1.27 4.16 8.11
C CYS A 26 -0.81 5.61 8.22
N THR A 27 0.44 5.86 7.97
CA THR A 27 0.96 7.26 8.05
C THR A 27 2.26 7.38 7.25
N LYS A 28 2.44 6.52 6.28
CA LYS A 28 3.68 6.59 5.46
C LYS A 28 3.32 6.78 3.98
N THR A 29 4.09 7.56 3.27
CA THR A 29 3.79 7.79 1.83
C THR A 29 5.05 7.50 1.01
N PHE A 30 4.93 7.46 -0.30
CA PHE A 30 6.13 7.18 -1.14
C PHE A 30 5.95 7.84 -2.51
N LYS A 31 6.57 7.31 -3.52
CA LYS A 31 6.44 7.90 -4.89
C LYS A 31 7.08 6.97 -5.92
N ARG A 32 6.35 6.59 -6.92
CA ARG A 32 6.90 5.69 -7.97
C ARG A 32 7.74 4.59 -7.31
N ARG A 33 7.19 3.92 -6.32
CA ARG A 33 7.95 2.84 -5.65
C ARG A 33 7.01 1.71 -5.25
N TYR A 34 7.49 0.49 -5.24
CA TYR A 34 6.62 -0.65 -4.85
C TYR A 34 6.94 -1.05 -3.42
N ASN A 35 7.64 -0.21 -2.70
CA ASN A 35 7.99 -0.54 -1.30
C ASN A 35 6.72 -0.60 -0.45
N ILE A 36 5.61 -0.21 -1.00
CA ILE A 36 4.35 -0.26 -0.20
C ILE A 36 3.82 -1.68 -0.23
N ARG A 37 3.59 -2.22 -1.38
CA ARG A 37 3.06 -3.60 -1.41
C ARG A 37 3.86 -4.48 -0.46
N SER A 38 5.08 -4.11 -0.18
CA SER A 38 5.86 -4.91 0.78
C SER A 38 5.57 -4.36 2.18
N HIS A 39 5.42 -3.07 2.28
CA HIS A 39 5.11 -2.44 3.59
C HIS A 39 3.69 -2.83 4.01
N ILE A 40 2.71 -2.55 3.20
CA ILE A 40 1.33 -2.92 3.60
C ILE A 40 1.23 -4.42 3.78
N GLN A 41 2.06 -5.18 3.12
CA GLN A 41 1.96 -6.65 3.29
C GLN A 41 2.19 -7.01 4.76
N THR A 42 2.97 -6.25 5.47
CA THR A 42 3.19 -6.59 6.89
C THR A 42 2.06 -5.99 7.74
N HIS A 43 1.70 -4.76 7.47
CA HIS A 43 0.61 -4.14 8.26
C HIS A 43 -0.70 -4.24 7.48
N LEU A 44 -0.75 -5.15 6.54
CA LEU A 44 -2.00 -5.36 5.74
C LEU A 44 -2.00 -6.78 5.16
N GLU A 45 -1.09 -7.63 5.59
CA GLU A 45 -1.07 -9.02 5.03
C GLU A 45 -2.49 -9.56 4.98
N ASP A 46 -3.11 -9.75 6.11
CA ASP A 46 -4.51 -10.27 6.12
C ASP A 46 -5.13 -10.03 7.50
N ARG A 47 -5.78 -8.92 7.68
CA ARG A 47 -6.42 -8.63 9.00
C ARG A 47 -7.63 -7.73 8.80
N THR A 1 -9.62 -18.16 -2.72
CA THR A 1 -10.59 -17.08 -2.38
C THR A 1 -10.10 -15.76 -2.98
N LEU A 2 -9.52 -15.80 -4.14
CA LEU A 2 -9.02 -14.53 -4.76
C LEU A 2 -8.03 -13.85 -3.81
N PRO A 3 -6.76 -13.94 -4.14
CA PRO A 3 -5.69 -13.32 -3.33
C PRO A 3 -5.63 -11.81 -3.58
N ARG A 4 -5.11 -11.08 -2.63
CA ARG A 4 -5.03 -9.60 -2.80
C ARG A 4 -6.40 -8.97 -2.57
N GLY A 5 -6.87 -8.98 -1.36
CA GLY A 5 -8.20 -8.40 -1.06
C GLY A 5 -8.05 -7.25 -0.06
N SER A 6 -6.94 -6.58 -0.07
CA SER A 6 -6.73 -5.46 0.88
C SER A 6 -5.53 -4.62 0.43
N ILE A 7 -4.52 -5.26 -0.07
CA ILE A 7 -3.31 -4.50 -0.53
C ILE A 7 -3.71 -3.57 -1.67
N ASP A 8 -4.21 -4.12 -2.73
CA ASP A 8 -4.62 -3.27 -3.89
C ASP A 8 -5.85 -2.44 -3.50
N LYS A 9 -6.41 -2.69 -2.35
CA LYS A 9 -7.59 -1.90 -1.91
C LYS A 9 -7.15 -0.66 -1.15
N TYR A 10 -5.88 -0.50 -0.95
CA TYR A 10 -5.38 0.69 -0.21
C TYR A 10 -4.06 1.16 -0.81
N VAL A 11 -3.96 1.20 -2.11
CA VAL A 11 -2.69 1.65 -2.75
C VAL A 11 -2.98 2.89 -3.61
N LYS A 12 -2.29 3.96 -3.37
CA LYS A 12 -2.53 5.20 -4.18
C LYS A 12 -1.29 5.53 -5.00
N GLU A 13 -1.17 5.01 -6.19
CA GLU A 13 0.01 5.30 -7.04
C GLU A 13 -0.21 6.63 -7.75
N MET A 14 0.22 7.71 -7.16
CA MET A 14 0.03 9.05 -7.81
C MET A 14 0.83 9.11 -9.12
N PRO A 15 0.21 9.63 -10.15
CA PRO A 15 0.84 9.76 -11.46
C PRO A 15 1.89 10.87 -11.43
N ASP A 16 1.93 11.62 -10.37
CA ASP A 16 2.94 12.70 -10.26
C ASP A 16 4.20 12.11 -9.61
N LYS A 17 4.31 10.80 -9.59
CA LYS A 17 5.49 10.14 -8.99
C LYS A 17 5.35 10.17 -7.47
N THR A 18 4.21 9.77 -6.97
CA THR A 18 4.01 9.76 -5.50
C THR A 18 3.26 8.50 -5.09
N PHE A 19 3.04 8.32 -3.81
CA PHE A 19 2.31 7.11 -3.34
C PHE A 19 1.58 7.43 -2.04
N GLU A 20 0.47 6.78 -1.80
CA GLU A 20 -0.28 7.05 -0.55
C GLU A 20 -1.03 5.78 -0.12
N CYS A 21 -0.66 5.21 0.99
CA CYS A 21 -1.34 3.98 1.48
C CYS A 21 -2.71 4.36 2.03
N LEU A 22 -3.77 4.02 1.33
CA LEU A 22 -5.13 4.39 1.81
C LEU A 22 -5.56 3.47 2.96
N PHE A 23 -4.68 2.60 3.41
CA PHE A 23 -5.07 1.68 4.52
C PHE A 23 -5.46 2.53 5.75
N PRO A 24 -6.49 2.09 6.44
CA PRO A 24 -6.98 2.79 7.62
C PRO A 24 -6.03 2.55 8.80
N GLY A 25 -5.36 3.58 9.23
CA GLY A 25 -4.40 3.42 10.37
C GLY A 25 -3.00 3.68 9.84
N CYS A 26 -2.81 3.62 8.55
CA CYS A 26 -1.47 3.86 7.97
C CYS A 26 -1.07 5.32 8.21
N THR A 27 0.17 5.65 7.99
CA THR A 27 0.61 7.06 8.19
C THR A 27 1.93 7.30 7.45
N LYS A 28 2.19 6.55 6.41
CA LYS A 28 3.46 6.73 5.66
C LYS A 28 3.17 6.76 4.15
N THR A 29 3.88 7.58 3.42
CA THR A 29 3.64 7.67 1.95
C THR A 29 4.94 7.30 1.22
N PHE A 30 4.92 7.27 -0.08
CA PHE A 30 6.15 6.92 -0.84
C PHE A 30 6.11 7.58 -2.22
N LYS A 31 6.80 7.00 -3.17
CA LYS A 31 6.80 7.59 -4.55
C LYS A 31 6.63 6.48 -5.58
N ARG A 32 6.71 6.81 -6.85
CA ARG A 32 6.54 5.77 -7.90
C ARG A 32 7.32 4.50 -7.50
N ARG A 33 6.62 3.43 -7.24
CA ARG A 33 7.31 2.17 -6.85
C ARG A 33 6.30 1.24 -6.17
N TYR A 34 6.63 -0.02 -6.05
CA TYR A 34 5.70 -0.99 -5.40
C TYR A 34 6.18 -1.23 -3.98
N ASN A 35 7.04 -0.38 -3.48
CA ASN A 35 7.56 -0.59 -2.10
C ASN A 35 6.39 -0.59 -1.12
N ILE A 36 5.24 -0.15 -1.53
CA ILE A 36 4.08 -0.15 -0.58
C ILE A 36 3.60 -1.57 -0.45
N ARG A 37 3.20 -2.17 -1.53
CA ARG A 37 2.68 -3.55 -1.44
C ARG A 37 3.54 -4.38 -0.49
N SER A 38 4.80 -4.04 -0.35
CA SER A 38 5.64 -4.80 0.60
C SER A 38 5.46 -4.18 1.99
N HIS A 39 5.41 -2.87 2.03
CA HIS A 39 5.21 -2.18 3.33
C HIS A 39 3.85 -2.60 3.92
N ILE A 40 2.80 -2.43 3.18
CA ILE A 40 1.48 -2.81 3.71
C ILE A 40 1.50 -4.30 4.06
N GLN A 41 1.98 -5.12 3.17
CA GLN A 41 2.02 -6.58 3.48
C GLN A 41 2.49 -6.79 4.91
N THR A 42 3.29 -5.92 5.43
CA THR A 42 3.73 -6.11 6.82
C THR A 42 2.64 -5.60 7.77
N HIS A 43 2.12 -4.44 7.51
CA HIS A 43 1.06 -3.92 8.40
C HIS A 43 -0.31 -4.24 7.81
N LEU A 44 -0.38 -5.25 6.97
CA LEU A 44 -1.67 -5.68 6.39
C LEU A 44 -1.80 -7.21 6.52
N GLU A 45 -0.69 -7.91 6.64
CA GLU A 45 -0.78 -9.39 6.78
C GLU A 45 -1.27 -9.75 8.18
N ASP A 46 -1.10 -8.86 9.12
CA ASP A 46 -1.56 -9.14 10.51
C ASP A 46 -3.03 -9.58 10.48
N ARG A 47 -3.92 -8.68 10.19
CA ARG A 47 -5.37 -9.05 10.15
C ARG A 47 -5.92 -8.78 8.75
N THR A 1 1.99 -16.43 -4.23
CA THR A 1 2.32 -15.21 -5.03
C THR A 1 1.71 -13.98 -4.35
N LEU A 2 2.25 -13.58 -3.23
CA LEU A 2 1.70 -12.38 -2.53
C LEU A 2 0.24 -12.63 -2.15
N PRO A 3 -0.15 -12.10 -1.02
CA PRO A 3 -1.52 -12.24 -0.51
C PRO A 3 -2.48 -11.28 -1.23
N ARG A 4 -3.71 -11.66 -1.39
CA ARG A 4 -4.69 -10.77 -2.08
C ARG A 4 -5.82 -10.43 -1.12
N GLY A 5 -5.51 -9.81 -0.02
CA GLY A 5 -6.58 -9.45 0.97
C GLY A 5 -7.13 -8.05 0.65
N SER A 6 -6.32 -7.04 0.82
CA SER A 6 -6.81 -5.66 0.53
C SER A 6 -5.62 -4.76 0.16
N ILE A 7 -4.55 -5.34 -0.32
CA ILE A 7 -3.37 -4.52 -0.70
C ILE A 7 -3.80 -3.47 -1.72
N ASP A 8 -4.36 -3.90 -2.81
CA ASP A 8 -4.81 -2.94 -3.85
C ASP A 8 -6.00 -2.14 -3.33
N LYS A 9 -6.57 -2.56 -2.24
CA LYS A 9 -7.74 -1.83 -1.68
C LYS A 9 -7.24 -0.64 -0.85
N TYR A 10 -5.96 -0.54 -0.65
CA TYR A 10 -5.42 0.60 0.16
C TYR A 10 -4.10 1.07 -0.45
N VAL A 11 -4.03 1.14 -1.75
CA VAL A 11 -2.76 1.60 -2.40
C VAL A 11 -3.06 2.78 -3.32
N LYS A 12 -2.50 3.92 -3.03
CA LYS A 12 -2.76 5.11 -3.89
C LYS A 12 -1.55 5.37 -4.79
N GLU A 13 -1.48 4.69 -5.91
CA GLU A 13 -0.33 4.90 -6.83
C GLU A 13 -0.54 6.19 -7.63
N MET A 14 0.04 7.27 -7.19
CA MET A 14 -0.13 8.56 -7.91
C MET A 14 0.67 8.53 -9.22
N PRO A 15 0.01 8.83 -10.32
CA PRO A 15 0.65 8.85 -11.64
C PRO A 15 1.57 10.06 -11.76
N ASP A 16 1.47 10.96 -10.82
CA ASP A 16 2.34 12.17 -10.86
C ASP A 16 3.64 11.84 -10.13
N LYS A 17 3.90 10.57 -9.89
CA LYS A 17 5.14 10.14 -9.18
C LYS A 17 4.93 10.27 -7.67
N THR A 18 4.01 9.53 -7.13
CA THR A 18 3.76 9.60 -5.66
C THR A 18 3.03 8.34 -5.20
N PHE A 19 2.80 8.22 -3.92
CA PHE A 19 2.08 7.01 -3.40
C PHE A 19 1.42 7.36 -2.07
N GLU A 20 0.33 6.72 -1.74
CA GLU A 20 -0.35 7.02 -0.46
C GLU A 20 -1.12 5.80 0.04
N CYS A 21 -0.61 5.14 1.04
CA CYS A 21 -1.32 3.94 1.58
C CYS A 21 -2.67 4.39 2.16
N LEU A 22 -3.75 4.01 1.53
CA LEU A 22 -5.09 4.42 2.03
C LEU A 22 -5.51 3.58 3.23
N PHE A 23 -4.63 2.77 3.75
CA PHE A 23 -5.01 1.95 4.93
C PHE A 23 -5.28 2.87 6.12
N PRO A 24 -6.31 2.55 6.87
CA PRO A 24 -6.70 3.34 8.05
C PRO A 24 -5.72 3.12 9.19
N GLY A 25 -5.02 4.14 9.59
CA GLY A 25 -4.03 3.99 10.70
C GLY A 25 -2.63 4.11 10.11
N CYS A 26 -2.50 3.96 8.81
CA CYS A 26 -1.16 4.07 8.17
C CYS A 26 -0.63 5.49 8.32
N THR A 27 0.63 5.68 8.06
CA THR A 27 1.22 7.04 8.18
C THR A 27 2.53 7.10 7.38
N LYS A 28 2.61 6.33 6.33
CA LYS A 28 3.85 6.33 5.50
C LYS A 28 3.48 6.47 4.02
N THR A 29 4.03 7.45 3.36
CA THR A 29 3.71 7.62 1.90
C THR A 29 4.96 7.30 1.08
N PHE A 30 4.82 7.24 -0.22
CA PHE A 30 6.00 6.93 -1.08
C PHE A 30 5.86 7.65 -2.42
N LYS A 31 6.63 7.25 -3.40
CA LYS A 31 6.54 7.93 -4.73
C LYS A 31 7.28 7.08 -5.76
N ARG A 32 6.64 6.79 -6.87
CA ARG A 32 7.30 5.97 -7.92
C ARG A 32 8.00 4.78 -7.29
N ARG A 33 7.42 4.21 -6.26
CA ARG A 33 8.06 3.04 -5.60
C ARG A 33 6.99 2.01 -5.21
N TYR A 34 7.38 0.78 -5.04
CA TYR A 34 6.39 -0.28 -4.67
C TYR A 34 6.73 -0.80 -3.27
N ASN A 35 7.44 -0.02 -2.51
CA ASN A 35 7.81 -0.48 -1.14
C ASN A 35 6.56 -0.61 -0.28
N ILE A 36 5.43 -0.18 -0.78
CA ILE A 36 4.18 -0.31 0.03
C ILE A 36 3.64 -1.71 -0.14
N ARG A 37 3.48 -2.17 -1.33
CA ARG A 37 2.95 -3.56 -1.47
C ARG A 37 3.75 -4.47 -0.55
N SER A 38 4.95 -4.10 -0.21
CA SER A 38 5.73 -4.93 0.72
C SER A 38 5.48 -4.43 2.14
N HIS A 39 5.26 -3.15 2.27
CA HIS A 39 4.99 -2.57 3.62
C HIS A 39 3.56 -2.94 4.04
N ILE A 40 2.57 -2.66 3.23
CA ILE A 40 1.19 -3.01 3.63
C ILE A 40 1.07 -4.53 3.74
N GLN A 41 2.03 -5.25 3.24
CA GLN A 41 1.93 -6.72 3.34
C GLN A 41 2.10 -7.13 4.79
N THR A 42 2.81 -6.36 5.57
CA THR A 42 2.96 -6.75 6.99
C THR A 42 1.89 -6.06 7.83
N HIS A 43 1.63 -4.81 7.56
CA HIS A 43 0.59 -4.09 8.33
C HIS A 43 -0.72 -4.11 7.54
N LEU A 44 -0.78 -4.90 6.50
CA LEU A 44 -2.04 -4.95 5.70
C LEU A 44 -2.05 -6.24 4.85
N GLU A 45 -1.21 -7.21 5.18
CA GLU A 45 -1.20 -8.48 4.40
C GLU A 45 -2.63 -8.88 4.03
N ASP A 46 -3.54 -8.80 4.97
CA ASP A 46 -4.95 -9.16 4.68
C ASP A 46 -5.80 -8.95 5.93
N ARG A 47 -5.99 -7.72 6.33
CA ARG A 47 -6.81 -7.45 7.54
C ARG A 47 -8.25 -7.90 7.29
N THR A 1 -6.97 -18.59 1.18
CA THR A 1 -6.88 -19.08 -0.23
C THR A 1 -6.36 -17.95 -1.13
N LEU A 2 -5.19 -17.45 -0.82
CA LEU A 2 -4.62 -16.35 -1.66
C LEU A 2 -5.55 -15.14 -1.59
N PRO A 3 -5.68 -14.59 -0.41
CA PRO A 3 -6.54 -13.42 -0.17
C PRO A 3 -5.82 -12.13 -0.64
N ARG A 4 -6.50 -11.31 -1.38
CA ARG A 4 -5.86 -10.05 -1.86
C ARG A 4 -6.93 -8.98 -2.07
N GLY A 5 -7.44 -8.44 -1.00
CA GLY A 5 -8.49 -7.38 -1.13
C GLY A 5 -8.16 -6.23 -0.19
N SER A 6 -6.94 -6.17 0.29
CA SER A 6 -6.55 -5.08 1.21
C SER A 6 -5.33 -4.35 0.65
N ILE A 7 -4.38 -5.08 0.14
CA ILE A 7 -3.16 -4.44 -0.42
C ILE A 7 -3.56 -3.52 -1.58
N ASP A 8 -4.18 -4.08 -2.58
CA ASP A 8 -4.61 -3.26 -3.75
C ASP A 8 -5.76 -2.35 -3.34
N LYS A 9 -6.35 -2.59 -2.21
CA LYS A 9 -7.47 -1.73 -1.75
C LYS A 9 -6.93 -0.64 -0.83
N TYR A 10 -5.64 -0.57 -0.67
CA TYR A 10 -5.07 0.49 0.21
C TYR A 10 -3.78 1.03 -0.40
N VAL A 11 -3.76 1.23 -1.69
CA VAL A 11 -2.54 1.76 -2.35
C VAL A 11 -2.94 2.80 -3.39
N LYS A 12 -2.60 4.05 -3.15
CA LYS A 12 -2.96 5.11 -4.13
C LYS A 12 -1.70 5.57 -4.87
N GLU A 13 -1.47 5.06 -6.04
CA GLU A 13 -0.27 5.47 -6.81
C GLU A 13 -0.59 6.72 -7.64
N MET A 14 0.12 7.79 -7.41
CA MET A 14 -0.14 9.05 -8.16
C MET A 14 0.70 9.06 -9.45
N PRO A 15 0.12 9.59 -10.51
CA PRO A 15 0.77 9.67 -11.82
C PRO A 15 1.91 10.70 -11.77
N ASP A 16 1.97 11.48 -10.73
CA ASP A 16 3.04 12.48 -10.61
C ASP A 16 4.22 11.83 -9.87
N LYS A 17 4.26 10.52 -9.86
CA LYS A 17 5.36 9.79 -9.15
C LYS A 17 5.16 9.92 -7.65
N THR A 18 4.03 9.46 -7.16
CA THR A 18 3.77 9.56 -5.70
C THR A 18 3.03 8.30 -5.23
N PHE A 19 2.69 8.22 -3.97
CA PHE A 19 1.98 7.03 -3.45
C PHE A 19 1.33 7.37 -2.10
N GLU A 20 0.21 6.78 -1.81
CA GLU A 20 -0.46 7.08 -0.51
C GLU A 20 -1.21 5.84 0.00
N CYS A 21 -0.62 5.12 0.90
CA CYS A 21 -1.29 3.91 1.46
C CYS A 21 -2.66 4.30 2.02
N LEU A 22 -3.72 3.83 1.42
CA LEU A 22 -5.08 4.20 1.91
C LEU A 22 -5.51 3.28 3.05
N PHE A 23 -4.63 2.43 3.52
CA PHE A 23 -5.02 1.52 4.64
C PHE A 23 -5.39 2.37 5.86
N PRO A 24 -6.42 1.95 6.56
CA PRO A 24 -6.89 2.67 7.76
C PRO A 24 -5.93 2.43 8.92
N GLY A 25 -5.26 3.46 9.35
CA GLY A 25 -4.29 3.32 10.46
C GLY A 25 -2.87 3.59 9.93
N CYS A 26 -2.73 3.63 8.62
CA CYS A 26 -1.39 3.91 8.03
C CYS A 26 -1.03 5.38 8.23
N THR A 27 0.20 5.73 7.98
CA THR A 27 0.61 7.16 8.14
C THR A 27 1.91 7.40 7.36
N LYS A 28 2.14 6.63 6.33
CA LYS A 28 3.38 6.83 5.53
C LYS A 28 3.04 6.88 4.03
N THR A 29 3.83 7.59 3.27
CA THR A 29 3.56 7.67 1.81
C THR A 29 4.84 7.32 1.04
N PHE A 30 4.73 7.14 -0.25
CA PHE A 30 5.95 6.79 -1.05
C PHE A 30 5.84 7.41 -2.45
N LYS A 31 6.67 6.98 -3.36
CA LYS A 31 6.61 7.54 -4.74
C LYS A 31 6.55 6.39 -5.75
N ARG A 32 6.66 6.70 -7.01
CA ARG A 32 6.61 5.63 -8.05
C ARG A 32 7.46 4.44 -7.59
N ARG A 33 6.82 3.34 -7.26
CA ARG A 33 7.59 2.15 -6.81
C ARG A 33 6.63 1.13 -6.19
N TYR A 34 7.14 0.23 -5.39
CA TYR A 34 6.25 -0.78 -4.75
C TYR A 34 6.70 -0.99 -3.31
N ASN A 35 7.44 -0.08 -2.77
CA ASN A 35 7.92 -0.23 -1.37
C ASN A 35 6.73 -0.35 -0.42
N ILE A 36 5.58 0.09 -0.84
CA ILE A 36 4.40 -0.03 0.07
C ILE A 36 3.88 -1.45 -0.01
N ARG A 37 3.58 -1.92 -1.18
CA ARG A 37 3.07 -3.32 -1.28
C ARG A 37 3.92 -4.22 -0.38
N SER A 38 5.14 -3.86 -0.14
CA SER A 38 5.98 -4.67 0.77
C SER A 38 5.72 -4.17 2.19
N HIS A 39 5.59 -2.88 2.35
CA HIS A 39 5.32 -2.31 3.69
C HIS A 39 3.92 -2.73 4.14
N ILE A 40 2.91 -2.48 3.35
CA ILE A 40 1.55 -2.89 3.79
C ILE A 40 1.55 -4.39 4.03
N GLN A 41 2.13 -5.15 3.16
CA GLN A 41 2.13 -6.63 3.37
C GLN A 41 2.42 -6.94 4.83
N THR A 42 3.18 -6.13 5.50
CA THR A 42 3.44 -6.42 6.93
C THR A 42 2.29 -5.86 7.77
N HIS A 43 1.83 -4.69 7.45
CA HIS A 43 0.72 -4.11 8.23
C HIS A 43 -0.59 -4.28 7.45
N LEU A 44 -0.64 -5.29 6.62
CA LEU A 44 -1.87 -5.58 5.83
C LEU A 44 -2.02 -7.09 5.63
N GLU A 45 -0.93 -7.84 5.70
CA GLU A 45 -1.04 -9.31 5.50
C GLU A 45 -1.41 -9.97 6.84
N ASP A 46 -0.71 -9.65 7.89
CA ASP A 46 -1.02 -10.26 9.21
C ASP A 46 -2.16 -9.51 9.88
N ARG A 47 -1.99 -8.23 10.12
CA ARG A 47 -3.07 -7.44 10.78
C ARG A 47 -4.39 -7.69 10.04
N THR A 1 -2.75 -13.17 -6.50
CA THR A 1 -3.24 -13.42 -7.89
C THR A 1 -4.76 -13.35 -7.91
N LEU A 2 -5.43 -14.40 -7.50
CA LEU A 2 -6.91 -14.38 -7.50
C LEU A 2 -7.42 -13.32 -6.53
N PRO A 3 -6.93 -13.36 -5.32
CA PRO A 3 -7.33 -12.41 -4.28
C PRO A 3 -6.58 -11.09 -4.45
N ARG A 4 -7.28 -9.98 -4.36
CA ARG A 4 -6.62 -8.66 -4.52
C ARG A 4 -7.54 -7.56 -4.00
N GLY A 5 -8.07 -7.71 -2.82
CA GLY A 5 -8.98 -6.67 -2.26
C GLY A 5 -8.40 -6.13 -0.95
N SER A 6 -7.13 -6.32 -0.73
CA SER A 6 -6.52 -5.81 0.52
C SER A 6 -5.37 -4.86 0.19
N ILE A 7 -4.50 -5.25 -0.69
CA ILE A 7 -3.36 -4.37 -1.06
C ILE A 7 -3.83 -3.36 -2.12
N ASP A 8 -4.44 -3.82 -3.16
CA ASP A 8 -4.92 -2.90 -4.23
C ASP A 8 -6.12 -2.10 -3.70
N LYS A 9 -6.63 -2.46 -2.55
CA LYS A 9 -7.79 -1.72 -1.99
C LYS A 9 -7.29 -0.66 -1.00
N TYR A 10 -6.00 -0.49 -0.89
CA TYR A 10 -5.46 0.53 0.07
C TYR A 10 -4.18 1.13 -0.51
N VAL A 11 -3.98 1.03 -1.80
CA VAL A 11 -2.75 1.60 -2.41
C VAL A 11 -3.13 2.72 -3.37
N LYS A 12 -2.66 3.91 -3.12
CA LYS A 12 -3.00 5.04 -4.03
C LYS A 12 -1.77 5.40 -4.87
N GLU A 13 -1.56 4.68 -5.94
CA GLU A 13 -0.38 4.97 -6.80
C GLU A 13 -0.64 6.24 -7.62
N MET A 14 0.31 7.13 -7.68
CA MET A 14 0.11 8.38 -8.46
C MET A 14 1.08 8.40 -9.64
N PRO A 15 0.57 8.74 -10.81
CA PRO A 15 1.38 8.80 -12.03
C PRO A 15 2.31 10.02 -11.99
N ASP A 16 2.09 10.89 -11.04
CA ASP A 16 2.97 12.07 -10.93
C ASP A 16 4.16 11.73 -10.04
N LYS A 17 4.38 10.45 -9.82
CA LYS A 17 5.51 10.00 -8.97
C LYS A 17 5.13 10.13 -7.49
N THR A 18 4.10 9.44 -7.07
CA THR A 18 3.69 9.53 -5.64
C THR A 18 3.03 8.21 -5.21
N PHE A 19 2.65 8.13 -3.97
CA PHE A 19 1.99 6.89 -3.46
C PHE A 19 1.26 7.23 -2.16
N GLU A 20 0.18 6.55 -1.86
CA GLU A 20 -0.57 6.86 -0.61
C GLU A 20 -1.26 5.61 -0.07
N CYS A 21 -0.64 4.95 0.88
CA CYS A 21 -1.27 3.74 1.48
C CYS A 21 -2.46 4.19 2.32
N LEU A 22 -3.64 4.16 1.77
CA LEU A 22 -4.84 4.63 2.52
C LEU A 22 -5.30 3.55 3.50
N PHE A 23 -4.54 2.51 3.67
CA PHE A 23 -4.96 1.44 4.61
C PHE A 23 -5.23 2.09 5.97
N PRO A 24 -6.23 1.59 6.66
CA PRO A 24 -6.62 2.12 7.98
C PRO A 24 -5.58 1.75 9.03
N GLY A 25 -4.76 2.70 9.40
CA GLY A 25 -3.70 2.42 10.40
C GLY A 25 -2.36 2.90 9.84
N CYS A 26 -2.34 3.34 8.61
CA CYS A 26 -1.06 3.82 8.00
C CYS A 26 -0.84 5.29 8.34
N THR A 27 -0.25 6.02 7.42
CA THR A 27 0.04 7.47 7.62
C THR A 27 1.32 7.83 6.84
N LYS A 28 2.02 6.84 6.33
CA LYS A 28 3.27 7.13 5.56
C LYS A 28 3.01 7.02 4.07
N THR A 29 3.31 8.06 3.33
CA THR A 29 3.10 8.03 1.85
C THR A 29 4.45 7.78 1.18
N PHE A 30 4.44 7.37 -0.06
CA PHE A 30 5.73 7.11 -0.75
C PHE A 30 5.74 7.78 -2.13
N LYS A 31 6.80 7.61 -2.88
CA LYS A 31 6.86 8.26 -4.21
C LYS A 31 7.58 7.35 -5.21
N ARG A 32 7.01 7.15 -6.37
CA ARG A 32 7.66 6.28 -7.39
C ARG A 32 8.28 5.05 -6.72
N ARG A 33 7.49 4.04 -6.47
CA ARG A 33 8.05 2.81 -5.83
C ARG A 33 6.92 1.82 -5.56
N TYR A 34 7.05 0.63 -6.08
CA TYR A 34 6.00 -0.40 -5.85
C TYR A 34 6.45 -1.30 -4.71
N ASN A 35 7.26 -0.76 -3.84
CA ASN A 35 7.74 -1.58 -2.70
C ASN A 35 6.88 -1.25 -1.48
N ILE A 36 6.13 -0.19 -1.56
CA ILE A 36 5.26 0.18 -0.40
C ILE A 36 4.08 -0.80 -0.38
N ARG A 37 3.69 -1.31 -1.52
CA ARG A 37 2.57 -2.27 -1.53
C ARG A 37 2.95 -3.46 -0.65
N SER A 38 4.22 -3.78 -0.60
CA SER A 38 4.67 -4.88 0.27
C SER A 38 4.68 -4.37 1.70
N HIS A 39 5.06 -3.13 1.89
CA HIS A 39 5.07 -2.55 3.26
C HIS A 39 3.70 -2.79 3.89
N ILE A 40 2.66 -2.70 3.10
CA ILE A 40 1.28 -2.91 3.63
C ILE A 40 1.18 -4.36 4.11
N GLN A 41 1.33 -5.28 3.22
CA GLN A 41 1.25 -6.72 3.60
C GLN A 41 2.01 -6.95 4.90
N THR A 42 2.97 -6.12 5.21
CA THR A 42 3.71 -6.31 6.48
C THR A 42 2.89 -5.73 7.62
N HIS A 43 2.41 -4.53 7.46
CA HIS A 43 1.61 -3.92 8.54
C HIS A 43 0.13 -4.26 8.32
N LEU A 44 -0.11 -5.26 7.50
CA LEU A 44 -1.50 -5.72 7.26
C LEU A 44 -1.57 -7.18 7.72
N GLU A 45 -0.52 -7.93 7.49
CA GLU A 45 -0.45 -9.37 7.89
C GLU A 45 -1.86 -9.96 8.06
N ASP A 46 -2.57 -10.11 6.98
CA ASP A 46 -3.95 -10.68 7.08
C ASP A 46 -4.46 -11.00 5.67
N ARG A 47 -3.97 -12.05 5.08
CA ARG A 47 -4.43 -12.42 3.72
C ARG A 47 -5.08 -13.81 3.75
N THR A 1 -8.04 -17.48 2.97
CA THR A 1 -7.20 -16.29 3.30
C THR A 1 -7.35 -15.25 2.20
N LEU A 2 -7.53 -15.66 0.98
CA LEU A 2 -7.68 -14.68 -0.13
C LEU A 2 -6.37 -13.89 -0.30
N PRO A 3 -5.53 -14.38 -1.18
CA PRO A 3 -4.24 -13.75 -1.47
C PRO A 3 -4.42 -12.54 -2.39
N ARG A 4 -3.61 -11.54 -2.22
CA ARG A 4 -3.73 -10.32 -3.09
C ARG A 4 -5.18 -9.84 -3.08
N GLY A 5 -5.81 -9.86 -1.93
CA GLY A 5 -7.23 -9.40 -1.86
C GLY A 5 -7.48 -8.73 -0.50
N SER A 6 -6.45 -8.20 0.10
CA SER A 6 -6.63 -7.53 1.42
C SER A 6 -5.59 -6.42 1.56
N ILE A 7 -5.02 -5.99 0.47
CA ILE A 7 -4.00 -4.90 0.53
C ILE A 7 -4.22 -3.95 -0.64
N ASP A 8 -4.43 -4.49 -1.81
CA ASP A 8 -4.65 -3.62 -2.99
C ASP A 8 -5.82 -2.65 -2.73
N LYS A 9 -6.60 -2.92 -1.72
CA LYS A 9 -7.75 -2.02 -1.40
C LYS A 9 -7.26 -0.84 -0.56
N TYR A 10 -5.98 -0.58 -0.55
CA TYR A 10 -5.46 0.57 0.25
C TYR A 10 -4.16 1.08 -0.39
N VAL A 11 -4.13 1.18 -1.68
CA VAL A 11 -2.90 1.66 -2.37
C VAL A 11 -3.23 2.88 -3.24
N LYS A 12 -2.69 4.03 -2.90
CA LYS A 12 -2.97 5.24 -3.71
C LYS A 12 -1.73 5.60 -4.53
N GLU A 13 -1.50 4.91 -5.61
CA GLU A 13 -0.31 5.21 -6.45
C GLU A 13 -0.58 6.43 -7.32
N MET A 14 0.45 7.13 -7.72
CA MET A 14 0.26 8.33 -8.57
C MET A 14 1.32 8.34 -9.67
N PRO A 15 0.88 8.50 -10.90
CA PRO A 15 1.78 8.51 -12.07
C PRO A 15 2.53 9.84 -12.13
N ASP A 16 2.05 10.84 -11.44
CA ASP A 16 2.76 12.15 -11.45
C ASP A 16 3.97 12.07 -10.52
N LYS A 17 4.19 10.91 -9.92
CA LYS A 17 5.33 10.69 -8.99
C LYS A 17 4.84 10.86 -7.55
N THR A 18 4.02 9.96 -7.09
CA THR A 18 3.51 10.07 -5.69
C THR A 18 2.87 8.75 -5.25
N PHE A 19 2.65 8.60 -3.97
CA PHE A 19 2.04 7.34 -3.46
C PHE A 19 1.44 7.62 -2.07
N GLU A 20 0.40 6.92 -1.71
CA GLU A 20 -0.22 7.17 -0.38
C GLU A 20 -0.98 5.93 0.09
N CYS A 21 -0.50 5.27 1.11
CA CYS A 21 -1.21 4.07 1.63
C CYS A 21 -2.60 4.50 2.14
N LEU A 22 -3.64 4.08 1.48
CA LEU A 22 -5.01 4.48 1.92
C LEU A 22 -5.45 3.68 3.14
N PHE A 23 -4.59 2.88 3.70
CA PHE A 23 -5.00 2.08 4.90
C PHE A 23 -5.26 3.03 6.08
N PRO A 24 -6.30 2.75 6.81
CA PRO A 24 -6.69 3.57 7.98
C PRO A 24 -5.77 3.27 9.15
N GLY A 25 -4.92 4.19 9.48
CA GLY A 25 -3.97 3.98 10.60
C GLY A 25 -2.55 4.13 10.07
N CYS A 26 -2.39 4.04 8.77
CA CYS A 26 -1.04 4.18 8.17
C CYS A 26 -0.53 5.62 8.36
N THR A 27 0.71 5.85 8.09
CA THR A 27 1.26 7.24 8.25
C THR A 27 2.54 7.37 7.43
N LYS A 28 2.72 6.55 6.43
CA LYS A 28 3.95 6.64 5.60
C LYS A 28 3.58 6.67 4.11
N THR A 29 4.01 7.68 3.41
CA THR A 29 3.68 7.76 1.95
C THR A 29 4.93 7.41 1.14
N PHE A 30 4.84 7.48 -0.16
CA PHE A 30 6.03 7.16 -1.01
C PHE A 30 5.93 7.89 -2.35
N LYS A 31 6.92 7.77 -3.18
CA LYS A 31 6.88 8.45 -4.50
C LYS A 31 7.38 7.49 -5.58
N ARG A 32 6.57 7.19 -6.55
CA ARG A 32 6.99 6.27 -7.64
C ARG A 32 7.74 5.08 -7.02
N ARG A 33 7.05 4.03 -6.70
CA ARG A 33 7.74 2.84 -6.10
C ARG A 33 6.69 1.84 -5.59
N TYR A 34 7.06 0.60 -5.47
CA TYR A 34 6.09 -0.42 -4.99
C TYR A 34 6.49 -0.87 -3.58
N ASN A 35 7.29 -0.08 -2.92
CA ASN A 35 7.73 -0.47 -1.56
C ASN A 35 6.52 -0.59 -0.63
N ILE A 36 5.38 -0.12 -1.04
CA ILE A 36 4.18 -0.23 -0.17
C ILE A 36 3.63 -1.64 -0.30
N ARG A 37 3.38 -2.10 -1.49
CA ARG A 37 2.84 -3.48 -1.60
C ARG A 37 3.67 -4.41 -0.71
N SER A 38 4.88 -4.03 -0.42
CA SER A 38 5.70 -4.87 0.49
C SER A 38 5.45 -4.39 1.92
N HIS A 39 5.27 -3.10 2.08
CA HIS A 39 5.02 -2.53 3.43
C HIS A 39 3.58 -2.89 3.88
N ILE A 40 2.58 -2.60 3.08
CA ILE A 40 1.22 -2.95 3.51
C ILE A 40 1.08 -4.46 3.58
N GLN A 41 1.98 -5.18 2.99
CA GLN A 41 1.86 -6.65 3.06
C GLN A 41 2.10 -7.11 4.49
N THR A 42 2.81 -6.34 5.27
CA THR A 42 3.03 -6.76 6.67
C THR A 42 1.99 -6.08 7.57
N HIS A 43 1.67 -4.85 7.30
CA HIS A 43 0.67 -4.16 8.13
C HIS A 43 -0.68 -4.18 7.41
N LEU A 44 -0.80 -4.98 6.39
CA LEU A 44 -2.09 -5.07 5.66
C LEU A 44 -2.26 -6.49 5.09
N GLU A 45 -1.41 -7.41 5.46
CA GLU A 45 -1.55 -8.80 4.94
C GLU A 45 -3.02 -9.23 4.99
N ASP A 46 -3.63 -9.17 6.14
CA ASP A 46 -5.06 -9.58 6.25
C ASP A 46 -5.70 -8.88 7.46
N ARG A 47 -5.17 -7.74 7.83
CA ARG A 47 -5.75 -7.02 9.00
C ARG A 47 -6.86 -6.08 8.52
N THR A 1 -7.54 -13.09 2.84
CA THR A 1 -6.87 -14.36 2.45
C THR A 1 -5.37 -14.25 2.70
N LEU A 2 -4.67 -13.53 1.87
CA LEU A 2 -3.20 -13.39 2.07
C LEU A 2 -2.55 -12.86 0.80
N PRO A 3 -2.82 -13.52 -0.30
CA PRO A 3 -2.27 -13.13 -1.60
C PRO A 3 -3.06 -11.96 -2.20
N ARG A 4 -2.47 -10.79 -2.26
CA ARG A 4 -3.18 -9.60 -2.82
C ARG A 4 -4.65 -9.62 -2.41
N GLY A 5 -4.92 -9.89 -1.16
CA GLY A 5 -6.33 -9.93 -0.70
C GLY A 5 -6.82 -8.51 -0.37
N SER A 6 -5.93 -7.61 -0.05
CA SER A 6 -6.36 -6.22 0.27
C SER A 6 -5.18 -5.25 0.10
N ILE A 7 -4.25 -5.58 -0.75
CA ILE A 7 -3.09 -4.66 -0.96
C ILE A 7 -3.50 -3.56 -1.92
N ASP A 8 -4.03 -3.92 -3.05
CA ASP A 8 -4.46 -2.91 -4.05
C ASP A 8 -5.70 -2.18 -3.54
N LYS A 9 -6.33 -2.70 -2.53
CA LYS A 9 -7.55 -2.04 -1.99
C LYS A 9 -7.15 -0.86 -1.13
N TYR A 10 -5.88 -0.72 -0.84
CA TYR A 10 -5.43 0.42 0.01
C TYR A 10 -4.10 0.96 -0.53
N VAL A 11 -3.98 1.08 -1.82
CA VAL A 11 -2.71 1.59 -2.40
C VAL A 11 -3.02 2.73 -3.38
N LYS A 12 -2.43 3.89 -3.18
CA LYS A 12 -2.69 5.03 -4.09
C LYS A 12 -1.43 5.33 -4.91
N GLU A 13 -1.57 5.45 -6.21
CA GLU A 13 -0.39 5.75 -7.05
C GLU A 13 -0.62 7.05 -7.81
N MET A 14 0.00 8.13 -7.38
CA MET A 14 -0.20 9.42 -8.08
C MET A 14 0.66 9.46 -9.35
N PRO A 15 0.09 9.98 -10.41
CA PRO A 15 0.78 10.08 -11.71
C PRO A 15 1.85 11.17 -11.64
N ASP A 16 1.86 11.94 -10.59
CA ASP A 16 2.88 13.01 -10.45
C ASP A 16 4.12 12.41 -9.78
N LYS A 17 4.19 11.10 -9.71
CA LYS A 17 5.34 10.42 -9.07
C LYS A 17 5.15 10.43 -7.56
N THR A 18 4.09 9.84 -7.08
CA THR A 18 3.84 9.83 -5.62
C THR A 18 3.05 8.58 -5.24
N PHE A 19 2.82 8.38 -3.97
CA PHE A 19 2.06 7.18 -3.53
C PHE A 19 1.46 7.46 -2.14
N GLU A 20 0.39 6.81 -1.81
CA GLU A 20 -0.23 7.04 -0.47
C GLU A 20 -0.98 5.80 -0.02
N CYS A 21 -0.52 5.18 1.04
CA CYS A 21 -1.21 3.95 1.55
C CYS A 21 -2.59 4.35 2.08
N LEU A 22 -3.63 3.89 1.46
CA LEU A 22 -5.00 4.26 1.92
C LEU A 22 -5.41 3.42 3.14
N PHE A 23 -4.54 2.59 3.63
CA PHE A 23 -4.92 1.77 4.83
C PHE A 23 -5.23 2.72 5.99
N PRO A 24 -6.26 2.38 6.74
CA PRO A 24 -6.70 3.19 7.89
C PRO A 24 -5.73 3.01 9.06
N GLY A 25 -5.02 4.04 9.40
CA GLY A 25 -4.05 3.94 10.52
C GLY A 25 -2.63 4.06 9.95
N CYS A 26 -2.49 3.87 8.67
CA CYS A 26 -1.14 3.98 8.05
C CYS A 26 -0.61 5.40 8.20
N THR A 27 0.66 5.60 8.00
CA THR A 27 1.25 6.96 8.13
C THR A 27 2.53 7.04 7.32
N LYS A 28 2.59 6.36 6.21
CA LYS A 28 3.83 6.39 5.38
C LYS A 28 3.46 6.57 3.90
N THR A 29 4.14 7.44 3.21
CA THR A 29 3.83 7.65 1.76
C THR A 29 5.02 7.18 0.93
N PHE A 30 4.90 7.20 -0.38
CA PHE A 30 6.02 6.75 -1.23
C PHE A 30 6.07 7.58 -2.52
N LYS A 31 6.94 7.24 -3.42
CA LYS A 31 7.04 8.01 -4.69
C LYS A 31 7.34 7.04 -5.86
N ARG A 32 6.43 6.95 -6.80
CA ARG A 32 6.65 6.04 -7.96
C ARG A 32 7.30 4.73 -7.49
N ARG A 33 6.55 3.87 -6.85
CA ARG A 33 7.14 2.60 -6.38
C ARG A 33 6.07 1.73 -5.73
N TYR A 34 6.21 0.44 -5.77
CA TYR A 34 5.21 -0.47 -5.16
C TYR A 34 5.76 -0.98 -3.84
N ASN A 35 6.85 -0.44 -3.39
CA ASN A 35 7.45 -0.92 -2.11
C ASN A 35 6.37 -0.99 -1.03
N ILE A 36 5.30 -0.25 -1.19
CA ILE A 36 4.22 -0.29 -0.17
C ILE A 36 3.62 -1.69 -0.15
N ARG A 37 3.14 -2.17 -1.26
CA ARG A 37 2.54 -3.54 -1.26
C ARG A 37 3.36 -4.45 -0.37
N SER A 38 4.63 -4.19 -0.25
CA SER A 38 5.47 -5.01 0.65
C SER A 38 5.27 -4.47 2.07
N HIS A 39 5.33 -3.19 2.21
CA HIS A 39 5.13 -2.56 3.55
C HIS A 39 3.72 -2.89 4.04
N ILE A 40 2.71 -2.58 3.27
CA ILE A 40 1.33 -2.88 3.72
C ILE A 40 1.25 -4.37 4.05
N GLN A 41 1.78 -5.21 3.22
CA GLN A 41 1.70 -6.67 3.48
C GLN A 41 2.05 -6.97 4.94
N THR A 42 2.95 -6.25 5.52
CA THR A 42 3.30 -6.54 6.94
C THR A 42 2.27 -5.87 7.85
N HIS A 43 1.77 -4.74 7.49
CA HIS A 43 0.77 -4.08 8.35
C HIS A 43 -0.61 -4.27 7.74
N LEU A 44 -0.74 -5.27 6.90
CA LEU A 44 -2.05 -5.59 6.28
C LEU A 44 -2.39 -7.04 6.66
N GLU A 45 -1.41 -7.88 6.86
CA GLU A 45 -1.69 -9.30 7.22
C GLU A 45 -2.70 -9.33 8.37
N ASP A 46 -2.28 -8.98 9.56
CA ASP A 46 -3.22 -8.99 10.71
C ASP A 46 -3.61 -10.43 11.03
N ARG A 47 -2.69 -11.34 10.95
CA ARG A 47 -3.01 -12.76 11.27
C ARG A 47 -4.14 -13.24 10.36
#